data_5Y7G
#
_entry.id   5Y7G
#
_cell.length_a   140.290
_cell.length_b   143.258
_cell.length_c   172.712
_cell.angle_alpha   90.00
_cell.angle_beta   90.00
_cell.angle_gamma   90.00
#
_symmetry.space_group_name_H-M   'P 21 21 21'
#
loop_
_entity.id
_entity.type
_entity.pdbx_description
1 polymer 'Fanconi-associated nuclease 1 homolog'
2 polymer "DNA (5'-D(P*GP*TP*TP*GP*GP*GP*AP*TP*TP*G)-3')"
3 polymer "DNA (5'-D(P*GP*AP*AP*TP*GP*TP*GP*TP*GP*TP*CP*TP*CP*AP*AP*TP*CP*CP*CP*AP*AP*CP*TP*T)-3')"
4 polymer "DNA (5'-D(P*TP*GP*AP*CP*AP*CP*AP*CP*AP*TP*TP*CP*AP*A)-3')"
5 non-polymer 'CALCIUM ION'
#
loop_
_entity_poly.entity_id
_entity_poly.type
_entity_poly.pdbx_seq_one_letter_code
_entity_poly.pdbx_strand_id
1 'polypeptide(L)'
;MGSSHHHHHHSSGLVPRGSHMMHEQYQAPLPVNSPALPEPFYYLHNFRAVLAWIGERYADLLDDQERAFIAAFAELPEAS
QALLVRMVMRKGTLFREGKLAYAEIGDTRAAVQPLLALGWVDAQPTLELAQLFGLLKKDELSQLFRDHLGRANLRKDALL
ERLQPLFPEARRLAEWQADFAEPVYELRCMALCDRLRLMYFGNLWQDWSEFVLADLGIYRYESVEFSADSRGFRLRADVD
AYLHLFDCRQRFDLGEPLEELLAGLPGEPYANPWLEGRRVKLLFQFAQHCEKQRDFDLAQRLYRQSSHPGARLRAIRSLE
RGERFAEAHALAREASCAPESDAERQGLARLLPRLQGKLGLPRQARAAAPEIDRLDLCLAFPSEPCSVEWAVREHLEEPG
CAVHYVENGLINSLFGLLCWEAIFAAIPGAFFHPFHSAPADLHSADFRQRRAALFEACLGRLEDGSYRDAIRCRYRDKFG
LQSPFVYWELLGEELLEQALDCLPAAHLRAWFERLLEDIPGNRAGLPDLIQFWPAQRRYRMVEVKGPGDRLQDNQLRWLQ
FCREREMPVAVCYVRWHVDD
;
A,B,C
2 'polydeoxyribonucleotide' (DG)(DT)(DT)(DG)(DG)(DG)(DA)(DT)(DT)(DG) D,F,H
3 'polydeoxyribonucleotide'
;(DG)(DA)(DA)(DT)(DG)(DT)(DG)(DT)(DG)(DT)(DC)(DT)(DC)(DA)(DA)(DT)(DC)(DC)(DC)(DA)
(DA)(DC)(DT)(DT)
;
E,G,I
4 'polydeoxyribonucleotide' (DT)(DG)(DA)(DC)(DA)(DC)(DA)(DC)(DA)(DT)(DT)(DC)(DA)(DA) J,L,N
#
loop_
_chem_comp.id
_chem_comp.type
_chem_comp.name
_chem_comp.formula
CA non-polymer 'CALCIUM ION' 'Ca 2'
DA DNA linking 2'-DEOXYADENOSINE-5'-MONOPHOSPHATE 'C10 H14 N5 O6 P'
DC DNA linking 2'-DEOXYCYTIDINE-5'-MONOPHOSPHATE 'C9 H14 N3 O7 P'
DG DNA linking 2'-DEOXYGUANOSINE-5'-MONOPHOSPHATE 'C10 H14 N5 O7 P'
DT DNA linking THYMIDINE-5'-MONOPHOSPHATE 'C10 H15 N2 O8 P'
#
# COMPACT_ATOMS: atom_id res chain seq x y z
N ALA A 36 -37.85 -13.74 39.61
CA ALA A 36 -38.40 -14.88 40.34
C ALA A 36 -37.38 -16.02 40.50
N LEU A 37 -36.24 -15.92 39.79
CA LEU A 37 -35.22 -16.93 40.01
C LEU A 37 -34.60 -16.73 41.39
N PRO A 38 -34.06 -17.79 42.01
CA PRO A 38 -33.29 -17.59 43.24
C PRO A 38 -32.08 -16.68 43.05
N GLU A 39 -31.36 -16.46 44.15
CA GLU A 39 -30.20 -15.60 44.37
C GLU A 39 -30.59 -14.14 44.22
N PRO A 40 -30.18 -13.28 45.16
CA PRO A 40 -30.41 -11.83 45.05
C PRO A 40 -29.36 -11.10 44.24
N PHE A 41 -28.17 -11.67 44.17
CA PHE A 41 -26.99 -11.03 43.58
C PHE A 41 -26.69 -11.47 42.15
N TYR A 42 -27.60 -12.18 41.50
CA TYR A 42 -27.36 -12.78 40.19
C TYR A 42 -26.63 -11.84 39.22
N TYR A 43 -26.97 -10.55 39.26
CA TYR A 43 -26.38 -9.62 38.31
C TYR A 43 -24.89 -9.45 38.53
N LEU A 44 -24.41 -9.58 39.78
CA LEU A 44 -22.98 -9.52 40.05
C LEU A 44 -22.31 -10.85 39.70
N HIS A 45 -23.01 -11.97 39.92
CA HIS A 45 -22.52 -13.22 39.37
C HIS A 45 -22.33 -13.07 37.86
N ASN A 46 -23.34 -12.51 37.19
CA ASN A 46 -23.27 -12.34 35.74
C ASN A 46 -22.18 -11.36 35.31
N PHE A 47 -21.91 -10.33 36.12
CA PHE A 47 -20.87 -9.39 35.71
C PHE A 47 -19.48 -9.97 35.97
N ARG A 48 -19.25 -10.58 37.14
CA ARG A 48 -18.02 -11.32 37.36
C ARG A 48 -17.85 -12.39 36.30
N ALA A 49 -18.97 -12.96 35.87
CA ALA A 49 -18.94 -13.92 34.78
C ALA A 49 -18.33 -13.30 33.54
N VAL A 50 -18.83 -12.13 33.11
CA VAL A 50 -18.27 -11.54 31.89
C VAL A 50 -16.81 -11.12 32.11
N LEU A 51 -16.46 -10.73 33.34
CA LEU A 51 -15.06 -10.44 33.62
C LEU A 51 -14.18 -11.67 33.40
N ALA A 52 -14.63 -12.84 33.88
CA ALA A 52 -13.87 -14.06 33.64
C ALA A 52 -13.77 -14.37 32.15
N TRP A 53 -14.90 -14.34 31.44
CA TRP A 53 -14.92 -14.65 30.00
C TRP A 53 -13.97 -13.75 29.22
N ILE A 54 -13.98 -12.44 29.46
CA ILE A 54 -13.02 -11.59 28.76
C ILE A 54 -11.62 -11.88 29.25
N GLY A 55 -11.50 -12.37 30.49
CA GLY A 55 -10.19 -12.76 30.99
C GLY A 55 -9.58 -13.91 30.21
N GLU A 56 -10.37 -14.97 29.95
CA GLU A 56 -9.83 -16.12 29.24
C GLU A 56 -9.89 -15.97 27.71
N ARG A 57 -11.01 -15.49 27.14
CA ARG A 57 -11.16 -15.44 25.67
C ARG A 57 -10.37 -14.29 25.07
N TYR A 58 -10.44 -13.12 25.70
CA TYR A 58 -9.80 -11.91 25.21
C TYR A 58 -8.48 -11.62 25.90
N ALA A 59 -7.95 -12.60 26.64
CA ALA A 59 -6.72 -12.38 27.40
C ALA A 59 -5.69 -11.61 26.60
N ASP A 60 -5.41 -12.05 25.38
CA ASP A 60 -4.36 -11.39 24.61
C ASP A 60 -4.75 -9.99 24.15
N LEU A 61 -6.03 -9.65 24.21
CA LEU A 61 -6.49 -8.37 23.70
C LEU A 61 -6.54 -7.26 24.77
N LEU A 62 -6.38 -7.58 26.04
CA LEU A 62 -6.45 -6.58 27.11
C LEU A 62 -5.20 -5.72 27.15
N ASP A 63 -5.33 -4.56 27.78
CA ASP A 63 -4.24 -3.60 27.90
C ASP A 63 -3.78 -3.47 29.36
N ASP A 64 -2.79 -2.61 29.60
CA ASP A 64 -2.29 -2.41 30.96
C ASP A 64 -3.36 -1.79 31.84
N GLN A 65 -3.88 -0.62 31.46
CA GLN A 65 -4.90 0.00 32.27
C GLN A 65 -6.06 -0.95 32.50
N GLU A 66 -6.43 -1.72 31.47
CA GLU A 66 -7.63 -2.55 31.53
C GLU A 66 -7.45 -3.74 32.46
N ARG A 67 -6.42 -4.55 32.23
CA ARG A 67 -6.25 -5.75 33.04
C ARG A 67 -6.12 -5.37 34.50
N ALA A 68 -5.58 -4.18 34.77
CA ALA A 68 -5.56 -3.65 36.13
C ALA A 68 -6.96 -3.39 36.67
N PHE A 69 -7.91 -3.07 35.80
CA PHE A 69 -9.28 -2.90 36.27
C PHE A 69 -9.88 -4.22 36.76
N ILE A 70 -9.79 -5.28 35.94
CA ILE A 70 -10.38 -6.57 36.30
C ILE A 70 -9.81 -7.08 37.62
N ALA A 71 -8.50 -6.88 37.81
CA ALA A 71 -7.86 -7.24 39.07
C ALA A 71 -8.42 -6.40 40.21
N ALA A 72 -8.46 -5.08 40.02
CA ALA A 72 -8.87 -4.23 41.13
C ALA A 72 -10.32 -4.47 41.47
N PHE A 73 -11.14 -4.76 40.47
CA PHE A 73 -12.56 -4.99 40.71
C PHE A 73 -12.77 -6.16 41.67
N ALA A 74 -12.07 -7.27 41.44
CA ALA A 74 -12.31 -8.45 42.24
C ALA A 74 -12.02 -8.25 43.73
N GLU A 75 -11.21 -7.25 44.08
CA GLU A 75 -10.90 -6.97 45.48
C GLU A 75 -11.96 -6.15 46.25
N LEU A 76 -12.99 -5.59 45.61
CA LEU A 76 -13.99 -4.79 46.31
C LEU A 76 -14.89 -5.68 47.17
N PRO A 77 -15.49 -5.14 48.24
CA PRO A 77 -16.53 -5.88 48.97
C PRO A 77 -17.70 -6.28 48.08
N GLU A 78 -18.46 -7.29 48.53
CA GLU A 78 -19.62 -7.73 47.76
C GLU A 78 -20.68 -6.63 47.65
N ALA A 79 -20.81 -5.83 48.71
CA ALA A 79 -21.77 -4.74 48.70
C ALA A 79 -21.45 -3.71 47.62
N SER A 80 -20.18 -3.28 47.54
CA SER A 80 -19.78 -2.22 46.61
C SER A 80 -19.65 -2.72 45.16
N GLN A 81 -19.14 -3.95 44.95
CA GLN A 81 -19.15 -4.51 43.60
C GLN A 81 -20.56 -4.56 43.04
N ALA A 82 -21.54 -4.83 43.90
CA ALA A 82 -22.94 -4.88 43.49
C ALA A 82 -23.46 -3.51 43.07
N LEU A 83 -23.12 -2.46 43.83
CA LEU A 83 -23.53 -1.11 43.46
C LEU A 83 -22.95 -0.72 42.11
N LEU A 84 -21.66 -1.00 41.91
CA LEU A 84 -21.01 -0.61 40.67
C LEU A 84 -21.74 -1.22 39.49
N VAL A 85 -22.17 -2.48 39.59
CA VAL A 85 -22.88 -3.14 38.49
C VAL A 85 -24.26 -2.50 38.28
N ARG A 86 -24.90 -2.06 39.36
CA ARG A 86 -26.16 -1.33 39.21
C ARG A 86 -25.97 -0.04 38.39
N MET A 87 -24.93 0.76 38.70
CA MET A 87 -24.76 2.01 37.94
C MET A 87 -24.37 1.71 36.51
N VAL A 88 -23.52 0.70 36.29
CA VAL A 88 -23.16 0.42 34.91
C VAL A 88 -24.39 -0.06 34.15
N MET A 89 -25.32 -0.74 34.81
CA MET A 89 -26.52 -1.22 34.12
C MET A 89 -27.64 -0.18 33.96
N ARG A 90 -27.60 0.94 34.68
CA ARG A 90 -28.62 1.94 34.49
C ARG A 90 -28.16 3.00 33.50
N LYS A 91 -29.14 3.83 33.12
CA LYS A 91 -28.99 4.69 31.94
C LYS A 91 -27.89 5.72 32.14
N GLY A 92 -27.85 6.35 33.30
CA GLY A 92 -26.95 7.46 33.46
C GLY A 92 -25.46 7.11 33.53
N THR A 93 -24.71 8.19 33.46
CA THR A 93 -23.41 8.33 34.08
C THR A 93 -23.52 9.11 35.38
N LEU A 94 -24.74 9.61 35.69
CA LEU A 94 -25.03 10.46 36.85
C LEU A 94 -26.24 9.95 37.65
N PHE A 95 -26.09 10.01 38.97
CA PHE A 95 -27.10 9.51 39.87
C PHE A 95 -27.15 10.35 41.12
N ARG A 96 -28.37 10.64 41.57
CA ARG A 96 -28.58 11.12 42.92
C ARG A 96 -28.45 9.95 43.88
N GLU A 97 -27.78 10.16 45.01
CA GLU A 97 -27.72 9.11 46.02
C GLU A 97 -29.09 8.54 46.33
N GLY A 98 -30.15 9.33 46.12
CA GLY A 98 -31.48 8.87 46.46
C GLY A 98 -31.96 7.76 45.55
N LYS A 99 -31.58 7.80 44.28
CA LYS A 99 -32.06 6.82 43.30
C LYS A 99 -31.30 5.52 43.38
N LEU A 100 -30.33 5.43 44.29
CA LEU A 100 -29.45 4.29 44.48
C LEU A 100 -29.90 3.32 45.58
N ALA A 101 -31.14 3.40 46.03
CA ALA A 101 -31.64 2.44 47.01
C ALA A 101 -31.74 1.04 46.39
N TYR A 102 -31.07 0.07 47.01
CA TYR A 102 -31.11 -1.33 46.66
C TYR A 102 -31.10 -2.15 47.94
N ALA A 103 -31.93 -3.19 47.98
CA ALA A 103 -32.05 -3.97 49.21
C ALA A 103 -30.82 -4.84 49.46
N GLU A 104 -30.22 -5.39 48.41
CA GLU A 104 -29.08 -6.31 48.59
C GLU A 104 -27.88 -5.60 49.23
N ILE A 105 -27.70 -4.31 48.94
CA ILE A 105 -26.63 -3.48 49.48
C ILE A 105 -27.26 -2.62 50.56
N GLY A 106 -26.78 -2.73 51.79
CA GLY A 106 -27.51 -2.01 52.80
C GLY A 106 -27.42 -0.51 52.63
N ASP A 107 -26.24 0.07 52.81
CA ASP A 107 -26.10 1.52 52.75
C ASP A 107 -25.52 1.95 51.41
N THR A 108 -26.13 2.97 50.82
CA THR A 108 -25.60 3.49 49.56
C THR A 108 -24.29 4.22 49.79
N ARG A 109 -24.24 5.05 50.85
CA ARG A 109 -23.03 5.80 51.16
C ARG A 109 -21.91 4.89 51.64
N ALA A 110 -22.25 3.83 52.37
CA ALA A 110 -21.23 2.91 52.85
C ALA A 110 -20.61 2.12 51.70
N ALA A 111 -21.45 1.57 50.82
CA ALA A 111 -20.92 0.80 49.73
C ALA A 111 -20.08 1.66 48.79
N VAL A 112 -20.40 2.95 48.69
CA VAL A 112 -19.79 3.82 47.67
C VAL A 112 -18.40 4.32 48.03
N GLN A 113 -17.92 4.14 49.26
CA GLN A 113 -16.60 4.65 49.57
C GLN A 113 -15.51 3.92 48.78
N PRO A 114 -15.40 2.58 48.81
CA PRO A 114 -14.29 1.92 48.09
C PRO A 114 -14.24 2.24 46.61
N LEU A 115 -15.38 2.67 46.04
CA LEU A 115 -15.43 3.18 44.68
C LEU A 115 -14.94 4.62 44.61
N LEU A 116 -15.18 5.41 45.65
CA LEU A 116 -14.60 6.74 45.65
C LEU A 116 -13.09 6.69 45.65
N ALA A 117 -12.49 5.65 46.24
CA ALA A 117 -11.03 5.62 46.36
C ALA A 117 -10.33 5.48 45.02
N LEU A 118 -10.91 4.71 44.10
CA LEU A 118 -10.33 4.57 42.77
C LEU A 118 -10.63 5.73 41.83
N GLY A 119 -11.41 6.70 42.27
CA GLY A 119 -11.81 7.72 41.32
C GLY A 119 -12.77 7.22 40.27
N TRP A 120 -13.21 5.96 40.43
CA TRP A 120 -14.16 5.38 39.50
C TRP A 120 -15.56 5.93 39.67
N VAL A 121 -15.88 6.46 40.85
CA VAL A 121 -17.13 7.18 41.07
C VAL A 121 -16.77 8.51 41.70
N ASP A 122 -17.23 9.58 41.08
CA ASP A 122 -17.01 10.93 41.56
C ASP A 122 -18.15 11.32 42.48
N ALA A 123 -17.80 11.94 43.60
CA ALA A 123 -18.78 12.77 44.29
C ALA A 123 -18.49 14.22 43.96
N GLN A 124 -19.43 15.07 44.31
CA GLN A 124 -19.47 16.44 43.80
C GLN A 124 -18.85 16.49 42.40
N PRO A 125 -19.39 15.77 41.47
CA PRO A 125 -18.89 15.90 40.10
C PRO A 125 -19.37 17.22 39.54
N THR A 126 -19.00 17.51 38.31
CA THR A 126 -19.38 18.76 37.67
C THR A 126 -20.60 18.54 36.80
N LEU A 127 -21.64 19.34 37.00
CA LEU A 127 -22.88 19.20 36.26
C LEU A 127 -23.12 20.49 35.49
N GLU A 128 -23.25 20.37 34.17
CA GLU A 128 -23.71 21.45 33.32
C GLU A 128 -25.20 21.71 33.59
N LEU A 129 -25.69 22.89 33.19
CA LEU A 129 -27.08 23.22 33.50
C LEU A 129 -28.03 22.16 33.00
N ALA A 130 -27.80 21.70 31.78
CA ALA A 130 -28.75 20.77 31.19
C ALA A 130 -28.80 19.47 31.97
N GLN A 131 -27.66 19.03 32.50
CA GLN A 131 -27.60 17.77 33.22
C GLN A 131 -28.33 17.86 34.54
N LEU A 132 -28.21 19.00 35.24
CA LEU A 132 -28.95 19.19 36.47
C LEU A 132 -30.44 19.06 36.20
N PHE A 133 -30.88 19.47 35.01
CA PHE A 133 -32.29 19.34 34.73
C PHE A 133 -32.73 17.88 34.64
N GLY A 134 -31.80 16.97 34.45
CA GLY A 134 -32.17 15.57 34.45
C GLY A 134 -32.29 15.03 35.84
N LEU A 135 -31.34 15.43 36.70
CA LEU A 135 -31.23 14.84 38.02
C LEU A 135 -32.33 15.31 38.95
N LEU A 136 -32.74 16.56 38.81
CA LEU A 136 -33.63 17.22 39.76
C LEU A 136 -35.03 17.19 39.17
N LYS A 137 -36.04 17.16 40.03
CA LYS A 137 -37.43 17.33 39.59
C LYS A 137 -37.68 18.77 39.14
N LYS A 138 -38.78 18.97 38.42
CA LYS A 138 -39.18 20.35 38.12
C LYS A 138 -39.54 21.13 39.40
N ASP A 139 -40.07 20.45 40.42
CA ASP A 139 -40.31 21.11 41.70
C ASP A 139 -39.02 21.69 42.28
N GLU A 140 -38.00 20.83 42.43
CA GLU A 140 -36.71 21.29 42.97
C GLU A 140 -36.05 22.31 42.07
N LEU A 141 -36.11 22.12 40.75
CA LEU A 141 -35.51 23.10 39.87
C LEU A 141 -36.23 24.44 39.95
N SER A 142 -37.56 24.42 40.08
CA SER A 142 -38.33 25.66 40.14
C SER A 142 -37.81 26.57 41.23
N GLN A 143 -37.62 26.03 42.45
CA GLN A 143 -37.09 26.83 43.55
C GLN A 143 -35.63 27.24 43.37
N LEU A 144 -34.81 26.41 42.74
CA LEU A 144 -33.38 26.69 42.71
C LEU A 144 -33.12 27.91 41.86
N PHE A 145 -33.79 27.98 40.73
CA PHE A 145 -33.79 29.11 39.84
C PHE A 145 -34.99 30.04 40.11
N ARG A 146 -35.61 29.92 41.27
CA ARG A 146 -36.81 30.69 41.59
C ARG A 146 -36.69 32.17 41.20
N ASP A 147 -35.48 32.73 41.21
CA ASP A 147 -35.34 34.11 40.77
C ASP A 147 -35.66 34.25 39.29
N HIS A 148 -34.96 33.52 38.45
CA HIS A 148 -35.00 33.87 37.05
C HIS A 148 -36.21 33.31 36.30
N LEU A 149 -37.12 32.57 36.95
CA LEU A 149 -38.43 32.30 36.33
C LEU A 149 -39.43 33.24 36.96
N GLY A 150 -39.73 34.33 36.30
CA GLY A 150 -40.88 35.09 36.71
C GLY A 150 -42.00 35.06 35.71
N ARG A 151 -41.66 34.78 34.45
CA ARG A 151 -42.48 35.28 33.35
C ARG A 151 -43.81 34.55 33.30
N ALA A 152 -43.77 33.29 32.95
CA ALA A 152 -44.93 32.45 33.02
C ALA A 152 -44.47 31.21 33.77
N ASN A 153 -45.41 30.46 34.29
CA ASN A 153 -45.06 29.10 34.62
C ASN A 153 -45.10 28.37 33.29
N LEU A 154 -44.05 27.63 32.99
CA LEU A 154 -43.86 27.07 31.65
C LEU A 154 -43.12 25.76 31.81
N ARG A 155 -42.87 25.12 30.67
CA ARG A 155 -42.50 23.73 30.72
C ARG A 155 -41.04 23.51 31.10
N LYS A 156 -40.68 22.26 31.32
CA LYS A 156 -39.33 21.97 31.80
C LYS A 156 -38.33 22.06 30.66
N ASP A 157 -38.71 21.50 29.52
CA ASP A 157 -37.90 21.64 28.31
C ASP A 157 -37.73 23.11 27.92
N ALA A 158 -38.70 23.95 28.30
CA ALA A 158 -38.73 25.36 27.95
C ALA A 158 -37.85 26.18 28.87
N LEU A 159 -37.87 25.82 30.16
CA LEU A 159 -37.03 26.48 31.14
C LEU A 159 -35.58 26.49 30.70
N LEU A 160 -35.08 25.31 30.36
CA LEU A 160 -33.70 25.19 29.97
C LEU A 160 -33.45 26.09 28.77
N GLU A 161 -34.38 26.12 27.82
CA GLU A 161 -34.16 26.95 26.66
C GLU A 161 -33.96 28.40 27.08
N ARG A 162 -34.86 28.92 27.92
CA ARG A 162 -34.66 30.30 28.37
C ARG A 162 -33.63 30.40 29.49
N LEU A 163 -33.31 29.31 30.20
CA LEU A 163 -32.37 29.39 31.32
C LEU A 163 -30.91 29.10 30.94
N GLN A 164 -30.63 28.53 29.76
CA GLN A 164 -29.24 28.23 29.43
C GLN A 164 -28.43 29.48 29.19
N PRO A 165 -28.89 30.48 28.43
CA PRO A 165 -28.09 31.69 28.23
C PRO A 165 -27.64 32.37 29.50
N LEU A 166 -28.40 32.22 30.59
CA LEU A 166 -27.99 32.77 31.88
C LEU A 166 -26.98 31.89 32.59
N PHE A 167 -27.12 30.56 32.47
CA PHE A 167 -26.23 29.65 33.18
C PHE A 167 -25.47 28.76 32.21
N PRO A 168 -24.54 29.33 31.44
CA PRO A 168 -23.75 28.49 30.54
C PRO A 168 -22.83 27.54 31.28
N GLU A 169 -22.16 28.05 32.30
CA GLU A 169 -21.11 27.32 32.99
C GLU A 169 -21.67 26.06 33.64
N ALA A 170 -20.78 25.08 33.84
CA ALA A 170 -21.06 23.89 34.65
C ALA A 170 -20.44 24.10 36.02
N ARG A 171 -21.09 23.55 37.06
CA ARG A 171 -20.66 23.77 38.43
C ARG A 171 -20.67 22.45 39.19
N ARG A 172 -19.93 22.41 40.31
CA ARG A 172 -20.12 21.27 41.19
C ARG A 172 -21.57 21.27 41.66
N LEU A 173 -22.07 20.11 42.08
CA LEU A 173 -23.43 20.12 42.58
C LEU A 173 -23.55 21.06 43.79
N ALA A 174 -22.45 21.17 44.55
CA ALA A 174 -22.40 22.07 45.71
C ALA A 174 -22.43 23.54 45.31
N GLU A 175 -21.94 23.89 44.13
CA GLU A 175 -21.85 25.28 43.67
C GLU A 175 -23.11 25.81 43.00
N TRP A 176 -24.17 25.00 42.92
CA TRP A 176 -25.45 25.40 42.37
C TRP A 176 -26.37 25.89 43.48
N GLN A 177 -26.64 25.04 44.45
CA GLN A 177 -27.10 25.45 45.77
C GLN A 177 -26.12 24.91 46.80
N ALA A 178 -25.55 25.80 47.61
CA ALA A 178 -24.46 25.43 48.50
C ALA A 178 -24.88 24.46 49.58
N ASP A 179 -26.15 24.43 49.93
CA ASP A 179 -26.64 23.59 51.02
C ASP A 179 -27.25 22.27 50.56
N PHE A 180 -27.24 21.97 49.26
CA PHE A 180 -27.88 20.73 48.83
C PHE A 180 -27.11 19.57 49.39
N ALA A 181 -27.80 18.79 50.23
CA ALA A 181 -27.16 17.80 51.07
C ALA A 181 -27.20 16.40 50.48
N GLU A 182 -27.78 16.24 49.30
CA GLU A 182 -27.80 14.94 48.68
C GLU A 182 -26.67 14.86 47.69
N PRO A 183 -25.79 13.88 47.82
CA PRO A 183 -24.74 13.68 46.81
C PRO A 183 -25.32 13.37 45.44
N VAL A 184 -24.54 13.69 44.42
CA VAL A 184 -24.77 13.19 43.08
C VAL A 184 -23.48 12.48 42.72
N TYR A 185 -23.61 11.27 42.16
CA TYR A 185 -22.45 10.46 41.78
C TYR A 185 -22.32 10.39 40.27
N GLU A 186 -21.09 10.52 39.79
CA GLU A 186 -20.75 10.38 38.38
C GLU A 186 -19.83 9.18 38.26
N LEU A 187 -20.27 8.15 37.56
CA LEU A 187 -19.42 7.00 37.35
C LEU A 187 -18.43 7.35 36.25
N ARG A 188 -17.16 7.39 36.61
CA ARG A 188 -16.11 7.94 35.77
C ARG A 188 -15.31 6.89 34.99
N CYS A 189 -15.55 5.59 35.22
CA CYS A 189 -14.84 4.56 34.51
C CYS A 189 -15.66 3.89 33.40
N MET A 190 -16.83 4.46 33.06
CA MET A 190 -17.82 3.84 32.17
C MET A 190 -17.26 3.49 30.80
N ALA A 191 -16.23 4.21 30.37
CA ALA A 191 -15.66 3.99 29.03
C ALA A 191 -15.06 2.60 28.94
N LEU A 192 -14.32 2.20 29.97
CA LEU A 192 -13.77 0.86 29.95
C LEU A 192 -14.88 -0.19 29.95
N CYS A 193 -16.00 0.08 30.64
CA CYS A 193 -17.09 -0.89 30.69
C CYS A 193 -17.73 -1.09 29.34
N ASP A 194 -17.97 0.00 28.60
CA ASP A 194 -18.46 -0.18 27.25
C ASP A 194 -17.41 -0.86 26.38
N ARG A 195 -16.12 -0.63 26.63
CA ARG A 195 -15.15 -1.39 25.84
C ARG A 195 -15.29 -2.88 26.13
N LEU A 196 -15.52 -3.24 27.39
CA LEU A 196 -15.65 -4.65 27.73
C LEU A 196 -16.95 -5.21 27.18
N ARG A 197 -18.07 -4.53 27.43
CA ARG A 197 -19.35 -4.94 26.85
C ARG A 197 -19.24 -5.13 25.34
N LEU A 198 -18.48 -4.26 24.67
CA LEU A 198 -18.41 -4.38 23.23
C LEU A 198 -17.61 -5.60 22.84
N MET A 199 -16.52 -5.86 23.58
CA MET A 199 -15.71 -7.04 23.27
C MET A 199 -16.46 -8.34 23.52
N TYR A 200 -17.21 -8.43 24.62
CA TYR A 200 -17.91 -9.65 24.93
C TYR A 200 -19.11 -9.87 24.03
N PHE A 201 -19.90 -8.83 23.80
CA PHE A 201 -21.07 -9.01 22.97
C PHE A 201 -20.79 -8.90 21.48
N GLY A 202 -19.82 -8.11 21.06
CA GLY A 202 -19.55 -7.94 19.65
C GLY A 202 -20.46 -7.03 18.85
N ASN A 203 -21.45 -6.39 19.45
CA ASN A 203 -22.21 -5.25 18.92
C ASN A 203 -22.66 -4.51 20.15
N LEU A 204 -22.75 -3.18 20.10
CA LEU A 204 -22.99 -2.44 21.34
C LEU A 204 -24.45 -2.24 21.71
N TRP A 205 -25.38 -2.87 21.00
CA TRP A 205 -26.78 -2.67 21.30
C TRP A 205 -27.33 -3.64 22.34
N GLN A 206 -26.62 -4.69 22.71
CA GLN A 206 -27.17 -5.67 23.63
C GLN A 206 -26.71 -5.32 25.04
N ASP A 207 -27.62 -5.37 26.00
CA ASP A 207 -27.29 -5.00 27.37
C ASP A 207 -26.71 -6.16 28.15
N TRP A 208 -26.38 -5.89 29.41
CA TRP A 208 -26.18 -7.04 30.29
C TRP A 208 -27.50 -7.72 30.60
N SER A 209 -28.63 -7.04 30.37
CA SER A 209 -29.90 -7.66 30.70
C SER A 209 -30.18 -8.90 29.87
N GLU A 210 -29.39 -9.12 28.80
CA GLU A 210 -29.47 -10.37 28.04
C GLU A 210 -29.37 -11.58 28.96
N PHE A 211 -28.57 -11.48 30.04
CA PHE A 211 -28.48 -12.60 30.97
C PHE A 211 -29.82 -12.90 31.64
N VAL A 212 -30.37 -11.92 32.36
CA VAL A 212 -31.52 -12.30 33.16
C VAL A 212 -32.69 -12.69 32.28
N LEU A 213 -32.84 -12.04 31.10
CA LEU A 213 -33.96 -12.38 30.24
C LEU A 213 -33.84 -13.80 29.72
N ALA A 214 -32.64 -14.21 29.34
CA ALA A 214 -32.50 -15.58 28.89
C ALA A 214 -32.83 -16.53 30.02
N ASP A 215 -32.36 -16.22 31.23
CA ASP A 215 -32.62 -17.10 32.36
C ASP A 215 -34.11 -17.18 32.67
N LEU A 216 -34.83 -16.08 32.50
CA LEU A 216 -36.24 -16.12 32.84
C LEU A 216 -37.05 -16.85 31.78
N GLY A 217 -36.44 -17.12 30.63
CA GLY A 217 -37.17 -17.73 29.53
C GLY A 217 -37.97 -16.73 28.75
N ILE A 218 -37.59 -15.45 28.77
CA ILE A 218 -38.34 -14.44 28.07
C ILE A 218 -37.83 -14.35 26.63
N TYR A 219 -36.56 -13.96 26.47
CA TYR A 219 -35.87 -14.13 25.19
C TYR A 219 -35.15 -15.47 25.28
N ARG A 220 -35.62 -16.45 24.49
CA ARG A 220 -35.05 -17.81 24.47
C ARG A 220 -34.24 -17.97 23.18
N TYR A 221 -32.93 -18.23 23.29
CA TYR A 221 -32.03 -18.24 22.14
C TYR A 221 -31.64 -19.66 21.75
N GLU A 222 -31.31 -19.86 20.47
CA GLU A 222 -30.69 -21.12 20.09
C GLU A 222 -29.25 -21.17 20.60
N SER A 223 -28.82 -22.37 20.99
CA SER A 223 -27.49 -22.63 21.51
C SER A 223 -26.63 -23.32 20.47
N VAL A 224 -25.60 -22.64 19.98
CA VAL A 224 -24.63 -23.18 19.05
C VAL A 224 -23.40 -23.51 19.85
N GLU A 225 -22.73 -24.62 19.51
CA GLU A 225 -21.50 -25.05 20.17
C GLU A 225 -20.33 -24.63 19.30
N PHE A 226 -19.66 -23.57 19.68
CA PHE A 226 -18.53 -23.03 18.96
C PHE A 226 -17.27 -23.28 19.76
N SER A 227 -16.10 -23.04 19.15
CA SER A 227 -14.85 -23.35 19.82
C SER A 227 -14.59 -22.35 20.94
N ALA A 228 -13.86 -22.81 21.96
CA ALA A 228 -13.57 -21.89 23.05
C ALA A 228 -12.64 -20.77 22.63
N ASP A 229 -12.01 -20.85 21.46
CA ASP A 229 -11.12 -19.79 21.00
C ASP A 229 -11.80 -18.82 20.05
N SER A 230 -13.04 -19.09 19.66
CA SER A 230 -13.74 -18.22 18.73
C SER A 230 -14.31 -17.04 19.49
N ARG A 231 -14.27 -15.87 18.86
CA ARG A 231 -14.56 -14.62 19.54
C ARG A 231 -14.94 -13.56 18.52
N GLY A 232 -15.50 -12.46 19.04
CA GLY A 232 -16.01 -11.38 18.19
C GLY A 232 -14.93 -10.59 17.46
N PHE A 233 -13.92 -10.13 18.20
CA PHE A 233 -12.92 -9.22 17.68
C PHE A 233 -11.56 -9.89 17.60
N ARG A 234 -10.89 -9.75 16.47
CA ARG A 234 -9.51 -10.27 16.40
C ARG A 234 -8.50 -9.26 16.95
N LEU A 235 -8.27 -8.19 16.22
CA LEU A 235 -7.28 -7.22 16.69
C LEU A 235 -7.90 -6.24 17.69
N ARG A 236 -7.04 -5.66 18.52
CA ARG A 236 -7.49 -4.53 19.34
C ARG A 236 -7.84 -3.34 18.45
N ALA A 237 -7.06 -3.11 17.40
CA ALA A 237 -7.40 -2.04 16.47
C ALA A 237 -8.77 -2.21 15.87
N ASP A 238 -9.31 -3.45 15.84
CA ASP A 238 -10.70 -3.67 15.44
C ASP A 238 -11.68 -3.15 16.51
N VAL A 239 -11.45 -3.50 17.78
CA VAL A 239 -12.24 -2.91 18.87
C VAL A 239 -12.16 -1.40 18.82
N ASP A 240 -10.94 -0.86 18.85
CA ASP A 240 -10.78 0.60 18.89
C ASP A 240 -11.48 1.28 17.73
N ALA A 241 -11.44 0.69 16.53
CA ALA A 241 -12.10 1.32 15.39
C ALA A 241 -13.61 1.30 15.55
N TYR A 242 -14.18 0.13 15.90
CA TYR A 242 -15.62 0.11 16.14
C TYR A 242 -15.98 1.20 17.14
N LEU A 243 -15.22 1.31 18.23
CA LEU A 243 -15.53 2.29 19.25
C LEU A 243 -15.45 3.72 18.71
N HIS A 244 -14.51 4.00 17.81
CA HIS A 244 -14.45 5.36 17.26
C HIS A 244 -15.67 5.65 16.39
N LEU A 245 -16.05 4.72 15.49
CA LEU A 245 -17.24 4.97 14.69
C LEU A 245 -18.45 5.21 15.59
N PHE A 246 -18.58 4.42 16.65
CA PHE A 246 -19.69 4.58 17.57
C PHE A 246 -19.64 5.95 18.22
N ASP A 247 -18.45 6.42 18.54
CA ASP A 247 -18.26 7.80 19.02
C ASP A 247 -18.69 8.83 17.99
N CYS A 248 -18.43 8.59 16.71
CA CYS A 248 -18.80 9.60 15.72
C CYS A 248 -20.30 9.72 15.58
N ARG A 249 -21.04 8.61 15.48
CA ARG A 249 -22.50 8.78 15.46
C ARG A 249 -23.03 9.33 16.79
N GLN A 250 -22.47 8.93 17.94
CA GLN A 250 -22.95 9.54 19.18
C GLN A 250 -22.77 11.04 19.13
N ARG A 251 -21.55 11.51 18.82
CA ARG A 251 -21.30 12.93 18.70
C ARG A 251 -22.15 13.58 17.62
N PHE A 252 -22.53 12.82 16.59
CA PHE A 252 -23.36 13.36 15.53
C PHE A 252 -24.85 13.41 15.87
N ASP A 253 -25.42 12.31 16.41
CA ASP A 253 -26.85 12.27 16.72
C ASP A 253 -27.19 13.26 17.81
N LEU A 254 -26.16 13.86 18.42
CA LEU A 254 -26.20 15.02 19.30
C LEU A 254 -25.86 16.18 18.37
N GLY A 255 -24.58 16.27 17.97
CA GLY A 255 -24.10 17.24 17.01
C GLY A 255 -23.80 18.52 17.74
N GLU A 256 -22.87 19.38 17.33
CA GLU A 256 -21.70 19.20 16.45
C GLU A 256 -21.84 19.12 14.96
N PRO A 257 -20.85 19.70 14.29
CA PRO A 257 -20.77 19.64 12.83
C PRO A 257 -20.04 18.40 12.36
N LEU A 258 -20.43 17.91 11.18
CA LEU A 258 -19.62 16.89 10.54
C LEU A 258 -18.28 17.44 10.11
N GLU A 259 -18.20 18.76 9.90
CA GLU A 259 -16.96 19.34 9.36
C GLU A 259 -15.80 18.99 10.26
N GLU A 260 -16.02 18.93 11.56
CA GLU A 260 -14.98 18.45 12.46
C GLU A 260 -15.04 16.94 12.66
N LEU A 261 -16.11 16.27 12.21
CA LEU A 261 -16.21 14.83 12.42
C LEU A 261 -15.43 14.09 11.35
N LEU A 262 -15.58 14.53 10.10
CA LEU A 262 -14.88 13.91 8.99
C LEU A 262 -13.38 14.16 9.09
N ALA A 263 -12.98 15.12 9.92
CA ALA A 263 -11.58 15.25 10.31
C ALA A 263 -11.11 14.04 11.09
N GLY A 264 -12.00 13.49 11.93
CA GLY A 264 -11.66 12.35 12.75
C GLY A 264 -11.85 11.01 12.06
N LEU A 265 -12.77 10.90 11.10
CA LEU A 265 -12.94 9.62 10.43
C LEU A 265 -11.73 9.34 9.54
N PRO A 266 -11.42 8.07 9.31
CA PRO A 266 -10.35 7.77 8.37
C PRO A 266 -10.83 8.11 6.98
N GLY A 267 -9.89 8.64 6.17
CA GLY A 267 -10.15 8.89 4.78
C GLY A 267 -9.78 7.75 3.85
N GLU A 268 -9.29 6.64 4.41
CA GLU A 268 -8.90 5.46 3.66
C GLU A 268 -9.60 4.27 4.28
N PRO A 269 -10.08 3.32 3.46
CA PRO A 269 -10.98 2.27 3.96
C PRO A 269 -10.39 1.44 5.08
N TYR A 270 -11.27 0.85 5.87
CA TYR A 270 -10.85 0.04 7.01
C TYR A 270 -10.32 -1.31 6.58
N ALA A 271 -9.38 -1.83 7.38
CA ALA A 271 -8.83 -3.15 7.12
C ALA A 271 -9.92 -4.21 7.20
N ASN A 272 -10.53 -4.33 8.37
CA ASN A 272 -11.54 -5.33 8.61
C ASN A 272 -12.76 -5.07 7.71
N PRO A 273 -13.34 -6.10 7.10
CA PRO A 273 -14.49 -5.88 6.22
C PRO A 273 -15.72 -5.41 6.98
N TRP A 274 -15.95 -5.95 8.18
CA TRP A 274 -17.13 -5.58 8.93
C TRP A 274 -17.03 -4.14 9.41
N LEU A 275 -15.81 -3.70 9.74
CA LEU A 275 -15.60 -2.29 10.05
C LEU A 275 -15.88 -1.40 8.85
N GLU A 276 -15.30 -1.71 7.68
CA GLU A 276 -15.60 -0.91 6.50
C GLU A 276 -17.09 -0.92 6.20
N GLY A 277 -17.77 -2.02 6.57
CA GLY A 277 -19.22 -2.00 6.50
C GLY A 277 -19.80 -0.91 7.37
N ARG A 278 -19.34 -0.85 8.63
CA ARG A 278 -19.86 0.13 9.59
C ARG A 278 -19.51 1.56 9.19
N ARG A 279 -18.25 1.79 8.77
CA ARG A 279 -17.76 3.09 8.33
C ARG A 279 -18.46 3.57 7.08
N VAL A 280 -18.53 2.71 6.09
CA VAL A 280 -19.16 3.11 4.86
C VAL A 280 -20.62 3.46 5.10
N LYS A 281 -21.28 2.73 6.01
CA LYS A 281 -22.64 3.11 6.35
C LYS A 281 -22.69 4.44 7.07
N LEU A 282 -21.77 4.67 8.01
CA LEU A 282 -21.82 5.95 8.69
C LEU A 282 -21.75 7.09 7.71
N LEU A 283 -20.76 7.04 6.81
CA LEU A 283 -20.64 8.02 5.73
C LEU A 283 -21.95 8.24 5.03
N PHE A 284 -22.65 7.13 4.74
CA PHE A 284 -23.95 7.21 4.07
C PHE A 284 -24.94 8.04 4.88
N GLN A 285 -25.05 7.78 6.17
CA GLN A 285 -26.09 8.48 6.91
C GLN A 285 -25.76 9.96 7.08
N PHE A 286 -24.47 10.29 7.23
CA PHE A 286 -24.09 11.69 7.21
C PHE A 286 -24.51 12.34 5.91
N ALA A 287 -24.24 11.67 4.79
CA ALA A 287 -24.64 12.25 3.51
C ALA A 287 -26.15 12.44 3.42
N GLN A 288 -26.92 11.53 4.04
CA GLN A 288 -28.38 11.72 4.07
C GLN A 288 -28.74 12.97 4.85
N HIS A 289 -28.13 13.16 6.02
CA HIS A 289 -28.40 14.37 6.78
C HIS A 289 -28.03 15.61 5.99
N CYS A 290 -26.94 15.55 5.21
CA CYS A 290 -26.61 16.67 4.34
C CYS A 290 -27.75 16.95 3.37
N GLU A 291 -28.22 15.89 2.69
CA GLU A 291 -29.25 16.00 1.66
C GLU A 291 -30.54 16.58 2.20
N LYS A 292 -30.85 16.32 3.47
CA LYS A 292 -32.04 16.88 4.07
C LYS A 292 -31.85 18.35 4.43
N GLN A 293 -30.61 18.79 4.60
CA GLN A 293 -30.29 20.21 4.77
C GLN A 293 -30.07 20.95 3.45
N ARG A 294 -30.32 20.29 2.31
CA ARG A 294 -30.15 20.81 0.93
C ARG A 294 -28.71 21.15 0.57
N ASP A 295 -27.75 20.54 1.28
CA ASP A 295 -26.34 20.65 0.93
C ASP A 295 -26.04 19.49 -0.01
N PHE A 296 -26.17 19.75 -1.30
CA PHE A 296 -25.93 18.68 -2.26
C PHE A 296 -24.48 18.56 -2.66
N ASP A 297 -23.73 19.69 -2.73
CA ASP A 297 -22.33 19.61 -3.14
C ASP A 297 -21.53 18.74 -2.16
N LEU A 298 -21.88 18.82 -0.87
CA LEU A 298 -21.24 17.94 0.09
C LEU A 298 -21.86 16.55 0.05
N ALA A 299 -23.17 16.48 -0.11
CA ALA A 299 -23.83 15.19 -0.22
C ALA A 299 -23.20 14.32 -1.30
N GLN A 300 -22.97 14.89 -2.50
CA GLN A 300 -22.26 14.16 -3.56
C GLN A 300 -20.91 13.63 -3.08
N ARG A 301 -20.10 14.50 -2.48
CA ARG A 301 -18.77 14.07 -2.03
C ARG A 301 -18.88 12.94 -1.01
N LEU A 302 -19.90 12.96 -0.15
CA LEU A 302 -19.98 11.94 0.88
C LEU A 302 -20.48 10.61 0.33
N TYR A 303 -21.59 10.64 -0.41
CA TYR A 303 -22.12 9.40 -0.97
C TYR A 303 -21.08 8.72 -1.82
N ARG A 304 -20.36 9.52 -2.62
CA ARG A 304 -19.43 8.97 -3.58
C ARG A 304 -18.33 8.16 -2.90
N GLN A 305 -17.93 8.52 -1.66
CA GLN A 305 -16.92 7.74 -0.95
C GLN A 305 -17.52 6.71 0.01
N SER A 306 -18.81 6.45 -0.05
CA SER A 306 -19.38 5.30 0.65
C SER A 306 -19.72 4.21 -0.36
N SER A 307 -19.37 2.97 -0.01
CA SER A 307 -19.73 1.80 -0.80
C SER A 307 -21.10 1.26 -0.43
N HIS A 308 -21.82 1.98 0.43
CA HIS A 308 -23.07 1.52 0.97
C HIS A 308 -24.11 1.30 -0.13
N PRO A 309 -25.03 0.35 0.08
CA PRO A 309 -26.00 0.01 -0.96
C PRO A 309 -26.87 1.19 -1.32
N GLY A 310 -26.92 1.47 -2.62
CA GLY A 310 -27.71 2.61 -3.01
C GLY A 310 -27.04 3.91 -2.68
N ALA A 311 -25.76 3.89 -2.29
CA ALA A 311 -25.05 5.15 -2.09
C ALA A 311 -24.78 5.82 -3.43
N ARG A 312 -24.34 5.04 -4.40
CA ARG A 312 -24.09 5.57 -5.75
C ARG A 312 -25.34 6.25 -6.30
N LEU A 313 -26.52 5.66 -6.05
CA LEU A 313 -27.76 6.26 -6.53
C LEU A 313 -28.03 7.61 -5.87
N ARG A 314 -27.94 7.67 -4.54
CA ARG A 314 -28.12 8.96 -3.86
C ARG A 314 -27.08 9.96 -4.31
N ALA A 315 -25.92 9.50 -4.76
CA ALA A 315 -24.96 10.47 -5.24
C ALA A 315 -25.45 11.12 -6.52
N ILE A 316 -25.87 10.32 -7.49
CA ILE A 316 -26.40 10.90 -8.72
C ILE A 316 -27.57 11.81 -8.40
N ARG A 317 -28.55 11.29 -7.67
CA ARG A 317 -29.76 12.04 -7.35
C ARG A 317 -29.42 13.28 -6.56
N SER A 318 -28.34 13.23 -5.83
CA SER A 318 -27.93 14.41 -5.13
C SER A 318 -27.33 15.44 -6.10
N LEU A 319 -26.40 15.00 -6.97
CA LEU A 319 -25.87 15.93 -7.97
C LEU A 319 -26.99 16.57 -8.73
N GLU A 320 -27.96 15.76 -9.17
CA GLU A 320 -29.13 16.30 -9.84
C GLU A 320 -29.87 17.31 -8.97
N ARG A 321 -30.08 16.98 -7.69
CA ARG A 321 -30.83 17.92 -6.86
C ARG A 321 -30.12 19.25 -6.76
N GLY A 322 -28.78 19.24 -6.83
CA GLY A 322 -27.90 20.39 -6.86
C GLY A 322 -27.64 20.98 -8.22
N GLU A 323 -28.44 20.60 -9.22
CA GLU A 323 -28.44 21.13 -10.58
C GLU A 323 -27.13 20.92 -11.33
N ARG A 324 -26.30 19.95 -10.95
CA ARG A 324 -25.12 19.64 -11.74
C ARG A 324 -25.51 18.40 -12.54
N PHE A 325 -26.00 18.64 -13.73
CA PHE A 325 -26.56 17.56 -14.55
C PHE A 325 -25.47 16.86 -15.33
N ALA A 326 -24.46 17.62 -15.74
CA ALA A 326 -23.37 17.05 -16.50
C ALA A 326 -22.75 15.89 -15.74
N GLU A 327 -22.33 16.13 -14.49
CA GLU A 327 -21.72 15.06 -13.70
C GLU A 327 -22.69 13.94 -13.43
N ALA A 328 -23.93 14.30 -13.11
CA ALA A 328 -24.94 13.30 -12.87
C ALA A 328 -25.01 12.31 -14.02
N HIS A 329 -25.16 12.80 -15.26
CA HIS A 329 -25.36 11.89 -16.39
C HIS A 329 -24.17 10.96 -16.57
N ALA A 330 -22.95 11.47 -16.36
CA ALA A 330 -21.77 10.62 -16.52
C ALA A 330 -21.70 9.55 -15.43
N LEU A 331 -22.08 9.90 -14.21
CA LEU A 331 -22.07 8.87 -13.17
C LEU A 331 -23.10 7.81 -13.49
N ALA A 332 -24.29 8.22 -13.91
CA ALA A 332 -25.34 7.25 -14.20
C ALA A 332 -24.93 6.32 -15.33
N ARG A 333 -24.28 6.85 -16.38
CA ARG A 333 -23.81 6.00 -17.46
C ARG A 333 -22.79 5.02 -16.93
N GLU A 334 -21.89 5.47 -16.06
CA GLU A 334 -20.93 4.54 -15.47
C GLU A 334 -21.63 3.45 -14.68
N ALA A 335 -22.69 3.81 -13.95
CA ALA A 335 -23.42 2.85 -13.13
C ALA A 335 -24.18 1.83 -13.97
N SER A 336 -24.86 2.28 -15.02
CA SER A 336 -25.68 1.39 -15.82
C SER A 336 -24.86 0.33 -16.54
N CYS A 337 -23.54 0.46 -16.52
CA CYS A 337 -22.62 -0.48 -17.13
C CYS A 337 -22.44 -1.75 -16.30
N ALA A 338 -22.31 -1.59 -14.98
CA ALA A 338 -22.16 -2.71 -14.05
C ALA A 338 -22.88 -2.32 -12.77
N PRO A 339 -24.21 -2.43 -12.74
CA PRO A 339 -24.98 -1.80 -11.67
C PRO A 339 -24.86 -2.59 -10.37
N GLU A 340 -24.99 -1.85 -9.26
CA GLU A 340 -24.81 -2.44 -7.94
C GLU A 340 -25.85 -3.50 -7.63
N SER A 341 -27.05 -3.40 -8.21
CA SER A 341 -28.12 -4.29 -7.80
C SER A 341 -29.28 -4.15 -8.75
N ASP A 342 -30.24 -5.07 -8.64
CA ASP A 342 -31.44 -4.93 -9.43
C ASP A 342 -32.19 -3.68 -9.03
N ALA A 343 -32.10 -3.28 -7.75
CA ALA A 343 -32.78 -2.07 -7.34
C ALA A 343 -32.11 -0.83 -7.90
N GLU A 344 -30.79 -0.85 -7.98
CA GLU A 344 -30.10 0.26 -8.60
C GLU A 344 -30.39 0.33 -10.08
N ARG A 345 -30.43 -0.83 -10.75
CA ARG A 345 -30.94 -0.89 -12.12
C ARG A 345 -32.31 -0.22 -12.19
N GLN A 346 -33.12 -0.46 -11.18
CA GLN A 346 -34.51 -0.04 -11.27
C GLN A 346 -34.60 1.47 -11.15
N GLY A 347 -33.76 2.06 -10.32
CA GLY A 347 -33.74 3.51 -10.19
C GLY A 347 -33.00 4.23 -11.29
N LEU A 348 -31.91 3.63 -11.72
CA LEU A 348 -31.19 4.15 -12.87
C LEU A 348 -32.09 4.19 -14.10
N ALA A 349 -33.05 3.29 -14.18
CA ALA A 349 -33.95 3.32 -15.32
C ALA A 349 -34.87 4.55 -15.30
N ARG A 350 -35.05 5.19 -14.14
CA ARG A 350 -35.65 6.51 -14.09
C ARG A 350 -34.65 7.67 -14.18
N LEU A 351 -33.46 7.56 -13.59
CA LEU A 351 -32.57 8.72 -13.60
C LEU A 351 -31.98 8.97 -14.97
N LEU A 352 -31.52 7.94 -15.65
CA LEU A 352 -30.87 8.19 -16.95
C LEU A 352 -31.78 8.97 -17.90
N PRO A 353 -33.01 8.55 -18.20
CA PRO A 353 -33.80 9.26 -19.23
C PRO A 353 -34.18 10.70 -18.84
N ARG A 354 -34.35 10.98 -17.56
CA ARG A 354 -34.64 12.34 -17.15
C ARG A 354 -33.42 13.22 -17.36
N LEU A 355 -32.25 12.70 -17.02
CA LEU A 355 -31.01 13.41 -17.27
C LEU A 355 -30.75 13.56 -18.75
N GLN A 356 -30.96 12.50 -19.52
CA GLN A 356 -30.91 12.60 -20.96
C GLN A 356 -31.92 13.61 -21.46
N GLY A 357 -32.97 13.88 -20.68
CA GLY A 357 -33.88 14.97 -20.97
C GLY A 357 -33.30 16.35 -20.76
N LYS A 358 -32.81 16.65 -19.55
CA LYS A 358 -32.23 17.97 -19.32
C LYS A 358 -30.89 18.15 -20.02
N LEU A 359 -30.28 17.09 -20.50
CA LEU A 359 -29.17 17.24 -21.41
C LEU A 359 -29.71 17.00 -22.81
N GLY A 360 -28.89 17.24 -23.81
CA GLY A 360 -29.47 17.18 -25.13
C GLY A 360 -29.63 15.77 -25.66
N LEU A 361 -29.55 14.81 -24.80
CA LEU A 361 -29.43 13.51 -25.43
C LEU A 361 -30.76 12.86 -25.77
N PRO A 362 -30.74 11.91 -26.71
CA PRO A 362 -31.91 11.06 -26.94
C PRO A 362 -32.23 10.20 -25.72
N ARG A 363 -33.52 10.03 -25.47
CA ARG A 363 -34.00 9.27 -24.32
C ARG A 363 -33.74 7.78 -24.51
N GLN A 364 -33.68 7.10 -23.39
CA GLN A 364 -33.67 5.65 -23.41
C GLN A 364 -35.11 5.21 -23.20
N ALA A 365 -35.70 4.65 -24.24
CA ALA A 365 -37.07 4.17 -24.13
C ALA A 365 -37.09 3.04 -23.12
N ARG A 366 -37.83 3.19 -22.03
CA ARG A 366 -37.73 2.14 -21.05
C ARG A 366 -38.38 0.86 -21.57
N ALA A 367 -38.20 -0.19 -20.79
CA ALA A 367 -38.52 -1.55 -21.17
C ALA A 367 -40.00 -1.81 -21.16
N ALA A 368 -40.39 -2.90 -21.75
CA ALA A 368 -41.72 -3.40 -21.50
C ALA A 368 -41.84 -4.15 -20.16
N ALA A 369 -42.98 -4.00 -19.52
CA ALA A 369 -43.07 -4.77 -18.31
C ALA A 369 -44.13 -5.84 -18.49
N PRO A 370 -43.98 -7.04 -17.91
CA PRO A 370 -44.89 -8.15 -18.25
C PRO A 370 -46.36 -7.91 -17.83
N GLU A 371 -46.62 -6.87 -17.05
CA GLU A 371 -47.82 -6.48 -16.33
C GLU A 371 -48.19 -7.48 -15.23
N ILE A 372 -49.12 -7.05 -14.38
CA ILE A 372 -49.05 -7.59 -13.03
C ILE A 372 -50.38 -8.13 -12.50
N ASP A 373 -51.37 -8.35 -13.37
CA ASP A 373 -52.64 -8.93 -12.90
C ASP A 373 -53.49 -8.02 -11.98
N ARG A 374 -54.35 -7.14 -12.52
CA ARG A 374 -55.01 -6.08 -11.73
C ARG A 374 -56.37 -6.54 -11.21
N LEU A 375 -56.65 -6.19 -9.94
CA LEU A 375 -57.92 -6.51 -9.27
C LEU A 375 -58.41 -5.28 -8.53
N ASP A 376 -59.60 -4.80 -8.90
CA ASP A 376 -60.17 -3.63 -8.25
C ASP A 376 -61.38 -4.06 -7.42
N LEU A 377 -61.52 -3.45 -6.23
CA LEU A 377 -62.61 -3.71 -5.31
C LEU A 377 -63.20 -2.38 -4.87
N CYS A 378 -64.52 -2.28 -4.86
CA CYS A 378 -65.21 -1.11 -4.33
C CYS A 378 -65.82 -1.53 -3.01
N LEU A 379 -65.31 -0.98 -1.93
CA LEU A 379 -65.74 -1.34 -0.61
C LEU A 379 -66.39 -0.15 0.09
N ALA A 380 -67.36 -0.46 0.96
CA ALA A 380 -67.95 0.50 1.85
C ALA A 380 -66.90 0.99 2.85
N PHE A 381 -67.16 2.14 3.45
CA PHE A 381 -66.23 2.85 4.32
C PHE A 381 -65.81 2.01 5.54
N PRO A 382 -64.86 2.47 6.39
CA PRO A 382 -64.21 1.47 7.28
C PRO A 382 -65.06 0.49 8.15
N SER A 383 -66.02 0.84 9.04
CA SER A 383 -65.98 1.93 10.02
C SER A 383 -65.98 1.23 11.39
N GLU A 384 -64.89 1.33 12.16
CA GLU A 384 -63.80 2.25 11.89
C GLU A 384 -62.48 1.45 11.72
N PRO A 385 -61.36 2.10 11.28
CA PRO A 385 -60.17 1.34 10.83
C PRO A 385 -59.50 0.43 11.87
N CYS A 386 -59.17 -0.84 11.59
CA CYS A 386 -59.40 -1.62 10.33
C CYS A 386 -58.70 -1.18 9.03
N SER A 387 -57.45 -1.64 8.87
CA SER A 387 -56.60 -1.37 7.71
C SER A 387 -57.19 -1.92 6.42
N VAL A 388 -56.82 -1.29 5.30
CA VAL A 388 -57.35 -1.69 3.98
C VAL A 388 -56.96 -3.12 3.69
N GLU A 389 -55.80 -3.53 4.19
CA GLU A 389 -55.33 -4.88 3.94
C GLU A 389 -56.25 -5.90 4.56
N TRP A 390 -56.55 -5.76 5.86
CA TRP A 390 -57.38 -6.76 6.51
C TRP A 390 -58.72 -6.95 5.82
N ALA A 391 -59.28 -5.85 5.31
CA ALA A 391 -60.61 -5.86 4.72
C ALA A 391 -60.66 -6.73 3.47
N VAL A 392 -59.67 -6.60 2.61
CA VAL A 392 -59.57 -7.46 1.45
C VAL A 392 -59.36 -8.92 1.84
N ARG A 393 -58.81 -9.18 3.03
CA ARG A 393 -58.67 -10.58 3.43
C ARG A 393 -60.04 -11.23 3.70
N GLU A 394 -60.96 -10.53 4.38
CA GLU A 394 -62.29 -11.08 4.59
C GLU A 394 -63.10 -11.15 3.30
N HIS A 395 -62.91 -10.16 2.42
CA HIS A 395 -63.68 -10.10 1.17
C HIS A 395 -63.34 -11.30 0.28
N LEU A 396 -62.05 -11.56 0.09
CA LEU A 396 -61.54 -12.61 -0.79
C LEU A 396 -61.74 -14.04 -0.29
N GLU A 397 -62.24 -14.28 0.92
CA GLU A 397 -62.38 -15.64 1.40
C GLU A 397 -63.72 -16.27 0.98
N GLU A 398 -63.66 -17.35 0.15
CA GLU A 398 -64.80 -17.89 -0.65
C GLU A 398 -65.99 -18.60 0.02
N PRO A 399 -65.82 -19.38 1.12
CA PRO A 399 -64.85 -20.03 2.02
C PRO A 399 -64.08 -21.19 1.42
N GLY A 400 -64.48 -21.68 0.25
CA GLY A 400 -63.60 -22.60 -0.43
C GLY A 400 -62.21 -22.02 -0.71
N CYS A 401 -62.04 -20.73 -0.41
CA CYS A 401 -60.77 -20.01 -0.44
C CYS A 401 -60.35 -19.64 0.97
N ALA A 402 -59.09 -19.91 1.33
CA ALA A 402 -58.51 -19.46 2.60
C ALA A 402 -57.54 -18.31 2.32
N VAL A 403 -57.56 -17.24 3.12
CA VAL A 403 -56.70 -16.08 2.88
C VAL A 403 -55.97 -15.65 4.16
N HIS A 404 -54.67 -15.32 4.03
CA HIS A 404 -53.81 -14.96 5.15
C HIS A 404 -53.07 -13.64 4.92
N TYR A 405 -52.89 -12.85 6.02
CA TYR A 405 -52.05 -11.64 6.03
C TYR A 405 -50.68 -12.03 6.56
N VAL A 406 -49.74 -12.10 5.64
CA VAL A 406 -48.37 -12.46 5.92
C VAL A 406 -47.49 -11.59 5.01
N GLU A 407 -46.60 -10.78 5.57
CA GLU A 407 -45.78 -9.96 4.69
C GLU A 407 -44.36 -10.43 4.87
N ASN A 408 -43.83 -11.12 3.89
CA ASN A 408 -42.49 -11.69 3.92
C ASN A 408 -42.42 -12.62 5.12
N GLY A 409 -43.52 -12.72 5.87
CA GLY A 409 -43.57 -13.67 6.97
C GLY A 409 -43.54 -15.10 6.48
N LEU A 410 -44.26 -15.38 5.39
CA LEU A 410 -44.39 -16.79 5.09
C LEU A 410 -43.14 -17.30 4.38
N ILE A 411 -42.61 -16.56 3.41
CA ILE A 411 -41.42 -17.07 2.69
C ILE A 411 -40.19 -17.02 3.57
N ASN A 412 -39.96 -15.90 4.26
CA ASN A 412 -38.88 -15.89 5.24
C ASN A 412 -39.01 -17.05 6.22
N SER A 413 -40.21 -17.33 6.70
CA SER A 413 -40.32 -18.35 7.74
C SER A 413 -40.03 -19.74 7.18
N LEU A 414 -40.68 -20.12 6.07
CA LEU A 414 -40.41 -21.44 5.52
C LEU A 414 -38.91 -21.61 5.26
N PHE A 415 -38.26 -20.57 4.74
CA PHE A 415 -36.81 -20.63 4.55
C PHE A 415 -36.12 -20.83 5.88
N GLY A 416 -36.51 -20.05 6.88
CA GLY A 416 -35.84 -20.14 8.17
C GLY A 416 -35.94 -21.53 8.77
N LEU A 417 -37.07 -22.20 8.53
CA LEU A 417 -37.23 -23.53 9.07
C LEU A 417 -36.36 -24.52 8.31
N LEU A 418 -36.46 -24.54 6.97
CA LEU A 418 -35.79 -25.55 6.18
C LEU A 418 -34.28 -25.47 6.33
N CYS A 419 -33.74 -24.27 6.30
CA CYS A 419 -32.30 -24.05 6.38
C CYS A 419 -31.83 -23.76 7.79
N TRP A 420 -32.68 -23.97 8.79
CA TRP A 420 -32.30 -23.72 10.18
C TRP A 420 -30.94 -24.33 10.51
N GLU A 421 -30.75 -25.61 10.16
CA GLU A 421 -29.50 -26.27 10.55
C GLU A 421 -28.30 -25.70 9.81
N ALA A 422 -28.52 -25.07 8.66
CA ALA A 422 -27.44 -24.40 7.95
C ALA A 422 -27.17 -23.00 8.51
N ILE A 423 -28.22 -22.31 8.98
CA ILE A 423 -28.09 -20.92 9.44
C ILE A 423 -27.28 -20.84 10.73
N PHE A 424 -27.63 -21.65 11.70
CA PHE A 424 -27.00 -21.70 13.00
C PHE A 424 -25.84 -22.67 13.01
N ALA A 425 -25.42 -23.13 11.84
CA ALA A 425 -24.27 -24.00 11.80
C ALA A 425 -23.09 -23.31 12.49
N ALA A 426 -22.24 -24.12 13.06
CA ALA A 426 -21.27 -23.74 14.07
C ALA A 426 -19.98 -23.12 13.47
N ILE A 427 -20.04 -22.59 12.25
CA ILE A 427 -18.91 -21.98 11.53
C ILE A 427 -18.07 -21.07 12.40
N PRO A 428 -16.74 -21.16 12.32
CA PRO A 428 -15.88 -20.37 13.21
C PRO A 428 -16.05 -18.86 13.07
N GLY A 429 -16.13 -18.18 14.22
CA GLY A 429 -16.37 -16.75 14.35
C GLY A 429 -17.79 -16.30 14.07
N ALA A 430 -18.70 -17.23 13.78
CA ALA A 430 -20.11 -16.92 13.64
C ALA A 430 -20.83 -16.91 14.96
N PHE A 431 -20.30 -17.55 15.99
CA PHE A 431 -20.90 -17.45 17.31
C PHE A 431 -19.82 -17.32 18.38
N PHE A 432 -19.80 -16.20 19.12
CA PHE A 432 -18.95 -16.06 20.30
C PHE A 432 -19.67 -15.99 21.65
N HIS A 433 -21.01 -16.02 21.73
CA HIS A 433 -21.67 -15.93 23.02
C HIS A 433 -23.01 -16.63 22.96
N PRO A 434 -23.72 -16.78 24.08
CA PRO A 434 -25.01 -17.48 24.14
C PRO A 434 -26.21 -16.73 23.59
N PHE A 435 -26.09 -15.45 23.35
CA PHE A 435 -27.19 -14.57 23.07
C PHE A 435 -27.38 -14.26 21.58
N HIS A 436 -26.76 -15.03 20.68
CA HIS A 436 -26.90 -14.81 19.24
C HIS A 436 -28.28 -15.21 18.72
N SER A 437 -28.97 -14.21 18.19
CA SER A 437 -30.21 -14.37 17.48
C SER A 437 -30.03 -14.73 16.02
N ALA A 438 -28.88 -14.41 15.45
CA ALA A 438 -28.55 -14.85 14.11
C ALA A 438 -27.03 -14.98 14.03
N PRO A 439 -26.52 -15.77 13.10
CA PRO A 439 -25.06 -15.83 12.96
C PRO A 439 -24.49 -14.45 12.73
N ALA A 440 -23.24 -14.26 13.12
CA ALA A 440 -22.64 -12.94 12.96
C ALA A 440 -22.29 -12.68 11.52
N ASP A 441 -22.10 -13.72 10.72
CA ASP A 441 -21.68 -13.53 9.34
C ASP A 441 -22.85 -13.43 8.39
N LEU A 442 -24.08 -13.25 8.91
CA LEU A 442 -25.31 -13.37 8.10
C LEU A 442 -25.32 -12.49 6.87
N HIS A 443 -24.92 -11.24 6.98
CA HIS A 443 -24.93 -10.40 5.79
C HIS A 443 -23.62 -10.48 5.04
N SER A 444 -22.65 -11.26 5.55
CA SER A 444 -21.34 -11.41 4.93
C SER A 444 -21.46 -12.08 3.57
N ALA A 445 -20.57 -11.67 2.67
CA ALA A 445 -20.82 -11.92 1.27
C ALA A 445 -20.71 -13.39 0.92
N ASP A 446 -19.79 -14.10 1.56
CA ASP A 446 -19.61 -15.52 1.28
C ASP A 446 -20.34 -16.43 2.27
N PHE A 447 -21.17 -15.87 3.16
CA PHE A 447 -21.95 -16.60 4.15
C PHE A 447 -22.57 -17.86 3.59
N ARG A 448 -23.13 -17.76 2.38
CA ARG A 448 -23.68 -18.95 1.74
C ARG A 448 -22.58 -19.98 1.52
N GLN A 449 -21.46 -19.54 0.95
CA GLN A 449 -20.43 -20.48 0.53
C GLN A 449 -19.86 -21.27 1.71
N ARG A 450 -19.62 -20.60 2.86
CA ARG A 450 -19.08 -21.30 4.03
C ARG A 450 -19.98 -22.45 4.50
N ARG A 451 -21.29 -22.33 4.35
CA ARG A 451 -22.19 -23.39 4.80
C ARG A 451 -22.65 -24.30 3.68
N ALA A 452 -22.06 -24.12 2.48
CA ALA A 452 -22.61 -24.66 1.23
C ALA A 452 -22.96 -26.12 1.37
N ALA A 453 -22.32 -26.82 2.29
CA ALA A 453 -22.70 -28.17 2.63
C ALA A 453 -24.15 -28.25 3.08
N LEU A 454 -24.42 -27.72 4.27
CA LEU A 454 -25.73 -27.90 4.87
C LEU A 454 -26.78 -27.21 4.03
N PHE A 455 -26.38 -26.17 3.27
CA PHE A 455 -27.31 -25.50 2.37
C PHE A 455 -27.61 -26.34 1.14
N GLU A 456 -26.61 -27.05 0.61
CA GLU A 456 -26.88 -27.98 -0.47
C GLU A 456 -27.79 -29.09 0.01
N ALA A 457 -27.72 -29.45 1.30
CA ALA A 457 -28.52 -30.54 1.88
C ALA A 457 -29.96 -30.11 2.14
N CYS A 458 -30.10 -28.96 2.79
CA CYS A 458 -31.40 -28.41 3.11
C CYS A 458 -32.14 -27.99 1.85
N LEU A 459 -31.47 -27.27 0.94
CA LEU A 459 -32.07 -27.01 -0.36
C LEU A 459 -32.27 -28.29 -1.17
N GLY A 460 -31.47 -29.32 -0.89
CA GLY A 460 -31.69 -30.63 -1.49
C GLY A 460 -33.03 -31.23 -1.13
N ARG A 461 -33.49 -31.01 0.10
CA ARG A 461 -34.80 -31.55 0.45
C ARG A 461 -35.94 -31.06 -0.44
N LEU A 462 -35.75 -30.06 -1.29
CA LEU A 462 -36.81 -29.72 -2.24
C LEU A 462 -36.89 -30.70 -3.39
N GLU A 463 -35.78 -31.36 -3.71
CA GLU A 463 -35.73 -32.19 -4.90
C GLU A 463 -36.41 -33.55 -4.69
N ASP A 464 -36.10 -34.26 -3.59
CA ASP A 464 -36.93 -35.35 -3.06
C ASP A 464 -38.08 -34.77 -2.24
N GLY A 465 -38.85 -35.62 -1.56
CA GLY A 465 -40.02 -35.13 -0.84
C GLY A 465 -39.81 -34.57 0.57
N SER A 466 -38.60 -34.71 1.12
CA SER A 466 -38.34 -34.65 2.55
C SER A 466 -38.57 -33.28 3.17
N TYR A 467 -38.81 -32.24 2.38
CA TYR A 467 -38.89 -30.91 2.95
C TYR A 467 -40.15 -30.74 3.78
N ARG A 468 -41.26 -31.32 3.35
CA ARG A 468 -42.51 -31.17 4.09
C ARG A 468 -42.37 -31.65 5.52
N ASP A 469 -41.90 -32.89 5.72
CA ASP A 469 -41.66 -33.35 7.09
C ASP A 469 -40.53 -32.59 7.77
N ALA A 470 -39.48 -32.21 7.03
CA ALA A 470 -38.33 -31.58 7.68
C ALA A 470 -38.69 -30.27 8.33
N ILE A 471 -39.61 -29.55 7.71
CA ILE A 471 -40.04 -28.24 8.16
C ILE A 471 -40.92 -28.38 9.38
N ARG A 472 -41.81 -29.38 9.40
CA ARG A 472 -42.53 -29.63 10.63
C ARG A 472 -41.57 -30.11 11.72
N CYS A 473 -40.44 -30.71 11.34
CA CYS A 473 -39.47 -31.13 12.35
C CYS A 473 -38.75 -29.95 12.98
N ARG A 474 -38.14 -29.09 12.17
CA ARG A 474 -37.53 -27.93 12.78
C ARG A 474 -38.58 -27.08 13.47
N TYR A 475 -39.83 -27.11 13.00
CA TYR A 475 -40.88 -26.26 13.58
C TYR A 475 -41.31 -26.72 14.96
N ARG A 476 -41.57 -28.02 15.14
CA ARG A 476 -41.93 -28.50 16.47
C ARG A 476 -40.76 -28.36 17.44
N ASP A 477 -39.54 -28.66 16.98
CA ASP A 477 -38.38 -28.69 17.89
C ASP A 477 -37.95 -27.29 18.28
N LYS A 478 -37.82 -26.41 17.30
CA LYS A 478 -37.23 -25.09 17.50
C LYS A 478 -38.25 -23.98 17.80
N PHE A 479 -39.53 -24.30 17.99
CA PHE A 479 -40.58 -23.26 18.14
C PHE A 479 -40.25 -22.23 19.21
N GLY A 480 -40.28 -20.97 18.80
CA GLY A 480 -40.08 -19.87 19.69
C GLY A 480 -38.67 -19.37 19.81
N LEU A 481 -37.69 -20.18 19.41
CA LEU A 481 -36.30 -19.75 19.54
C LEU A 481 -36.07 -18.55 18.64
N GLN A 482 -35.23 -17.64 19.11
CA GLN A 482 -34.95 -16.45 18.34
C GLN A 482 -34.07 -16.79 17.15
N SER A 483 -34.52 -16.34 15.97
CA SER A 483 -33.90 -16.54 14.66
C SER A 483 -34.17 -15.32 13.79
N PRO A 484 -33.33 -15.09 12.78
CA PRO A 484 -33.63 -13.96 11.91
C PRO A 484 -34.89 -14.12 11.09
N PHE A 485 -35.20 -15.32 10.57
CA PHE A 485 -36.24 -15.43 9.55
C PHE A 485 -37.61 -15.97 9.99
N VAL A 486 -37.80 -16.42 11.21
CA VAL A 486 -38.96 -17.24 11.50
C VAL A 486 -39.94 -16.48 12.36
N TYR A 487 -41.11 -16.18 11.82
CA TYR A 487 -42.09 -15.39 12.58
C TYR A 487 -43.08 -16.36 13.20
N TRP A 488 -42.85 -16.73 14.45
CA TRP A 488 -43.71 -17.75 15.04
C TRP A 488 -45.09 -17.19 15.29
N GLU A 489 -45.14 -15.90 15.62
CA GLU A 489 -46.38 -15.17 15.74
C GLU A 489 -47.26 -15.41 14.53
N LEU A 490 -46.67 -15.37 13.34
CA LEU A 490 -47.44 -15.42 12.11
C LEU A 490 -47.89 -16.83 11.76
N LEU A 491 -47.06 -17.82 12.09
CA LEU A 491 -47.11 -19.12 11.45
C LEU A 491 -47.91 -20.05 12.36
N GLY A 492 -49.20 -20.20 12.04
CA GLY A 492 -50.08 -21.10 12.75
C GLY A 492 -50.05 -22.46 12.13
N GLU A 493 -50.62 -23.44 12.84
CA GLU A 493 -50.64 -24.78 12.27
C GLU A 493 -51.36 -24.78 10.92
N GLU A 494 -52.47 -24.04 10.84
CA GLU A 494 -53.25 -24.00 9.59
C GLU A 494 -52.43 -23.43 8.44
N LEU A 495 -51.74 -22.32 8.69
CA LEU A 495 -50.93 -21.73 7.64
C LEU A 495 -49.72 -22.59 7.30
N LEU A 496 -49.06 -23.20 8.30
CA LEU A 496 -47.90 -24.01 7.98
C LEU A 496 -48.27 -25.18 7.08
N GLU A 497 -49.27 -25.96 7.47
CA GLU A 497 -49.62 -27.10 6.63
C GLU A 497 -50.42 -26.71 5.39
N GLN A 498 -51.21 -25.64 5.41
CA GLN A 498 -51.81 -25.17 4.16
C GLN A 498 -50.74 -24.79 3.16
N ALA A 499 -49.75 -24.03 3.60
CA ALA A 499 -48.68 -23.61 2.70
C ALA A 499 -47.85 -24.81 2.23
N LEU A 500 -47.57 -25.75 3.13
CA LEU A 500 -46.70 -26.86 2.74
C LEU A 500 -47.28 -27.70 1.62
N ASP A 501 -48.59 -27.84 1.57
CA ASP A 501 -49.22 -28.61 0.52
C ASP A 501 -49.72 -27.79 -0.67
N CYS A 502 -49.82 -26.47 -0.55
CA CYS A 502 -50.18 -25.65 -1.72
C CYS A 502 -49.01 -24.89 -2.35
N LEU A 503 -47.82 -24.94 -1.75
CA LEU A 503 -46.66 -24.29 -2.33
C LEU A 503 -45.77 -25.30 -2.99
N PRO A 504 -45.56 -25.11 -4.28
CA PRO A 504 -44.72 -26.02 -5.09
C PRO A 504 -43.28 -26.11 -4.60
N ALA A 505 -42.76 -27.33 -4.60
CA ALA A 505 -41.37 -27.52 -4.21
C ALA A 505 -40.45 -26.64 -5.04
N ALA A 506 -40.71 -26.55 -6.35
CA ALA A 506 -39.84 -25.80 -7.23
C ALA A 506 -39.92 -24.29 -7.02
N HIS A 507 -41.12 -23.77 -6.71
CA HIS A 507 -41.22 -22.33 -6.45
C HIS A 507 -40.50 -21.97 -5.16
N LEU A 508 -40.60 -22.84 -4.15
CA LEU A 508 -39.83 -22.64 -2.94
C LEU A 508 -38.34 -22.64 -3.27
N ARG A 509 -37.88 -23.54 -4.14
CA ARG A 509 -36.49 -23.48 -4.53
C ARG A 509 -36.14 -22.11 -5.10
N ALA A 510 -37.00 -21.58 -5.97
CA ALA A 510 -36.72 -20.27 -6.58
C ALA A 510 -36.63 -19.15 -5.55
N TRP A 511 -37.65 -19.03 -4.68
CA TRP A 511 -37.68 -17.95 -3.69
C TRP A 511 -36.53 -18.06 -2.71
N PHE A 512 -36.23 -19.28 -2.24
CA PHE A 512 -35.15 -19.43 -1.28
C PHE A 512 -33.82 -19.15 -1.96
N GLU A 513 -33.67 -19.46 -3.24
CA GLU A 513 -32.41 -19.09 -3.89
C GLU A 513 -32.31 -17.57 -4.04
N ARG A 514 -33.42 -16.88 -4.40
CA ARG A 514 -33.39 -15.43 -4.55
C ARG A 514 -33.10 -14.74 -3.23
N LEU A 515 -33.63 -15.28 -2.15
CA LEU A 515 -33.41 -14.73 -0.81
C LEU A 515 -31.94 -14.74 -0.45
N LEU A 516 -31.22 -15.79 -0.84
CA LEU A 516 -29.80 -15.94 -0.59
C LEU A 516 -28.95 -15.01 -1.42
N GLU A 517 -29.49 -14.49 -2.52
CA GLU A 517 -28.62 -13.71 -3.40
C GLU A 517 -28.29 -12.35 -2.77
N ASP A 518 -29.28 -11.69 -2.17
CA ASP A 518 -29.04 -10.47 -1.37
C ASP A 518 -29.89 -10.62 -0.13
N ILE A 519 -29.27 -10.94 0.99
CA ILE A 519 -30.08 -11.20 2.18
C ILE A 519 -30.72 -9.89 2.62
N PRO A 520 -29.99 -8.79 2.77
CA PRO A 520 -30.65 -7.57 3.21
C PRO A 520 -31.58 -7.00 2.18
N GLY A 521 -31.23 -7.14 0.92
CA GLY A 521 -31.99 -6.50 -0.13
C GLY A 521 -33.17 -7.32 -0.61
N ASN A 522 -33.11 -8.63 -0.46
CA ASN A 522 -34.27 -9.39 -0.85
C ASN A 522 -35.16 -9.86 0.31
N ARG A 523 -34.90 -9.56 1.57
CA ARG A 523 -35.86 -10.18 2.48
C ARG A 523 -37.14 -9.39 2.63
N ALA A 524 -37.30 -8.24 1.98
CA ALA A 524 -38.61 -7.62 2.00
C ALA A 524 -39.04 -7.24 0.59
N GLY A 525 -40.26 -6.71 0.56
CA GLY A 525 -40.98 -6.40 -0.65
C GLY A 525 -42.16 -7.30 -0.87
N LEU A 526 -42.32 -8.31 -0.03
CA LEU A 526 -43.30 -9.32 -0.33
C LEU A 526 -44.71 -8.79 -0.11
N PRO A 527 -45.68 -9.48 -0.70
CA PRO A 527 -47.05 -9.00 -0.70
C PRO A 527 -47.77 -9.12 0.63
N ASP A 528 -48.89 -8.39 0.70
CA ASP A 528 -49.67 -8.31 1.92
C ASP A 528 -50.31 -9.66 2.28
N LEU A 529 -50.74 -10.41 1.27
CA LEU A 529 -51.59 -11.58 1.45
C LEU A 529 -51.09 -12.78 0.65
N ILE A 530 -51.50 -13.95 1.11
CA ILE A 530 -51.41 -15.17 0.30
C ILE A 530 -52.72 -15.91 0.52
N GLN A 531 -53.29 -16.41 -0.58
CA GLN A 531 -54.54 -17.17 -0.52
C GLN A 531 -54.33 -18.57 -1.08
N PHE A 532 -55.00 -19.52 -0.46
CA PHE A 532 -54.89 -20.93 -0.76
C PHE A 532 -56.26 -21.47 -1.16
N TRP A 533 -56.26 -22.29 -2.22
CA TRP A 533 -57.42 -23.10 -2.63
C TRP A 533 -56.91 -24.53 -2.47
N PRO A 534 -57.03 -25.13 -1.28
CA PRO A 534 -56.40 -26.45 -1.07
C PRO A 534 -56.99 -27.57 -1.93
N ALA A 535 -58.27 -27.48 -2.29
CA ALA A 535 -58.88 -28.51 -3.13
C ALA A 535 -58.23 -28.56 -4.50
N GLN A 536 -57.89 -27.41 -5.06
CA GLN A 536 -57.15 -27.34 -6.31
C GLN A 536 -55.66 -27.14 -6.06
N ARG A 537 -55.24 -27.25 -4.78
CA ARG A 537 -53.84 -27.14 -4.34
C ARG A 537 -53.14 -25.97 -5.04
N ARG A 538 -53.84 -24.83 -5.04
CA ARG A 538 -53.43 -23.59 -5.68
C ARG A 538 -53.18 -22.54 -4.61
N TYR A 539 -52.42 -21.51 -4.99
CA TYR A 539 -52.24 -20.34 -4.14
C TYR A 539 -52.10 -19.12 -5.04
N ARG A 540 -52.28 -17.96 -4.45
CA ARG A 540 -51.93 -16.73 -5.14
C ARG A 540 -51.56 -15.70 -4.08
N MET A 541 -50.51 -14.94 -4.33
CA MET A 541 -50.14 -13.88 -3.40
C MET A 541 -50.73 -12.57 -3.90
N VAL A 542 -51.27 -11.77 -2.99
CA VAL A 542 -52.04 -10.57 -3.35
C VAL A 542 -51.48 -9.39 -2.60
N GLU A 543 -51.05 -8.36 -3.33
CA GLU A 543 -50.70 -7.11 -2.68
C GLU A 543 -51.86 -6.15 -2.74
N VAL A 544 -52.25 -5.61 -1.59
CA VAL A 544 -53.35 -4.67 -1.50
C VAL A 544 -52.80 -3.28 -1.38
N LYS A 545 -53.32 -2.37 -2.19
CA LYS A 545 -52.92 -0.98 -2.14
C LYS A 545 -54.17 -0.15 -1.96
N GLY A 546 -54.28 0.50 -0.81
CA GLY A 546 -55.32 1.47 -0.65
C GLY A 546 -54.96 2.67 -1.47
N PRO A 547 -55.88 3.62 -1.58
CA PRO A 547 -55.51 4.88 -2.22
C PRO A 547 -54.48 5.55 -1.33
N GLY A 548 -53.46 6.12 -1.95
CA GLY A 548 -52.36 6.74 -1.22
C GLY A 548 -51.18 5.83 -0.93
N ASP A 549 -51.07 4.68 -1.60
CA ASP A 549 -49.87 3.85 -1.68
C ASP A 549 -49.75 3.42 -3.14
N ARG A 550 -48.53 3.39 -3.65
CA ARG A 550 -48.25 2.72 -4.91
C ARG A 550 -47.37 1.53 -4.64
N LEU A 551 -47.11 0.77 -5.67
CA LEU A 551 -46.24 -0.37 -5.49
C LEU A 551 -44.83 0.16 -5.26
N GLN A 552 -44.21 -0.25 -4.16
CA GLN A 552 -42.84 0.14 -3.90
C GLN A 552 -41.88 -0.58 -4.84
N ASP A 553 -40.66 -0.05 -4.94
CA ASP A 553 -39.72 -0.61 -5.91
C ASP A 553 -39.36 -2.05 -5.59
N ASN A 554 -39.02 -2.33 -4.32
CA ASN A 554 -38.68 -3.70 -3.94
C ASN A 554 -39.88 -4.61 -4.09
N GLN A 555 -41.07 -4.11 -3.74
CA GLN A 555 -42.30 -4.86 -4.00
C GLN A 555 -42.42 -5.21 -5.47
N LEU A 556 -42.19 -4.24 -6.33
CA LEU A 556 -42.27 -4.48 -7.76
C LEU A 556 -41.30 -5.55 -8.19
N ARG A 557 -40.10 -5.55 -7.61
CA ARG A 557 -39.14 -6.58 -7.96
C ARG A 557 -39.67 -7.93 -7.56
N TRP A 558 -40.30 -8.01 -6.40
CA TRP A 558 -40.77 -9.31 -5.96
C TRP A 558 -41.90 -9.81 -6.86
N LEU A 559 -42.90 -8.98 -7.11
CA LEU A 559 -43.97 -9.33 -8.04
C LEU A 559 -43.44 -9.72 -9.41
N GLN A 560 -42.56 -8.91 -9.97
CA GLN A 560 -42.16 -9.20 -11.33
C GLN A 560 -41.29 -10.43 -11.40
N PHE A 561 -40.48 -10.66 -10.37
CA PHE A 561 -39.70 -11.90 -10.32
C PHE A 561 -40.61 -13.10 -10.33
N CYS A 562 -41.69 -13.05 -9.55
CA CYS A 562 -42.62 -14.17 -9.63
C CYS A 562 -43.23 -14.24 -11.00
N ARG A 563 -43.55 -13.08 -11.58
CA ARG A 563 -44.36 -13.08 -12.78
C ARG A 563 -43.60 -13.58 -14.00
N GLU A 564 -42.27 -13.36 -14.04
CA GLU A 564 -41.40 -13.94 -15.06
C GLU A 564 -41.30 -15.44 -14.87
N ARG A 565 -41.43 -15.90 -13.61
CA ARG A 565 -41.39 -17.32 -13.25
C ARG A 565 -42.76 -17.97 -13.36
N GLU A 566 -43.75 -17.24 -13.84
CA GLU A 566 -45.13 -17.71 -13.96
C GLU A 566 -45.63 -18.29 -12.64
N MET A 567 -45.38 -17.50 -11.50
CA MET A 567 -45.97 -17.62 -10.18
C MET A 567 -47.16 -16.68 -10.01
N PRO A 568 -48.15 -17.20 -9.33
CA PRO A 568 -49.42 -16.48 -9.15
C PRO A 568 -49.46 -15.30 -8.17
N VAL A 569 -49.15 -14.10 -8.63
CA VAL A 569 -49.27 -12.91 -7.79
C VAL A 569 -50.27 -11.95 -8.41
N ALA A 570 -50.90 -11.12 -7.56
CA ALA A 570 -51.77 -10.08 -8.08
C ALA A 570 -51.88 -8.87 -7.14
N VAL A 571 -52.15 -7.71 -7.73
CA VAL A 571 -52.22 -6.44 -7.02
C VAL A 571 -53.67 -5.96 -6.99
N CYS A 572 -54.21 -5.81 -5.78
CA CYS A 572 -55.59 -5.41 -5.56
C CYS A 572 -55.62 -3.96 -5.14
N TYR A 573 -56.13 -3.08 -6.00
CA TYR A 573 -56.28 -1.67 -5.67
C TYR A 573 -57.71 -1.38 -5.26
N VAL A 574 -57.90 -0.78 -4.08
CA VAL A 574 -59.23 -0.57 -3.48
C VAL A 574 -59.57 0.93 -3.53
N ARG A 575 -60.82 1.24 -3.94
CA ARG A 575 -61.48 2.55 -3.85
C ARG A 575 -62.69 2.47 -2.91
N TRP A 576 -63.08 3.64 -2.37
CA TRP A 576 -64.19 3.72 -1.42
C TRP A 576 -65.43 4.37 -2.03
N HIS A 577 -66.59 3.96 -1.54
CA HIS A 577 -67.86 4.58 -1.92
C HIS A 577 -69.01 4.05 -1.06
N PRO B 38 41.00 -44.51 -19.06
CA PRO B 38 39.69 -44.73 -18.43
C PRO B 38 39.56 -44.03 -17.07
N GLU B 39 38.59 -43.13 -16.99
CA GLU B 39 38.26 -42.43 -15.76
C GLU B 39 37.35 -43.33 -14.94
N PRO B 40 37.81 -43.86 -13.81
CA PRO B 40 36.96 -44.80 -13.05
C PRO B 40 35.80 -44.17 -12.28
N PHE B 41 36.14 -43.24 -11.39
CA PHE B 41 35.24 -42.58 -10.46
C PHE B 41 34.85 -41.16 -10.81
N TYR B 42 35.07 -40.69 -12.03
CA TYR B 42 34.95 -39.26 -12.34
C TYR B 42 33.79 -38.55 -11.67
N TYR B 43 32.66 -39.24 -11.50
CA TYR B 43 31.51 -38.60 -10.87
C TYR B 43 31.81 -38.27 -9.41
N LEU B 44 32.56 -39.11 -8.73
CA LEU B 44 32.88 -38.81 -7.34
C LEU B 44 34.02 -37.80 -7.25
N HIS B 45 35.03 -37.90 -8.13
CA HIS B 45 36.10 -36.91 -8.15
C HIS B 45 35.51 -35.51 -8.23
N ASN B 46 34.59 -35.30 -9.19
CA ASN B 46 33.97 -34.00 -9.41
C ASN B 46 33.14 -33.56 -8.22
N PHE B 47 32.53 -34.51 -7.51
CA PHE B 47 31.67 -34.16 -6.38
C PHE B 47 32.51 -33.69 -5.20
N ARG B 48 33.53 -34.47 -4.85
CA ARG B 48 34.43 -34.01 -3.82
C ARG B 48 35.06 -32.67 -4.22
N ALA B 49 35.31 -32.50 -5.51
CA ALA B 49 35.76 -31.21 -5.99
C ALA B 49 34.76 -30.13 -5.58
N VAL B 50 33.47 -30.36 -5.83
CA VAL B 50 32.54 -29.29 -5.49
C VAL B 50 32.47 -29.09 -3.98
N LEU B 51 32.61 -30.14 -3.17
CA LEU B 51 32.60 -29.92 -1.73
C LEU B 51 33.74 -29.02 -1.29
N ALA B 52 34.94 -29.23 -1.83
CA ALA B 52 36.04 -28.33 -1.50
C ALA B 52 35.71 -26.90 -1.95
N TRP B 53 35.24 -26.75 -3.19
CA TRP B 53 34.93 -25.41 -3.71
C TRP B 53 33.96 -24.67 -2.79
N ILE B 54 32.85 -25.33 -2.45
CA ILE B 54 31.89 -24.73 -1.52
C ILE B 54 32.56 -24.51 -0.18
N GLY B 55 33.56 -25.34 0.13
CA GLY B 55 34.27 -25.18 1.37
C GLY B 55 34.98 -23.85 1.49
N GLU B 56 35.74 -23.46 0.46
CA GLU B 56 36.44 -22.20 0.66
C GLU B 56 35.57 -21.00 0.32
N ARG B 57 34.83 -21.04 -0.79
CA ARG B 57 34.21 -19.81 -1.24
C ARG B 57 32.97 -19.45 -0.42
N TYR B 58 32.17 -20.45 -0.07
CA TYR B 58 30.96 -20.28 0.70
C TYR B 58 31.15 -20.60 2.18
N ALA B 59 32.41 -20.76 2.63
CA ALA B 59 32.70 -21.14 4.01
C ALA B 59 31.84 -20.38 5.02
N ASP B 60 31.80 -19.05 4.88
CA ASP B 60 31.05 -18.21 5.80
C ASP B 60 29.54 -18.42 5.68
N LEU B 61 29.08 -19.11 4.64
CA LEU B 61 27.66 -19.37 4.45
C LEU B 61 27.21 -20.70 5.04
N LEU B 62 28.14 -21.57 5.43
CA LEU B 62 27.74 -22.87 5.96
C LEU B 62 27.29 -22.76 7.40
N ASP B 63 26.44 -23.71 7.80
CA ASP B 63 25.93 -23.83 9.17
C ASP B 63 26.50 -25.14 9.75
N ASP B 64 26.08 -25.49 10.97
CA ASP B 64 26.59 -26.72 11.56
C ASP B 64 26.16 -27.96 10.78
N GLN B 65 24.86 -28.08 10.47
CA GLN B 65 24.40 -29.26 9.73
C GLN B 65 25.24 -29.50 8.50
N GLU B 66 25.51 -28.44 7.73
CA GLU B 66 26.18 -28.57 6.45
C GLU B 66 27.65 -28.93 6.64
N ARG B 67 28.37 -28.12 7.42
CA ARG B 67 29.80 -28.32 7.59
C ARG B 67 30.06 -29.71 8.16
N ALA B 68 29.17 -30.15 9.06
CA ALA B 68 29.23 -31.50 9.60
C ALA B 68 28.99 -32.54 8.52
N PHE B 69 28.14 -32.22 7.54
CA PHE B 69 27.96 -33.15 6.42
C PHE B 69 29.24 -33.26 5.59
N ILE B 70 29.80 -32.12 5.16
CA ILE B 70 31.01 -32.20 4.34
C ILE B 70 32.07 -32.97 5.08
N ALA B 71 32.14 -32.74 6.40
CA ALA B 71 33.07 -33.46 7.27
C ALA B 71 32.78 -34.96 7.29
N ALA B 72 31.50 -35.33 7.48
CA ALA B 72 31.13 -36.74 7.60
C ALA B 72 31.35 -37.50 6.29
N PHE B 73 31.16 -36.81 5.16
CA PHE B 73 31.27 -37.46 3.86
C PHE B 73 32.68 -38.00 3.65
N ALA B 74 33.70 -37.18 3.93
CA ALA B 74 35.07 -37.58 3.64
C ALA B 74 35.47 -38.82 4.43
N GLU B 75 34.82 -39.05 5.58
CA GLU B 75 35.13 -40.18 6.44
C GLU B 75 34.47 -41.48 5.98
N LEU B 76 33.58 -41.41 5.01
CA LEU B 76 32.92 -42.61 4.52
C LEU B 76 33.90 -43.46 3.70
N PRO B 77 33.71 -44.79 3.67
CA PRO B 77 34.49 -45.61 2.74
C PRO B 77 34.28 -45.17 1.29
N GLU B 78 35.23 -45.54 0.42
CA GLU B 78 35.14 -45.09 -0.98
C GLU B 78 33.90 -45.66 -1.68
N ALA B 79 33.59 -46.93 -1.43
CA ALA B 79 32.41 -47.54 -2.05
C ALA B 79 31.13 -46.84 -1.59
N SER B 80 31.01 -46.56 -0.28
CA SER B 80 29.75 -46.05 0.23
C SER B 80 29.52 -44.60 -0.18
N GLN B 81 30.53 -43.73 -0.04
CA GLN B 81 30.40 -42.34 -0.49
C GLN B 81 30.17 -42.25 -2.00
N ALA B 82 30.67 -43.22 -2.78
CA ALA B 82 30.43 -43.23 -4.21
C ALA B 82 28.97 -43.53 -4.54
N LEU B 83 28.34 -44.47 -3.81
CA LEU B 83 26.93 -44.78 -4.04
C LEU B 83 26.05 -43.54 -3.85
N LEU B 84 26.29 -42.78 -2.79
CA LEU B 84 25.49 -41.60 -2.49
C LEU B 84 25.46 -40.63 -3.67
N VAL B 85 26.59 -40.47 -4.36
CA VAL B 85 26.63 -39.55 -5.49
C VAL B 85 25.79 -40.08 -6.64
N ARG B 86 25.79 -41.40 -6.84
CA ARG B 86 24.93 -41.99 -7.88
C ARG B 86 23.46 -41.64 -7.64
N MET B 87 22.98 -41.82 -6.40
CA MET B 87 21.58 -41.55 -6.08
C MET B 87 21.24 -40.06 -6.18
N VAL B 88 22.16 -39.19 -5.76
CA VAL B 88 21.91 -37.76 -5.91
C VAL B 88 21.81 -37.39 -7.37
N MET B 89 22.60 -38.04 -8.21
CA MET B 89 22.60 -37.69 -9.62
C MET B 89 21.47 -38.31 -10.43
N ARG B 90 20.76 -39.30 -9.89
CA ARG B 90 19.65 -39.86 -10.64
C ARG B 90 18.33 -39.23 -10.19
N LYS B 91 17.33 -39.42 -11.05
CA LYS B 91 16.11 -38.60 -11.05
C LYS B 91 15.40 -38.72 -9.73
N GLY B 92 15.26 -39.95 -9.25
CA GLY B 92 14.50 -40.22 -8.05
C GLY B 92 15.15 -39.74 -6.77
N THR B 93 14.33 -39.82 -5.73
CA THR B 93 14.84 -39.98 -4.38
C THR B 93 14.73 -41.44 -3.88
N LEU B 94 14.13 -42.34 -4.68
CA LEU B 94 13.83 -43.73 -4.32
C LEU B 94 14.43 -44.71 -5.32
N PHE B 95 14.96 -45.82 -4.82
CA PHE B 95 15.61 -46.81 -5.67
C PHE B 95 15.46 -48.22 -5.11
N ARG B 96 15.18 -49.17 -6.00
CA ARG B 96 15.25 -50.58 -5.64
C ARG B 96 16.69 -51.00 -5.54
N GLU B 97 17.00 -51.85 -4.58
CA GLU B 97 18.35 -52.36 -4.49
C GLU B 97 18.82 -52.91 -5.83
N GLY B 98 17.89 -53.38 -6.67
CA GLY B 98 18.30 -54.02 -7.91
C GLY B 98 18.85 -53.07 -8.94
N LYS B 99 18.24 -51.88 -9.07
CA LYS B 99 18.65 -50.95 -10.11
C LYS B 99 19.88 -50.14 -9.74
N LEU B 100 20.44 -50.33 -8.54
CA LEU B 100 21.62 -49.60 -8.09
C LEU B 100 22.92 -50.39 -8.30
N ALA B 101 22.90 -51.45 -9.12
CA ALA B 101 24.13 -52.21 -9.38
C ALA B 101 25.19 -51.42 -10.16
N TYR B 102 26.41 -51.34 -9.62
CA TYR B 102 27.54 -50.68 -10.27
C TYR B 102 28.84 -51.44 -10.04
N ALA B 103 29.68 -51.50 -11.07
CA ALA B 103 30.93 -52.24 -10.96
C ALA B 103 31.90 -51.52 -10.05
N GLU B 104 31.94 -50.19 -10.10
CA GLU B 104 32.86 -49.43 -9.27
C GLU B 104 32.52 -49.54 -7.77
N ILE B 105 31.26 -49.80 -7.43
CA ILE B 105 30.85 -49.86 -6.02
C ILE B 105 30.79 -51.27 -5.43
N GLY B 106 30.87 -52.32 -6.25
CA GLY B 106 30.74 -53.68 -5.71
C GLY B 106 29.37 -54.09 -5.21
N ASP B 107 29.22 -54.31 -3.90
CA ASP B 107 27.96 -54.76 -3.36
C ASP B 107 27.14 -53.53 -2.97
N THR B 108 25.90 -53.47 -3.45
CA THR B 108 25.05 -52.33 -3.13
C THR B 108 24.62 -52.34 -1.67
N ARG B 109 24.22 -53.52 -1.17
CA ARG B 109 23.74 -53.58 0.21
C ARG B 109 24.87 -53.33 1.20
N ALA B 110 26.10 -53.75 0.86
CA ALA B 110 27.25 -53.47 1.71
C ALA B 110 27.60 -51.99 1.68
N ALA B 111 27.66 -51.40 0.49
CA ALA B 111 28.06 -50.00 0.41
C ALA B 111 27.07 -49.08 1.08
N VAL B 112 25.79 -49.45 1.09
CA VAL B 112 24.76 -48.53 1.58
C VAL B 112 24.73 -48.47 3.10
N GLN B 113 25.49 -49.33 3.78
CA GLN B 113 25.41 -49.41 5.24
C GLN B 113 25.90 -48.15 5.94
N PRO B 114 27.11 -47.64 5.71
CA PRO B 114 27.52 -46.43 6.44
C PRO B 114 26.63 -45.24 6.18
N LEU B 115 25.85 -45.27 5.07
CA LEU B 115 24.83 -44.27 4.78
C LEU B 115 23.57 -44.49 5.61
N LEU B 116 23.19 -45.76 5.79
CA LEU B 116 22.08 -46.09 6.67
C LEU B 116 22.42 -45.74 8.11
N ALA B 117 23.70 -45.88 8.49
CA ALA B 117 24.12 -45.59 9.85
C ALA B 117 24.08 -44.09 10.14
N LEU B 118 24.37 -43.26 9.14
CA LEU B 118 24.19 -41.83 9.28
C LEU B 118 22.74 -41.42 9.17
N GLY B 119 21.84 -42.37 8.85
CA GLY B 119 20.46 -42.07 8.56
C GLY B 119 20.24 -41.41 7.21
N TRP B 120 21.27 -41.32 6.38
CA TRP B 120 21.17 -40.64 5.09
C TRP B 120 20.39 -41.43 4.05
N VAL B 121 20.24 -42.73 4.21
CA VAL B 121 19.39 -43.50 3.33
C VAL B 121 18.47 -44.35 4.18
N ASP B 122 17.18 -44.29 3.90
CA ASP B 122 16.21 -45.15 4.57
C ASP B 122 16.05 -46.41 3.73
N ALA B 123 16.00 -47.57 4.39
CA ALA B 123 15.35 -48.72 3.80
C ALA B 123 13.99 -48.81 4.47
N GLN B 124 13.16 -49.73 4.01
CA GLN B 124 11.73 -49.74 4.32
C GLN B 124 11.15 -48.32 4.46
N PRO B 125 11.27 -47.47 3.44
CA PRO B 125 10.68 -46.13 3.53
C PRO B 125 9.17 -46.21 3.41
N THR B 126 8.53 -45.06 3.46
CA THR B 126 7.09 -45.00 3.32
C THR B 126 6.79 -44.62 1.89
N LEU B 127 5.98 -45.43 1.21
CA LEU B 127 5.67 -45.24 -0.21
C LEU B 127 4.17 -45.08 -0.45
N GLU B 128 3.79 -43.97 -1.08
CA GLU B 128 2.45 -43.74 -1.60
C GLU B 128 2.17 -44.66 -2.77
N LEU B 129 0.88 -44.84 -3.09
CA LEU B 129 0.52 -45.76 -4.17
C LEU B 129 1.18 -45.38 -5.48
N ALA B 130 1.13 -44.10 -5.82
CA ALA B 130 1.72 -43.67 -7.09
C ALA B 130 3.23 -43.93 -7.13
N GLN B 131 3.89 -43.85 -5.98
CA GLN B 131 5.33 -44.06 -5.98
C GLN B 131 5.64 -45.50 -6.30
N LEU B 132 4.83 -46.42 -5.74
CA LEU B 132 4.99 -47.85 -5.95
C LEU B 132 4.83 -48.22 -7.42
N PHE B 133 3.96 -47.51 -8.14
CA PHE B 133 3.77 -47.70 -9.58
C PHE B 133 4.95 -47.17 -10.41
N GLY B 134 5.79 -46.33 -9.84
CA GLY B 134 7.02 -46.00 -10.50
C GLY B 134 8.06 -47.08 -10.26
N LEU B 135 8.17 -47.53 -9.02
CA LEU B 135 9.30 -48.38 -8.70
C LEU B 135 9.19 -49.73 -9.39
N LEU B 136 7.98 -50.24 -9.57
CA LEU B 136 7.78 -51.63 -9.98
C LEU B 136 7.36 -51.80 -11.42
N LYS B 137 7.61 -53.03 -11.90
CA LYS B 137 7.13 -53.51 -13.18
C LYS B 137 5.60 -53.60 -13.16
N LYS B 138 5.00 -53.68 -14.36
CA LYS B 138 3.58 -53.97 -14.42
C LYS B 138 3.28 -55.39 -13.94
N ASP B 139 4.23 -56.33 -14.17
CA ASP B 139 4.14 -57.70 -13.66
C ASP B 139 4.01 -57.73 -12.15
N GLU B 140 5.00 -57.15 -11.47
CA GLU B 140 5.06 -57.19 -10.02
C GLU B 140 3.83 -56.55 -9.39
N LEU B 141 3.36 -55.44 -9.95
CA LEU B 141 2.26 -54.72 -9.31
C LEU B 141 0.95 -55.51 -9.36
N SER B 142 0.62 -56.11 -10.51
CA SER B 142 -0.67 -56.80 -10.61
C SER B 142 -0.83 -57.89 -9.54
N GLN B 143 0.23 -58.66 -9.27
CA GLN B 143 0.15 -59.68 -8.24
C GLN B 143 -0.04 -59.10 -6.83
N LEU B 144 0.38 -57.85 -6.58
CA LEU B 144 0.15 -57.20 -5.27
C LEU B 144 -1.33 -56.81 -5.08
N PHE B 145 -1.91 -56.15 -6.08
CA PHE B 145 -3.29 -55.71 -6.07
C PHE B 145 -4.21 -56.70 -6.77
N ARG B 146 -3.72 -57.94 -6.97
CA ARG B 146 -4.44 -58.97 -7.69
C ARG B 146 -5.90 -59.05 -7.26
N ASP B 147 -6.17 -58.86 -5.98
CA ASP B 147 -7.55 -58.97 -5.52
C ASP B 147 -8.43 -57.89 -6.11
N HIS B 148 -8.00 -56.62 -6.04
CA HIS B 148 -8.98 -55.57 -6.31
C HIS B 148 -9.29 -55.36 -7.75
N LEU B 149 -8.35 -55.09 -8.62
CA LEU B 149 -8.85 -55.12 -9.98
C LEU B 149 -8.11 -56.19 -10.75
N GLY B 150 -8.78 -57.34 -10.77
CA GLY B 150 -8.69 -58.40 -11.74
C GLY B 150 -9.96 -58.27 -12.54
N ARG B 151 -10.64 -57.12 -12.48
CA ARG B 151 -11.99 -56.90 -12.96
C ARG B 151 -11.80 -56.84 -14.46
N ALA B 152 -11.05 -55.85 -14.87
CA ALA B 152 -10.59 -55.73 -16.23
C ALA B 152 -9.09 -55.49 -16.14
N ASN B 153 -8.35 -56.21 -16.99
CA ASN B 153 -6.94 -55.93 -17.19
C ASN B 153 -6.83 -54.76 -18.15
N LEU B 154 -6.00 -53.78 -17.80
CA LEU B 154 -6.00 -52.50 -18.48
C LEU B 154 -4.62 -51.88 -18.31
N ARG B 155 -4.48 -50.64 -18.77
CA ARG B 155 -3.14 -50.07 -18.84
C ARG B 155 -2.66 -49.71 -17.43
N LYS B 156 -1.41 -49.25 -17.34
CA LYS B 156 -0.81 -49.03 -16.05
C LYS B 156 -1.35 -47.75 -15.39
N ASP B 157 -1.47 -46.64 -16.15
CA ASP B 157 -2.10 -45.45 -15.59
C ASP B 157 -3.55 -45.72 -15.20
N ALA B 158 -4.20 -46.66 -15.88
CA ALA B 158 -5.62 -46.95 -15.60
C ALA B 158 -5.79 -47.79 -14.35
N LEU B 159 -4.92 -48.79 -14.18
CA LEU B 159 -4.87 -49.51 -12.90
C LEU B 159 -4.58 -48.55 -11.75
N LEU B 160 -3.68 -47.58 -11.97
CA LEU B 160 -3.44 -46.60 -10.92
C LEU B 160 -4.69 -45.81 -10.59
N GLU B 161 -5.42 -45.35 -11.62
CA GLU B 161 -6.66 -44.60 -11.38
C GLU B 161 -7.68 -45.41 -10.61
N ARG B 162 -7.89 -46.67 -11.03
CA ARG B 162 -8.85 -47.53 -10.36
C ARG B 162 -8.35 -48.03 -9.01
N LEU B 163 -7.05 -48.01 -8.76
CA LEU B 163 -6.46 -48.48 -7.51
C LEU B 163 -6.22 -47.37 -6.48
N GLN B 164 -6.26 -46.11 -6.91
CA GLN B 164 -5.95 -44.99 -6.02
C GLN B 164 -7.02 -44.79 -4.96
N PRO B 165 -8.32 -44.83 -5.28
CA PRO B 165 -9.32 -44.64 -4.22
C PRO B 165 -9.21 -45.64 -3.11
N LEU B 166 -8.73 -46.83 -3.43
CA LEU B 166 -8.69 -47.90 -2.43
C LEU B 166 -7.47 -47.80 -1.54
N PHE B 167 -6.30 -47.46 -2.09
CA PHE B 167 -5.08 -47.35 -1.31
C PHE B 167 -4.55 -45.93 -1.37
N PRO B 168 -5.29 -44.99 -0.77
CA PRO B 168 -4.79 -43.63 -0.74
C PRO B 168 -3.61 -43.50 0.18
N GLU B 169 -3.65 -44.22 1.31
CA GLU B 169 -2.63 -44.12 2.34
C GLU B 169 -1.27 -44.61 1.83
N ALA B 170 -0.21 -44.14 2.49
CA ALA B 170 1.14 -44.64 2.27
C ALA B 170 1.52 -45.72 3.26
N ARG B 171 2.31 -46.70 2.79
CA ARG B 171 2.72 -47.85 3.59
C ARG B 171 4.19 -48.14 3.36
N ARG B 172 4.84 -48.80 4.33
CA ARG B 172 6.20 -49.29 4.07
C ARG B 172 6.16 -50.35 2.96
N LEU B 173 7.32 -50.57 2.32
CA LEU B 173 7.37 -51.61 1.29
C LEU B 173 6.98 -52.95 1.86
N ALA B 174 7.37 -53.20 3.12
CA ALA B 174 7.03 -54.42 3.84
C ALA B 174 5.54 -54.50 4.15
N GLU B 175 4.87 -53.37 4.34
CA GLU B 175 3.45 -53.35 4.63
C GLU B 175 2.59 -53.44 3.36
N TRP B 176 3.19 -53.45 2.18
CA TRP B 176 2.43 -53.59 0.94
C TRP B 176 2.35 -55.07 0.56
N GLN B 177 3.48 -55.69 0.27
CA GLN B 177 3.55 -57.14 0.37
C GLN B 177 4.74 -57.51 1.25
N ALA B 178 4.46 -58.25 2.33
CA ALA B 178 5.47 -58.59 3.32
C ALA B 178 6.55 -59.51 2.76
N ASP B 179 6.31 -60.18 1.65
CA ASP B 179 7.24 -61.16 1.12
C ASP B 179 8.17 -60.62 0.03
N PHE B 180 8.19 -59.31 -0.25
CA PHE B 180 9.09 -58.85 -1.31
C PHE B 180 10.50 -58.65 -0.77
N ALA B 181 11.45 -59.41 -1.32
CA ALA B 181 12.79 -59.59 -0.75
C ALA B 181 13.78 -58.50 -1.11
N GLU B 182 13.39 -57.52 -1.93
CA GLU B 182 14.29 -56.41 -2.27
C GLU B 182 14.00 -55.23 -1.38
N PRO B 183 14.97 -54.72 -0.64
CA PRO B 183 14.77 -53.44 0.02
C PRO B 183 14.54 -52.42 -1.07
N VAL B 184 13.91 -51.33 -0.69
CA VAL B 184 13.83 -50.13 -1.51
C VAL B 184 14.50 -49.03 -0.71
N TYR B 185 15.41 -48.27 -1.34
CA TYR B 185 16.15 -47.24 -0.63
C TYR B 185 15.63 -45.85 -1.01
N GLU B 186 15.55 -44.99 0.00
CA GLU B 186 15.16 -43.60 -0.14
C GLU B 186 16.33 -42.74 0.32
N LEU B 187 16.83 -41.89 -0.57
CA LEU B 187 17.88 -40.95 -0.15
C LEU B 187 17.22 -39.77 0.56
N ARG B 188 17.50 -39.64 1.85
CA ARG B 188 16.87 -38.68 2.74
C ARG B 188 17.71 -37.43 2.93
N CYS B 189 18.85 -37.33 2.25
CA CYS B 189 19.79 -36.22 2.37
C CYS B 189 19.66 -35.16 1.27
N MET B 190 18.67 -35.25 0.40
CA MET B 190 18.61 -34.39 -0.78
C MET B 190 18.43 -32.91 -0.46
N ALA B 191 17.95 -32.55 0.73
CA ALA B 191 17.67 -31.13 0.98
C ALA B 191 18.95 -30.28 0.95
N LEU B 192 19.93 -30.63 1.80
CA LEU B 192 21.20 -29.91 1.75
C LEU B 192 21.96 -30.18 0.46
N CYS B 193 21.72 -31.31 -0.23
CA CYS B 193 22.38 -31.54 -1.52
C CYS B 193 21.89 -30.56 -2.57
N ASP B 194 20.58 -30.33 -2.62
CA ASP B 194 20.07 -29.32 -3.53
C ASP B 194 20.59 -27.94 -3.10
N ARG B 195 20.67 -27.69 -1.78
CA ARG B 195 21.22 -26.41 -1.31
C ARG B 195 22.67 -26.23 -1.72
N LEU B 196 23.47 -27.29 -1.67
CA LEU B 196 24.87 -27.17 -2.04
C LEU B 196 25.00 -26.93 -3.55
N ARG B 197 24.25 -27.70 -4.34
CA ARG B 197 24.19 -27.42 -5.77
C ARG B 197 23.82 -25.97 -6.02
N LEU B 198 22.83 -25.48 -5.28
CA LEU B 198 22.30 -24.15 -5.58
C LEU B 198 23.33 -23.09 -5.26
N MET B 199 24.11 -23.34 -4.21
CA MET B 199 25.20 -22.44 -3.87
C MET B 199 26.27 -22.44 -4.96
N TYR B 200 26.57 -23.60 -5.53
CA TYR B 200 27.67 -23.67 -6.48
C TYR B 200 27.29 -23.05 -7.82
N PHE B 201 26.14 -23.43 -8.35
CA PHE B 201 25.74 -23.00 -9.68
C PHE B 201 25.05 -21.64 -9.72
N GLY B 202 24.50 -21.16 -8.59
CA GLY B 202 23.74 -19.92 -8.60
C GLY B 202 22.36 -20.05 -9.16
N ASN B 203 21.93 -21.26 -9.49
CA ASN B 203 20.61 -21.59 -10.01
C ASN B 203 20.35 -23.06 -9.70
N LEU B 204 19.10 -23.47 -9.78
CA LEU B 204 18.81 -24.86 -9.50
C LEU B 204 18.68 -25.72 -10.76
N TRP B 205 18.96 -25.19 -11.96
CA TRP B 205 18.70 -25.93 -13.19
C TRP B 205 19.88 -26.71 -13.79
N GLN B 206 21.09 -26.62 -13.29
CA GLN B 206 22.17 -27.39 -13.88
C GLN B 206 22.47 -28.66 -13.09
N ASP B 207 22.69 -29.77 -13.81
CA ASP B 207 23.05 -30.99 -13.12
C ASP B 207 24.52 -31.00 -12.78
N TRP B 208 24.93 -32.01 -12.05
CA TRP B 208 26.35 -32.31 -11.94
C TRP B 208 26.90 -32.83 -13.25
N SER B 209 26.00 -33.25 -14.16
CA SER B 209 26.44 -33.77 -15.44
C SER B 209 27.13 -32.69 -16.26
N GLU B 210 26.94 -31.42 -15.88
CA GLU B 210 27.70 -30.36 -16.49
C GLU B 210 29.19 -30.70 -16.47
N PHE B 211 29.66 -31.19 -15.33
CA PHE B 211 31.07 -31.57 -15.24
C PHE B 211 31.43 -32.58 -16.31
N VAL B 212 30.76 -33.75 -16.32
CA VAL B 212 31.23 -34.76 -17.26
C VAL B 212 31.01 -34.27 -18.68
N LEU B 213 29.95 -33.49 -18.89
CA LEU B 213 29.67 -33.03 -20.25
C LEU B 213 30.77 -32.08 -20.72
N ALA B 214 31.23 -31.20 -19.82
CA ALA B 214 32.29 -30.26 -20.16
C ALA B 214 33.57 -31.02 -20.51
N ASP B 215 33.89 -32.05 -19.73
CA ASP B 215 35.11 -32.80 -19.98
C ASP B 215 35.00 -33.60 -21.27
N LEU B 216 33.80 -34.06 -21.62
CA LEU B 216 33.62 -34.85 -22.84
C LEU B 216 33.59 -33.98 -24.07
N GLY B 217 33.50 -32.66 -23.88
CA GLY B 217 33.47 -31.70 -24.95
C GLY B 217 32.11 -31.53 -25.59
N ILE B 218 31.05 -31.90 -24.90
CA ILE B 218 29.73 -31.67 -25.47
C ILE B 218 29.23 -30.27 -25.15
N TYR B 219 29.45 -29.82 -23.91
CA TYR B 219 29.25 -28.43 -23.55
C TYR B 219 30.63 -27.85 -23.24
N ARG B 220 31.17 -27.08 -24.16
CA ARG B 220 32.35 -26.28 -23.89
C ARG B 220 31.89 -24.88 -23.49
N TYR B 221 32.31 -24.43 -22.32
CA TYR B 221 31.92 -23.12 -21.84
C TYR B 221 33.11 -22.20 -22.00
N GLU B 222 32.84 -20.91 -22.18
CA GLU B 222 33.97 -19.99 -22.23
C GLU B 222 34.62 -19.94 -20.86
N SER B 223 35.94 -19.76 -20.87
CA SER B 223 36.73 -19.65 -19.66
C SER B 223 36.98 -18.16 -19.41
N VAL B 224 36.33 -17.64 -18.40
CA VAL B 224 36.49 -16.29 -17.92
C VAL B 224 37.35 -16.35 -16.69
N GLU B 225 38.21 -15.38 -16.54
CA GLU B 225 39.09 -15.33 -15.38
C GLU B 225 38.40 -14.32 -14.47
N PHE B 226 37.73 -14.83 -13.44
CA PHE B 226 37.01 -13.97 -12.49
C PHE B 226 37.73 -13.99 -11.15
N SER B 227 37.30 -13.10 -10.26
CA SER B 227 37.98 -13.00 -8.97
C SER B 227 37.65 -14.23 -8.12
N ALA B 228 38.63 -14.66 -7.34
CA ALA B 228 38.43 -15.81 -6.46
C ALA B 228 37.56 -15.48 -5.25
N ASP B 229 37.27 -14.21 -5.01
CA ASP B 229 36.42 -13.81 -3.89
C ASP B 229 34.97 -13.55 -4.32
N SER B 230 34.68 -13.58 -5.63
CA SER B 230 33.32 -13.40 -6.14
C SER B 230 32.61 -14.75 -6.18
N ARG B 231 31.32 -14.72 -5.85
CA ARG B 231 30.58 -15.96 -5.66
C ARG B 231 29.10 -15.68 -5.89
N GLY B 232 28.35 -16.78 -6.05
CA GLY B 232 26.95 -16.67 -6.44
C GLY B 232 26.10 -15.99 -5.39
N PHE B 233 26.20 -16.46 -4.15
CA PHE B 233 25.36 -15.92 -3.10
C PHE B 233 26.20 -15.13 -2.11
N ARG B 234 25.73 -13.94 -1.80
CA ARG B 234 26.41 -13.13 -0.81
C ARG B 234 25.98 -13.60 0.57
N LEU B 235 24.73 -13.37 0.93
CA LEU B 235 24.20 -13.76 2.23
C LEU B 235 23.76 -15.23 2.21
N ARG B 236 23.87 -15.91 3.34
CA ARG B 236 23.19 -17.21 3.45
C ARG B 236 21.68 -17.03 3.39
N ALA B 237 21.16 -16.00 4.06
CA ALA B 237 19.73 -15.74 3.99
C ALA B 237 19.25 -15.53 2.56
N ASP B 238 20.15 -15.16 1.64
CA ASP B 238 19.79 -15.12 0.22
C ASP B 238 19.62 -16.52 -0.37
N VAL B 239 20.53 -17.46 -0.05
CA VAL B 239 20.30 -18.87 -0.40
C VAL B 239 18.96 -19.33 0.16
N ASP B 240 18.74 -19.09 1.45
CA ASP B 240 17.48 -19.44 2.10
C ASP B 240 16.31 -18.86 1.31
N ALA B 241 16.48 -17.66 0.76
CA ALA B 241 15.41 -17.04 0.01
C ALA B 241 15.15 -17.77 -1.31
N TYR B 242 16.20 -17.97 -2.12
CA TYR B 242 16.01 -18.67 -3.41
C TYR B 242 15.32 -20.01 -3.20
N LEU B 243 15.84 -20.76 -2.23
CA LEU B 243 15.29 -22.07 -1.94
C LEU B 243 13.83 -21.94 -1.53
N HIS B 244 13.48 -20.88 -0.78
CA HIS B 244 12.09 -20.75 -0.33
C HIS B 244 11.16 -20.49 -1.49
N LEU B 245 11.50 -19.50 -2.33
CA LEU B 245 10.67 -19.20 -3.49
C LEU B 245 10.52 -20.43 -4.38
N PHE B 246 11.63 -21.13 -4.63
CA PHE B 246 11.55 -22.28 -5.53
C PHE B 246 10.67 -23.38 -4.96
N ASP B 247 10.80 -23.66 -3.66
CA ASP B 247 9.88 -24.63 -3.09
C ASP B 247 8.44 -24.16 -3.25
N CYS B 248 8.21 -22.85 -3.18
CA CYS B 248 6.84 -22.34 -3.26
C CYS B 248 6.25 -22.58 -4.65
N ARG B 249 7.01 -22.27 -5.71
CA ARG B 249 6.50 -22.58 -7.05
C ARG B 249 6.29 -24.08 -7.20
N GLN B 250 7.17 -24.89 -6.61
CA GLN B 250 6.94 -26.33 -6.67
C GLN B 250 5.60 -26.68 -6.04
N ARG B 251 5.33 -26.11 -4.86
CA ARG B 251 4.06 -26.35 -4.17
C ARG B 251 2.86 -25.99 -5.03
N PHE B 252 3.01 -25.03 -5.96
CA PHE B 252 1.88 -24.74 -6.84
C PHE B 252 1.63 -25.85 -7.85
N ASP B 253 2.69 -26.32 -8.53
CA ASP B 253 2.56 -27.34 -9.56
C ASP B 253 2.14 -28.70 -9.02
N LEU B 254 2.10 -28.89 -7.71
CA LEU B 254 1.56 -30.11 -7.14
C LEU B 254 0.11 -29.98 -6.67
N GLY B 255 -0.51 -28.81 -6.76
CA GLY B 255 -1.92 -28.67 -6.40
C GLY B 255 -2.30 -28.35 -4.95
N GLU B 256 -1.49 -27.57 -4.24
CA GLU B 256 -1.90 -26.99 -2.96
C GLU B 256 -3.01 -25.95 -3.22
N PRO B 257 -3.89 -25.68 -2.23
CA PRO B 257 -4.94 -24.67 -2.47
C PRO B 257 -4.37 -23.27 -2.42
N LEU B 258 -4.92 -22.41 -3.30
CA LEU B 258 -4.45 -21.02 -3.41
C LEU B 258 -4.75 -20.18 -2.17
N GLU B 259 -5.77 -20.51 -1.39
CA GLU B 259 -6.02 -19.72 -0.18
C GLU B 259 -4.82 -19.78 0.75
N GLU B 260 -4.17 -20.96 0.81
CA GLU B 260 -3.04 -21.21 1.69
C GLU B 260 -1.71 -20.74 1.11
N LEU B 261 -1.45 -20.99 -0.18
CA LEU B 261 -0.13 -20.66 -0.74
C LEU B 261 0.23 -19.20 -0.53
N LEU B 262 -0.69 -18.29 -0.89
CA LEU B 262 -0.41 -16.87 -0.81
C LEU B 262 -0.40 -16.39 0.65
N ALA B 263 -0.93 -17.17 1.57
CA ALA B 263 -0.65 -16.96 2.99
C ALA B 263 0.80 -17.27 3.32
N GLY B 264 1.36 -18.32 2.71
CA GLY B 264 2.69 -18.82 3.02
C GLY B 264 3.80 -18.07 2.34
N LEU B 265 3.48 -17.34 1.27
CA LEU B 265 4.44 -16.51 0.55
C LEU B 265 4.84 -15.31 1.40
N PRO B 266 5.96 -14.66 1.09
CA PRO B 266 6.29 -13.41 1.79
C PRO B 266 5.38 -12.25 1.37
N GLY B 267 4.90 -11.48 2.35
CA GLY B 267 4.07 -10.32 2.06
C GLY B 267 4.78 -8.99 1.98
N GLU B 268 6.09 -8.98 2.19
CA GLU B 268 6.89 -7.77 2.16
C GLU B 268 8.09 -8.02 1.26
N PRO B 269 8.51 -7.01 0.50
CA PRO B 269 9.54 -7.24 -0.52
C PRO B 269 10.87 -7.71 0.08
N TYR B 270 11.62 -8.46 -0.74
CA TYR B 270 12.95 -8.96 -0.40
C TYR B 270 14.01 -7.87 -0.61
N ALA B 271 15.08 -7.95 0.18
CA ALA B 271 16.16 -6.97 0.09
C ALA B 271 16.88 -7.00 -1.26
N ASN B 272 17.47 -8.15 -1.60
CA ASN B 272 18.29 -8.27 -2.81
C ASN B 272 17.42 -8.05 -4.06
N PRO B 273 17.87 -7.28 -5.04
CA PRO B 273 16.97 -6.96 -6.17
C PRO B 273 16.59 -8.15 -7.04
N TRP B 274 17.54 -9.04 -7.30
CA TRP B 274 17.27 -10.17 -8.19
C TRP B 274 16.28 -11.13 -7.55
N LEU B 275 16.40 -11.29 -6.22
CA LEU B 275 15.44 -12.10 -5.49
C LEU B 275 14.04 -11.49 -5.56
N GLU B 276 13.92 -10.16 -5.35
CA GLU B 276 12.61 -9.51 -5.46
C GLU B 276 12.01 -9.66 -6.86
N GLY B 277 12.85 -9.69 -7.89
CA GLY B 277 12.34 -10.04 -9.20
C GLY B 277 11.71 -11.42 -9.19
N ARG B 278 12.42 -12.41 -8.63
CA ARG B 278 11.88 -13.76 -8.63
C ARG B 278 10.58 -13.81 -7.87
N ARG B 279 10.51 -13.11 -6.73
CA ARG B 279 9.30 -13.09 -5.90
C ARG B 279 8.11 -12.54 -6.67
N VAL B 280 8.29 -11.35 -7.26
CA VAL B 280 7.18 -10.73 -7.97
C VAL B 280 6.80 -11.59 -9.17
N LYS B 281 7.76 -12.30 -9.77
CA LYS B 281 7.39 -13.22 -10.83
C LYS B 281 6.52 -14.36 -10.30
N LEU B 282 6.82 -14.87 -9.10
CA LEU B 282 5.93 -15.88 -8.52
C LEU B 282 4.52 -15.31 -8.31
N LEU B 283 4.41 -14.15 -7.65
CA LEU B 283 3.11 -13.50 -7.47
C LEU B 283 2.38 -13.49 -8.79
N PHE B 284 3.10 -13.09 -9.82
CA PHE B 284 2.56 -13.03 -11.16
C PHE B 284 2.01 -14.39 -11.61
N GLN B 285 2.81 -15.46 -11.51
CA GLN B 285 2.40 -16.74 -12.11
C GLN B 285 1.22 -17.33 -11.35
N PHE B 286 1.20 -17.16 -10.02
CA PHE B 286 0.02 -17.57 -9.27
C PHE B 286 -1.21 -16.82 -9.75
N ALA B 287 -1.08 -15.50 -9.93
CA ALA B 287 -2.19 -14.72 -10.42
C ALA B 287 -2.61 -15.21 -11.80
N GLN B 288 -1.65 -15.72 -12.58
CA GLN B 288 -1.91 -16.28 -13.90
C GLN B 288 -2.81 -17.49 -13.83
N HIS B 289 -2.48 -18.45 -12.96
CA HIS B 289 -3.31 -19.64 -12.80
C HIS B 289 -4.66 -19.31 -12.19
N CYS B 290 -4.73 -18.27 -11.34
CA CYS B 290 -6.03 -17.79 -10.87
C CYS B 290 -6.95 -17.53 -12.07
N GLU B 291 -6.43 -16.84 -13.08
CA GLU B 291 -7.19 -16.62 -14.31
C GLU B 291 -7.56 -17.95 -14.97
N LYS B 292 -6.77 -19.01 -14.76
CA LYS B 292 -7.18 -20.32 -15.26
C LYS B 292 -8.32 -20.93 -14.44
N GLN B 293 -8.37 -20.63 -13.14
CA GLN B 293 -9.47 -21.02 -12.28
C GLN B 293 -10.60 -20.00 -12.32
N ARG B 294 -10.38 -18.89 -13.02
CA ARG B 294 -11.29 -17.75 -13.18
C ARG B 294 -11.49 -16.92 -11.89
N ASP B 295 -10.53 -16.94 -10.95
CA ASP B 295 -10.63 -16.07 -9.77
C ASP B 295 -9.91 -14.78 -10.10
N PHE B 296 -10.68 -13.78 -10.56
CA PHE B 296 -10.15 -12.49 -10.99
C PHE B 296 -10.03 -11.46 -9.88
N ASP B 297 -10.92 -11.47 -8.88
CA ASP B 297 -10.81 -10.50 -7.81
C ASP B 297 -9.51 -10.69 -7.04
N LEU B 298 -9.09 -11.94 -6.86
CA LEU B 298 -7.78 -12.19 -6.26
C LEU B 298 -6.67 -12.00 -7.29
N ALA B 299 -6.88 -12.47 -8.53
CA ALA B 299 -5.89 -12.29 -9.59
C ALA B 299 -5.51 -10.83 -9.74
N GLN B 300 -6.49 -9.94 -9.93
CA GLN B 300 -6.20 -8.51 -10.01
C GLN B 300 -5.45 -8.04 -8.77
N ARG B 301 -5.97 -8.37 -7.58
CA ARG B 301 -5.38 -7.87 -6.34
C ARG B 301 -3.91 -8.23 -6.25
N LEU B 302 -3.54 -9.37 -6.83
CA LEU B 302 -2.13 -9.76 -6.92
C LEU B 302 -1.40 -8.96 -7.99
N TYR B 303 -2.02 -8.83 -9.18
CA TYR B 303 -1.40 -8.12 -10.29
C TYR B 303 -0.99 -6.70 -9.93
N ARG B 304 -1.80 -6.01 -9.12
CA ARG B 304 -1.47 -4.62 -8.80
C ARG B 304 -0.18 -4.54 -7.98
N GLN B 305 0.06 -5.52 -7.11
CA GLN B 305 1.27 -5.56 -6.27
C GLN B 305 2.40 -6.39 -6.88
N SER B 306 2.25 -6.78 -8.12
CA SER B 306 3.34 -7.34 -8.90
C SER B 306 3.88 -6.17 -9.70
N SER B 307 5.17 -5.87 -9.53
CA SER B 307 5.90 -4.87 -10.29
C SER B 307 6.56 -5.48 -11.53
N HIS B 308 6.28 -6.75 -11.80
CA HIS B 308 6.70 -7.48 -12.98
C HIS B 308 6.19 -6.76 -14.23
N PRO B 309 6.93 -6.81 -15.32
CA PRO B 309 6.43 -6.22 -16.57
C PRO B 309 5.19 -6.95 -17.08
N GLY B 310 4.17 -6.16 -17.43
CA GLY B 310 2.90 -6.67 -17.86
C GLY B 310 1.94 -7.08 -16.77
N ALA B 311 2.23 -6.77 -15.50
CA ALA B 311 1.21 -6.99 -14.49
C ALA B 311 0.09 -5.97 -14.61
N ARG B 312 0.43 -4.68 -14.70
CA ARG B 312 -0.59 -3.65 -14.84
C ARG B 312 -1.58 -3.94 -15.96
N LEU B 313 -1.06 -4.46 -17.09
CA LEU B 313 -1.92 -4.86 -18.20
C LEU B 313 -2.82 -6.03 -17.79
N ARG B 314 -2.23 -7.04 -17.15
CA ARG B 314 -3.00 -8.19 -16.71
C ARG B 314 -4.08 -7.81 -15.71
N ALA B 315 -3.85 -6.74 -14.92
CA ALA B 315 -4.83 -6.24 -13.96
C ALA B 315 -5.99 -5.55 -14.66
N ILE B 316 -5.71 -4.68 -15.64
CA ILE B 316 -6.82 -4.11 -16.40
C ILE B 316 -7.66 -5.23 -17.06
N ARG B 317 -7.00 -6.17 -17.75
CA ARG B 317 -7.75 -7.26 -18.41
C ARG B 317 -8.39 -8.22 -17.38
N SER B 318 -7.81 -8.33 -16.20
CA SER B 318 -8.44 -9.16 -15.19
C SER B 318 -9.74 -8.51 -14.72
N LEU B 319 -9.65 -7.22 -14.34
CA LEU B 319 -10.83 -6.44 -13.93
C LEU B 319 -11.89 -6.43 -15.03
N GLU B 320 -11.49 -6.26 -16.28
CA GLU B 320 -12.46 -6.36 -17.36
C GLU B 320 -13.14 -7.73 -17.36
N ARG B 321 -12.38 -8.82 -17.17
CA ARG B 321 -12.97 -10.16 -17.21
C ARG B 321 -13.91 -10.42 -16.05
N GLY B 322 -13.66 -9.77 -14.91
CA GLY B 322 -14.49 -9.76 -13.72
C GLY B 322 -15.59 -8.72 -13.71
N GLU B 323 -15.89 -8.15 -14.88
CA GLU B 323 -17.00 -7.23 -15.08
C GLU B 323 -16.97 -6.00 -14.17
N ARG B 324 -15.78 -5.58 -13.74
CA ARG B 324 -15.62 -4.28 -13.10
C ARG B 324 -15.03 -3.38 -14.19
N PHE B 325 -15.89 -2.72 -14.93
CA PHE B 325 -15.35 -1.99 -16.05
C PHE B 325 -14.90 -0.60 -15.65
N ALA B 326 -15.65 0.07 -14.78
CA ALA B 326 -15.28 1.43 -14.40
C ALA B 326 -13.85 1.46 -13.90
N GLU B 327 -13.50 0.52 -13.02
CA GLU B 327 -12.12 0.45 -12.51
C GLU B 327 -11.15 0.01 -13.60
N ALA B 328 -11.52 -1.00 -14.40
CA ALA B 328 -10.65 -1.43 -15.51
C ALA B 328 -10.32 -0.23 -16.39
N HIS B 329 -11.34 0.52 -16.77
CA HIS B 329 -11.10 1.74 -17.53
C HIS B 329 -10.31 2.76 -16.73
N ALA B 330 -10.55 2.87 -15.44
CA ALA B 330 -9.80 3.83 -14.64
C ALA B 330 -8.32 3.47 -14.60
N LEU B 331 -8.00 2.18 -14.48
CA LEU B 331 -6.60 1.76 -14.54
C LEU B 331 -6.05 1.98 -15.94
N ALA B 332 -6.86 1.71 -16.98
CA ALA B 332 -6.39 1.86 -18.36
C ALA B 332 -5.96 3.31 -18.65
N ARG B 333 -6.68 4.28 -18.10
CA ARG B 333 -6.28 5.69 -18.19
C ARG B 333 -4.94 5.91 -17.48
N GLU B 334 -4.81 5.39 -16.25
CA GLU B 334 -3.56 5.49 -15.49
C GLU B 334 -2.40 4.93 -16.28
N ALA B 335 -2.63 3.79 -16.96
CA ALA B 335 -1.58 3.18 -17.76
C ALA B 335 -1.20 4.06 -18.94
N SER B 336 -2.17 4.72 -19.60
CA SER B 336 -1.78 5.55 -20.72
C SER B 336 -1.05 6.83 -20.30
N CYS B 337 -1.06 7.21 -19.01
CA CYS B 337 -0.24 8.37 -18.59
C CYS B 337 1.26 8.07 -18.55
N ALA B 338 1.64 6.90 -18.04
CA ALA B 338 3.06 6.52 -17.91
C ALA B 338 3.19 5.03 -18.18
N PRO B 339 3.23 4.63 -19.46
CA PRO B 339 3.10 3.20 -19.80
C PRO B 339 4.37 2.41 -19.48
N GLU B 340 4.22 1.12 -19.16
CA GLU B 340 5.39 0.33 -18.82
C GLU B 340 6.33 0.14 -20.00
N SER B 341 5.81 0.12 -21.23
CA SER B 341 6.55 -0.39 -22.38
C SER B 341 5.75 -0.12 -23.64
N ASP B 342 6.39 -0.39 -24.76
CA ASP B 342 5.65 -0.42 -26.02
C ASP B 342 4.67 -1.59 -26.06
N ALA B 343 4.94 -2.67 -25.32
CA ALA B 343 4.01 -3.78 -25.31
C ALA B 343 2.76 -3.46 -24.50
N GLU B 344 2.91 -2.70 -23.40
CA GLU B 344 1.74 -2.23 -22.67
C GLU B 344 0.95 -1.19 -23.47
N ARG B 345 1.64 -0.29 -24.17
CA ARG B 345 1.00 0.57 -25.17
C ARG B 345 0.24 -0.25 -26.19
N GLN B 346 0.80 -1.40 -26.56
CA GLN B 346 0.23 -2.14 -27.67
C GLN B 346 -1.02 -2.88 -27.21
N GLY B 347 -1.10 -3.28 -25.96
CA GLY B 347 -2.36 -3.78 -25.44
C GLY B 347 -3.41 -2.72 -25.10
N LEU B 348 -2.99 -1.60 -24.48
CA LEU B 348 -3.90 -0.49 -24.22
C LEU B 348 -4.52 0.09 -25.48
N ALA B 349 -3.82 0.05 -26.62
CA ALA B 349 -4.43 0.53 -27.85
C ALA B 349 -5.63 -0.31 -28.25
N ARG B 350 -5.73 -1.53 -27.69
CA ARG B 350 -6.88 -2.42 -27.72
C ARG B 350 -7.87 -2.20 -26.58
N LEU B 351 -7.37 -2.04 -25.34
CA LEU B 351 -8.20 -2.04 -24.14
C LEU B 351 -8.96 -0.75 -23.97
N LEU B 352 -8.31 0.38 -24.20
CA LEU B 352 -8.99 1.64 -23.99
C LEU B 352 -10.29 1.69 -24.79
N PRO B 353 -10.29 1.47 -26.12
CA PRO B 353 -11.54 1.67 -26.86
C PRO B 353 -12.67 0.71 -26.52
N ARG B 354 -12.38 -0.56 -26.21
CA ARG B 354 -13.49 -1.48 -25.90
C ARG B 354 -14.13 -1.18 -24.54
N LEU B 355 -13.31 -0.90 -23.52
CA LEU B 355 -13.85 -0.50 -22.22
C LEU B 355 -14.56 0.85 -22.29
N GLN B 356 -13.99 1.82 -23.02
CA GLN B 356 -14.71 3.07 -23.25
C GLN B 356 -16.04 2.80 -23.96
N GLY B 357 -16.07 1.77 -24.80
CA GLY B 357 -17.32 1.37 -25.43
C GLY B 357 -18.33 0.86 -24.42
N LYS B 358 -17.89 -0.08 -23.57
CA LYS B 358 -18.79 -0.60 -22.55
C LYS B 358 -19.12 0.41 -21.47
N LEU B 359 -18.44 1.55 -21.38
CA LEU B 359 -18.91 2.62 -20.51
C LEU B 359 -19.69 3.70 -21.25
N GLY B 360 -19.77 3.60 -22.58
CA GLY B 360 -20.49 4.57 -23.40
C GLY B 360 -19.74 5.82 -23.79
N LEU B 361 -18.43 5.83 -23.63
CA LEU B 361 -17.48 6.90 -23.88
C LEU B 361 -16.94 6.85 -25.32
N PRO B 362 -16.30 7.94 -25.77
CA PRO B 362 -15.64 7.94 -27.09
C PRO B 362 -14.54 6.90 -27.24
N ARG B 363 -14.51 6.25 -28.41
CA ARG B 363 -13.52 5.23 -28.75
C ARG B 363 -12.15 5.80 -29.16
N GLN B 364 -11.98 7.11 -29.09
CA GLN B 364 -10.70 7.78 -29.25
C GLN B 364 -10.08 7.68 -30.64
N ALA B 365 -10.58 6.78 -31.51
CA ALA B 365 -10.03 6.68 -32.86
C ALA B 365 -8.56 6.34 -32.84
N ARG B 366 -8.21 5.05 -32.93
CA ARG B 366 -6.82 4.71 -32.71
C ARG B 366 -5.94 5.34 -33.80
N ALA B 367 -4.64 5.21 -33.63
CA ALA B 367 -3.71 6.02 -34.41
C ALA B 367 -3.59 5.51 -35.83
N ALA B 368 -2.83 6.26 -36.62
CA ALA B 368 -2.47 5.83 -37.96
C ALA B 368 -1.04 5.37 -37.92
N ALA B 369 -0.80 4.21 -38.56
CA ALA B 369 0.47 3.53 -38.60
C ALA B 369 0.70 2.89 -39.97
N PRO B 370 1.96 2.93 -40.48
CA PRO B 370 2.22 2.63 -41.89
C PRO B 370 1.89 1.21 -42.37
N GLU B 371 2.07 0.97 -43.67
CA GLU B 371 1.70 -0.31 -44.25
C GLU B 371 2.66 -1.41 -43.81
N ILE B 372 2.08 -2.59 -43.57
CA ILE B 372 2.67 -3.69 -42.81
C ILE B 372 4.19 -3.92 -43.10
N ASP B 373 4.64 -4.20 -44.35
CA ASP B 373 3.92 -4.08 -45.63
C ASP B 373 3.71 -5.43 -46.35
N ARG B 374 2.48 -5.63 -46.83
CA ARG B 374 1.98 -6.95 -47.21
C ARG B 374 2.66 -7.52 -48.45
N LEU B 375 2.93 -8.82 -48.39
CA LEU B 375 3.49 -9.59 -49.49
C LEU B 375 2.73 -10.92 -49.52
N ASP B 376 1.96 -11.22 -50.58
CA ASP B 376 1.05 -12.36 -50.55
C ASP B 376 1.39 -13.50 -51.53
N LEU B 377 1.17 -14.75 -51.08
CA LEU B 377 1.41 -15.96 -51.87
C LEU B 377 0.24 -16.93 -51.91
N CYS B 378 0.01 -17.51 -53.09
CA CYS B 378 -0.82 -18.71 -53.27
C CYS B 378 0.09 -19.86 -53.72
N LEU B 379 0.32 -20.82 -52.82
CA LEU B 379 1.22 -21.94 -53.11
C LEU B 379 0.43 -23.24 -53.07
N ALA B 380 0.83 -24.20 -53.89
CA ALA B 380 0.31 -25.55 -53.73
C ALA B 380 0.89 -26.20 -52.47
N PHE B 381 0.18 -27.21 -51.94
CA PHE B 381 0.64 -27.94 -50.76
C PHE B 381 2.00 -28.58 -51.08
N PRO B 382 2.78 -29.02 -50.04
CA PRO B 382 4.14 -29.45 -50.43
C PRO B 382 4.27 -30.57 -51.51
N SER B 383 3.68 -31.76 -51.45
CA SER B 383 3.50 -32.61 -50.27
C SER B 383 4.86 -33.31 -50.09
N GLU B 384 5.26 -33.60 -48.84
CA GLU B 384 4.43 -33.46 -47.67
C GLU B 384 5.20 -32.51 -46.75
N PRO B 385 4.60 -32.05 -45.62
CA PRO B 385 5.24 -30.98 -44.82
C PRO B 385 6.60 -31.33 -44.16
N CYS B 386 7.70 -30.55 -44.31
CA CYS B 386 7.85 -29.28 -45.08
C CYS B 386 7.04 -28.10 -44.52
N SER B 387 7.66 -27.44 -43.54
CA SER B 387 7.11 -26.31 -42.80
C SER B 387 6.77 -25.13 -43.73
N VAL B 388 5.85 -24.26 -43.27
CA VAL B 388 5.41 -23.15 -44.10
C VAL B 388 6.57 -22.26 -44.47
N GLU B 389 7.52 -22.07 -43.54
CA GLU B 389 8.66 -21.21 -43.83
C GLU B 389 9.58 -21.85 -44.86
N TRP B 390 9.92 -23.12 -44.66
CA TRP B 390 10.79 -23.81 -45.61
C TRP B 390 10.23 -23.80 -47.01
N ALA B 391 8.90 -23.83 -47.16
CA ALA B 391 8.30 -23.85 -48.49
C ALA B 391 8.55 -22.54 -49.21
N VAL B 392 8.32 -21.42 -48.53
CA VAL B 392 8.63 -20.08 -49.05
C VAL B 392 10.13 -19.84 -49.17
N ARG B 393 10.95 -20.53 -48.39
CA ARG B 393 12.41 -20.36 -48.52
C ARG B 393 12.94 -20.92 -49.85
N GLU B 394 12.49 -22.10 -50.28
CA GLU B 394 12.91 -22.62 -51.59
C GLU B 394 12.32 -21.79 -52.72
N HIS B 395 11.12 -21.25 -52.51
CA HIS B 395 10.42 -20.45 -53.52
C HIS B 395 11.17 -19.16 -53.82
N LEU B 396 11.42 -18.34 -52.78
CA LEU B 396 12.06 -17.05 -53.01
C LEU B 396 13.50 -17.16 -53.47
N GLU B 397 14.09 -18.35 -53.42
CA GLU B 397 15.48 -18.49 -53.81
C GLU B 397 15.48 -18.68 -55.30
N GLU B 398 15.89 -17.63 -55.98
CA GLU B 398 16.10 -17.54 -57.42
C GLU B 398 17.61 -17.44 -57.61
N PRO B 399 18.11 -17.31 -58.84
CA PRO B 399 19.55 -17.08 -59.00
C PRO B 399 19.97 -15.74 -58.41
N GLY B 400 21.01 -15.76 -57.59
CA GLY B 400 21.60 -14.52 -57.07
C GLY B 400 20.82 -13.86 -55.95
N CYS B 401 19.65 -14.38 -55.62
CA CYS B 401 18.90 -14.02 -54.43
C CYS B 401 18.99 -15.20 -53.49
N ALA B 402 19.60 -14.99 -52.34
CA ALA B 402 19.84 -16.04 -51.37
C ALA B 402 18.79 -15.90 -50.28
N VAL B 403 18.30 -17.02 -49.80
CA VAL B 403 17.30 -17.01 -48.76
C VAL B 403 17.77 -17.95 -47.67
N HIS B 404 17.66 -17.49 -46.43
CA HIS B 404 18.05 -18.25 -45.24
C HIS B 404 16.90 -18.20 -44.24
N TYR B 405 16.71 -19.31 -43.55
CA TYR B 405 15.80 -19.33 -42.44
C TYR B 405 16.67 -19.12 -41.21
N VAL B 406 16.56 -17.93 -40.62
CA VAL B 406 17.15 -17.56 -39.34
C VAL B 406 16.08 -16.73 -38.65
N GLU B 407 15.67 -17.11 -37.49
CA GLU B 407 14.67 -16.30 -36.82
C GLU B 407 15.44 -15.72 -35.65
N ASN B 408 15.78 -14.44 -35.76
CA ASN B 408 16.53 -13.72 -34.73
C ASN B 408 17.84 -14.45 -34.47
N GLY B 409 18.12 -15.52 -35.22
CA GLY B 409 19.41 -16.14 -35.07
C GLY B 409 20.55 -15.24 -35.50
N LEU B 410 20.38 -14.52 -36.61
CA LEU B 410 21.51 -13.83 -37.22
C LEU B 410 21.77 -12.51 -36.54
N ILE B 411 20.70 -11.80 -36.18
CA ILE B 411 20.92 -10.49 -35.60
C ILE B 411 21.50 -10.67 -34.20
N ASN B 412 20.92 -11.58 -33.43
CA ASN B 412 21.53 -11.95 -32.17
C ASN B 412 22.98 -12.37 -32.38
N SER B 413 23.23 -13.21 -33.38
CA SER B 413 24.57 -13.79 -33.48
C SER B 413 25.60 -12.72 -33.79
N LEU B 414 25.32 -11.89 -34.79
CA LEU B 414 26.25 -10.81 -35.10
C LEU B 414 26.49 -9.90 -33.90
N PHE B 415 25.43 -9.58 -33.16
CA PHE B 415 25.65 -8.79 -31.96
C PHE B 415 26.61 -9.48 -30.99
N GLY B 416 26.32 -10.74 -30.67
CA GLY B 416 27.12 -11.49 -29.71
C GLY B 416 28.54 -11.69 -30.15
N LEU B 417 28.76 -11.80 -31.46
CA LEU B 417 30.12 -11.95 -31.94
C LEU B 417 30.88 -10.65 -31.76
N LEU B 418 30.27 -9.52 -32.19
CA LEU B 418 30.96 -8.22 -32.15
C LEU B 418 31.25 -7.75 -30.72
N CYS B 419 30.29 -7.93 -29.81
CA CYS B 419 30.40 -7.50 -28.43
C CYS B 419 30.88 -8.59 -27.49
N TRP B 420 31.43 -9.68 -28.03
CA TRP B 420 31.88 -10.80 -27.20
C TRP B 420 32.68 -10.32 -26.00
N GLU B 421 33.61 -9.39 -26.20
CA GLU B 421 34.40 -8.97 -25.05
C GLU B 421 33.58 -8.23 -24.01
N ALA B 422 32.45 -7.62 -24.37
CA ALA B 422 31.61 -6.97 -23.35
C ALA B 422 30.76 -7.99 -22.61
N ILE B 423 30.32 -9.04 -23.31
CA ILE B 423 29.45 -10.05 -22.71
C ILE B 423 30.23 -10.91 -21.71
N PHE B 424 31.44 -11.31 -22.05
CA PHE B 424 32.27 -12.15 -21.19
C PHE B 424 33.28 -11.34 -20.34
N ALA B 425 33.09 -10.03 -20.22
CA ALA B 425 33.90 -9.23 -19.30
C ALA B 425 33.76 -9.72 -17.86
N ALA B 426 34.81 -9.47 -17.08
CA ALA B 426 35.14 -10.06 -15.77
C ALA B 426 34.46 -9.37 -14.57
N ILE B 427 33.38 -8.63 -14.79
CA ILE B 427 32.60 -7.88 -13.79
C ILE B 427 32.36 -8.68 -12.51
N PRO B 428 32.52 -8.07 -11.32
CA PRO B 428 32.40 -8.84 -10.07
C PRO B 428 31.04 -9.49 -9.95
N GLY B 429 31.04 -10.75 -9.53
CA GLY B 429 29.80 -11.48 -9.41
C GLY B 429 29.13 -11.82 -10.72
N ALA B 430 29.75 -11.52 -11.86
CA ALA B 430 29.23 -11.92 -13.17
C ALA B 430 29.64 -13.34 -13.57
N PHE B 431 30.74 -13.87 -13.04
CA PHE B 431 31.09 -15.28 -13.25
C PHE B 431 31.61 -15.88 -11.96
N PHE B 432 30.93 -16.89 -11.43
CA PHE B 432 31.47 -17.67 -10.33
C PHE B 432 31.90 -19.09 -10.67
N HIS B 433 31.71 -19.58 -11.90
CA HIS B 433 32.13 -20.96 -12.13
C HIS B 433 32.50 -21.20 -13.59
N PRO B 434 33.00 -22.38 -13.99
CA PRO B 434 33.41 -22.56 -15.38
C PRO B 434 32.26 -22.68 -16.36
N PHE B 435 31.05 -22.93 -15.87
CA PHE B 435 29.92 -23.38 -16.67
C PHE B 435 28.97 -22.28 -17.07
N HIS B 436 29.39 -21.02 -16.93
CA HIS B 436 28.54 -19.92 -17.36
C HIS B 436 28.49 -19.87 -18.89
N SER B 437 27.27 -20.01 -19.41
CA SER B 437 27.00 -19.78 -20.81
C SER B 437 26.86 -18.31 -21.09
N ALA B 438 26.39 -17.57 -20.10
CA ALA B 438 26.29 -16.12 -20.16
C ALA B 438 26.55 -15.59 -18.76
N PRO B 439 27.00 -14.34 -18.63
CA PRO B 439 27.17 -13.78 -17.29
C PRO B 439 25.87 -13.88 -16.54
N ALA B 440 25.98 -13.90 -15.21
CA ALA B 440 24.78 -14.06 -14.39
C ALA B 440 23.91 -12.81 -14.39
N ASP B 441 24.49 -11.64 -14.63
CA ASP B 441 23.73 -10.39 -14.59
C ASP B 441 23.11 -10.03 -15.94
N LEU B 442 23.10 -10.97 -16.91
CA LEU B 442 22.70 -10.64 -18.27
C LEU B 442 21.38 -9.87 -18.30
N HIS B 443 20.41 -10.27 -17.49
CA HIS B 443 19.09 -9.66 -17.46
C HIS B 443 19.03 -8.48 -16.50
N SER B 444 20.16 -8.07 -15.94
CA SER B 444 20.21 -6.86 -15.13
C SER B 444 19.90 -5.66 -16.01
N ALA B 445 19.22 -4.68 -15.41
CA ALA B 445 18.88 -3.49 -16.17
C ALA B 445 20.15 -2.66 -16.40
N ASP B 446 21.10 -2.72 -15.47
CA ASP B 446 22.32 -1.95 -15.55
C ASP B 446 23.42 -2.67 -16.29
N PHE B 447 23.12 -3.86 -16.81
CA PHE B 447 24.10 -4.64 -17.53
C PHE B 447 24.81 -3.81 -18.60
N ARG B 448 24.05 -2.95 -19.31
CA ARG B 448 24.63 -2.09 -20.33
C ARG B 448 25.66 -1.17 -19.72
N GLN B 449 25.24 -0.45 -18.68
CA GLN B 449 26.03 0.60 -18.05
C GLN B 449 27.29 0.05 -17.38
N ARG B 450 27.19 -1.12 -16.72
CA ARG B 450 28.35 -1.69 -16.04
C ARG B 450 29.55 -1.83 -16.98
N ARG B 451 29.30 -2.21 -18.22
CA ARG B 451 30.33 -2.43 -19.21
C ARG B 451 30.44 -1.31 -20.24
N ALA B 452 29.67 -0.21 -20.07
CA ALA B 452 29.41 0.73 -21.15
C ALA B 452 30.66 1.15 -21.93
N ALA B 453 31.83 1.09 -21.30
CA ALA B 453 33.08 1.26 -22.05
C ALA B 453 33.20 0.19 -23.13
N LEU B 454 33.24 -1.08 -22.72
CA LEU B 454 33.50 -2.16 -23.69
C LEU B 454 32.40 -2.22 -24.72
N PHE B 455 31.18 -1.82 -24.34
CA PHE B 455 30.09 -1.78 -25.29
C PHE B 455 30.25 -0.61 -26.25
N GLU B 456 30.75 0.51 -25.75
CA GLU B 456 31.04 1.62 -26.64
C GLU B 456 32.17 1.30 -27.61
N ALA B 457 33.15 0.46 -27.22
CA ALA B 457 34.25 0.11 -28.12
C ALA B 457 33.84 -0.94 -29.15
N CYS B 458 33.19 -2.01 -28.69
CA CYS B 458 32.74 -3.06 -29.60
C CYS B 458 31.73 -2.52 -30.60
N LEU B 459 30.75 -1.74 -30.12
CA LEU B 459 29.87 -1.03 -31.03
C LEU B 459 30.63 -0.02 -31.89
N GLY B 460 31.74 0.51 -31.35
CA GLY B 460 32.60 1.40 -32.13
C GLY B 460 33.18 0.76 -33.36
N ARG B 461 33.54 -0.53 -33.29
CA ARG B 461 34.07 -1.17 -34.50
C ARG B 461 33.07 -1.14 -35.66
N LEU B 462 31.81 -0.75 -35.44
CA LEU B 462 30.83 -0.61 -36.51
C LEU B 462 30.99 0.62 -37.38
N GLU B 463 31.50 1.73 -36.84
CA GLU B 463 31.41 2.97 -37.62
C GLU B 463 32.51 3.07 -38.65
N ASP B 464 33.73 2.71 -38.29
CA ASP B 464 34.77 2.43 -39.26
C ASP B 464 34.48 1.06 -39.88
N GLY B 465 35.40 0.53 -40.69
CA GLY B 465 35.09 -0.73 -41.34
C GLY B 465 35.27 -1.97 -40.49
N SER B 466 35.88 -1.82 -39.30
CA SER B 466 36.53 -2.85 -38.48
C SER B 466 35.56 -3.84 -37.85
N TYR B 467 34.26 -3.67 -37.99
CA TYR B 467 33.39 -4.66 -37.38
C TYR B 467 33.55 -5.97 -38.11
N ARG B 468 33.72 -5.92 -39.43
CA ARG B 468 33.79 -7.10 -40.29
C ARG B 468 34.93 -8.04 -39.91
N ASP B 469 36.16 -7.52 -39.87
CA ASP B 469 37.29 -8.35 -39.48
C ASP B 469 37.18 -8.83 -38.04
N ALA B 470 36.67 -7.99 -37.14
CA ALA B 470 36.58 -8.37 -35.74
C ALA B 470 35.62 -9.53 -35.54
N ILE B 471 34.53 -9.54 -36.32
CA ILE B 471 33.51 -10.58 -36.22
C ILE B 471 34.01 -11.87 -36.82
N ARG B 472 34.77 -11.78 -37.91
CA ARG B 472 35.42 -12.97 -38.46
C ARG B 472 36.46 -13.50 -37.50
N CYS B 473 37.05 -12.65 -36.67
CA CYS B 473 37.99 -13.14 -35.67
C CYS B 473 37.28 -13.85 -34.53
N ARG B 474 36.29 -13.20 -33.91
CA ARG B 474 35.56 -13.89 -32.83
C ARG B 474 34.88 -15.16 -33.33
N TYR B 475 34.50 -15.20 -34.60
CA TYR B 475 33.81 -16.38 -35.11
C TYR B 475 34.74 -17.59 -35.21
N ARG B 476 35.91 -17.42 -35.83
CA ARG B 476 36.86 -18.53 -35.90
C ARG B 476 37.35 -18.89 -34.51
N ASP B 477 37.57 -17.89 -33.67
CA ASP B 477 38.27 -18.02 -32.38
C ASP B 477 37.40 -18.68 -31.31
N LYS B 478 36.18 -18.17 -31.11
CA LYS B 478 35.31 -18.60 -30.02
C LYS B 478 34.28 -19.65 -30.44
N PHE B 479 34.37 -20.15 -31.67
CA PHE B 479 33.36 -21.05 -32.21
C PHE B 479 33.06 -22.21 -31.27
N GLY B 480 31.76 -22.50 -31.13
CA GLY B 480 31.33 -23.66 -30.42
C GLY B 480 31.08 -23.42 -28.95
N LEU B 481 31.62 -22.34 -28.40
CA LEU B 481 31.43 -22.04 -26.98
C LEU B 481 29.96 -21.78 -26.70
N GLN B 482 29.49 -22.23 -25.55
CA GLN B 482 28.11 -21.90 -25.21
C GLN B 482 28.01 -20.42 -24.90
N SER B 483 27.03 -19.77 -25.52
CA SER B 483 26.74 -18.36 -25.34
C SER B 483 25.24 -18.17 -25.48
N PRO B 484 24.70 -17.09 -24.91
CA PRO B 484 23.27 -16.78 -25.10
C PRO B 484 22.90 -16.33 -26.50
N PHE B 485 23.78 -15.56 -27.16
CA PHE B 485 23.42 -14.88 -28.39
C PHE B 485 23.93 -15.49 -29.69
N VAL B 486 24.84 -16.45 -29.67
CA VAL B 486 25.59 -16.82 -30.88
C VAL B 486 25.12 -18.19 -31.34
N TYR B 487 24.49 -18.28 -32.49
CA TYR B 487 23.89 -19.54 -32.90
C TYR B 487 24.88 -20.22 -33.83
N TRP B 488 25.72 -21.10 -33.28
CA TRP B 488 26.79 -21.65 -34.14
C TRP B 488 26.20 -22.63 -35.15
N GLU B 489 25.20 -23.40 -34.74
CA GLU B 489 24.51 -24.28 -35.67
C GLU B 489 23.99 -23.50 -36.89
N LEU B 490 23.47 -22.28 -36.67
CA LEU B 490 22.84 -21.54 -37.77
C LEU B 490 23.83 -20.80 -38.66
N LEU B 491 24.94 -20.32 -38.09
CA LEU B 491 25.80 -19.35 -38.76
C LEU B 491 26.92 -20.13 -39.42
N GLY B 492 26.76 -20.40 -40.72
CA GLY B 492 27.82 -20.96 -41.52
C GLY B 492 28.65 -19.86 -42.14
N GLU B 493 29.77 -20.24 -42.73
CA GLU B 493 30.55 -19.22 -43.42
C GLU B 493 29.72 -18.52 -44.50
N GLU B 494 28.84 -19.25 -45.20
CA GLU B 494 28.03 -18.63 -46.26
C GLU B 494 27.15 -17.52 -45.71
N LEU B 495 26.47 -17.79 -44.59
CA LEU B 495 25.59 -16.77 -44.02
C LEU B 495 26.39 -15.62 -43.42
N LEU B 496 27.50 -15.91 -42.75
CA LEU B 496 28.27 -14.86 -42.09
C LEU B 496 28.80 -13.87 -43.10
N GLU B 497 29.49 -14.37 -44.12
CA GLU B 497 30.06 -13.45 -45.08
C GLU B 497 28.99 -12.82 -45.96
N GLN B 498 27.86 -13.51 -46.21
CA GLN B 498 26.80 -12.82 -46.95
C GLN B 498 26.29 -11.63 -46.16
N ALA B 499 26.15 -11.77 -44.85
CA ALA B 499 25.65 -10.65 -44.07
C ALA B 499 26.66 -9.52 -44.01
N LEU B 500 27.93 -9.81 -43.74
CA LEU B 500 28.86 -8.69 -43.52
C LEU B 500 28.99 -7.76 -44.73
N ASP B 501 28.78 -8.27 -45.96
CA ASP B 501 28.78 -7.40 -47.14
C ASP B 501 27.42 -6.84 -47.49
N CYS B 502 26.34 -7.44 -47.00
CA CYS B 502 25.01 -6.94 -47.34
C CYS B 502 24.35 -6.09 -46.26
N LEU B 503 24.88 -6.08 -45.03
CA LEU B 503 24.22 -5.38 -43.93
C LEU B 503 24.88 -4.06 -43.64
N PRO B 504 24.14 -2.98 -43.79
CA PRO B 504 24.69 -1.66 -43.52
C PRO B 504 25.12 -1.52 -42.08
N ALA B 505 26.27 -0.88 -41.86
CA ALA B 505 26.74 -0.64 -40.50
C ALA B 505 25.69 0.09 -39.69
N ALA B 506 25.03 1.07 -40.31
CA ALA B 506 24.04 1.90 -39.60
C ALA B 506 22.82 1.09 -39.16
N HIS B 507 22.44 0.07 -39.93
CA HIS B 507 21.36 -0.82 -39.50
C HIS B 507 21.81 -1.73 -38.36
N LEU B 508 23.06 -2.17 -38.38
CA LEU B 508 23.59 -2.98 -37.28
C LEU B 508 23.62 -2.17 -35.99
N ARG B 509 24.07 -0.92 -36.08
CA ARG B 509 23.99 -0.04 -34.91
C ARG B 509 22.55 0.14 -34.43
N ALA B 510 21.58 0.29 -35.36
CA ALA B 510 20.20 0.40 -34.90
C ALA B 510 19.78 -0.85 -34.14
N TRP B 511 19.97 -2.02 -34.73
CA TRP B 511 19.49 -3.25 -34.11
C TRP B 511 20.17 -3.48 -32.79
N PHE B 512 21.45 -3.20 -32.72
CA PHE B 512 22.15 -3.44 -31.47
C PHE B 512 21.74 -2.42 -30.42
N GLU B 513 21.37 -1.21 -30.82
CA GLU B 513 20.87 -0.29 -29.81
C GLU B 513 19.52 -0.76 -29.27
N ARG B 514 18.65 -1.24 -30.15
CA ARG B 514 17.35 -1.73 -29.68
C ARG B 514 17.50 -3.00 -28.88
N LEU B 515 18.41 -3.87 -29.29
CA LEU B 515 18.67 -5.10 -28.55
C LEU B 515 19.18 -4.78 -27.16
N LEU B 516 20.07 -3.80 -27.05
CA LEU B 516 20.64 -3.41 -25.76
C LEU B 516 19.65 -2.68 -24.87
N GLU B 517 18.57 -2.12 -25.42
CA GLU B 517 17.62 -1.41 -24.56
C GLU B 517 16.83 -2.39 -23.69
N ASP B 518 16.36 -3.49 -24.28
CA ASP B 518 15.73 -4.58 -23.52
C ASP B 518 16.28 -5.89 -24.05
N ILE B 519 17.16 -6.54 -23.30
CA ILE B 519 17.74 -7.80 -23.81
C ILE B 519 16.72 -8.94 -23.81
N PRO B 520 15.99 -9.19 -22.72
CA PRO B 520 15.03 -10.30 -22.75
C PRO B 520 13.82 -10.06 -23.65
N GLY B 521 13.30 -8.83 -23.70
CA GLY B 521 12.10 -8.57 -24.48
C GLY B 521 12.39 -8.26 -25.94
N ASN B 522 13.58 -7.76 -26.20
CA ASN B 522 13.98 -7.51 -27.57
C ASN B 522 14.91 -8.55 -28.18
N ARG B 523 15.29 -9.64 -27.49
CA ARG B 523 16.07 -10.58 -28.29
C ARG B 523 15.18 -11.53 -29.07
N ALA B 524 13.87 -11.39 -29.00
CA ALA B 524 13.09 -12.14 -29.96
C ALA B 524 12.13 -11.20 -30.63
N GLY B 525 11.42 -11.77 -31.59
CA GLY B 525 10.48 -11.04 -32.40
C GLY B 525 10.92 -10.90 -33.81
N LEU B 526 12.13 -11.34 -34.10
CA LEU B 526 12.67 -11.14 -35.43
C LEU B 526 12.04 -12.12 -36.40
N PRO B 527 12.18 -11.83 -37.70
CA PRO B 527 11.53 -12.60 -38.77
C PRO B 527 12.16 -13.96 -39.13
N ASP B 528 11.36 -14.74 -39.87
CA ASP B 528 11.72 -16.12 -40.23
C ASP B 528 12.89 -16.21 -41.20
N LEU B 529 12.98 -15.28 -42.14
CA LEU B 529 13.85 -15.38 -43.30
C LEU B 529 14.68 -14.12 -43.50
N ILE B 530 15.80 -14.28 -44.20
CA ILE B 530 16.61 -13.17 -44.68
C ILE B 530 16.99 -13.51 -46.09
N GLN B 531 16.89 -12.55 -46.99
CA GLN B 531 17.33 -12.77 -48.35
C GLN B 531 18.36 -11.73 -48.75
N PHE B 532 19.39 -12.20 -49.46
CA PHE B 532 20.57 -11.44 -49.84
C PHE B 532 20.72 -11.38 -51.36
N TRP B 533 21.04 -10.20 -51.87
CA TRP B 533 21.38 -10.06 -53.29
C TRP B 533 22.81 -9.54 -53.30
N PRO B 534 23.80 -10.43 -53.27
CA PRO B 534 25.19 -9.99 -53.06
C PRO B 534 25.75 -9.19 -54.22
N ALA B 535 25.34 -9.48 -55.45
CA ALA B 535 25.89 -8.79 -56.60
C ALA B 535 25.69 -7.29 -56.49
N GLN B 536 24.53 -6.88 -55.91
CA GLN B 536 24.20 -5.49 -55.63
C GLN B 536 24.43 -5.06 -54.18
N ARG B 537 24.87 -5.97 -53.31
CA ARG B 537 24.95 -5.78 -51.85
C ARG B 537 23.65 -5.21 -51.27
N ARG B 538 22.64 -6.06 -51.25
CA ARG B 538 21.33 -5.64 -50.77
C ARG B 538 20.74 -6.78 -49.95
N TYR B 539 19.76 -6.48 -49.09
CA TYR B 539 19.06 -7.50 -48.33
C TYR B 539 17.61 -7.09 -48.04
N ARG B 540 16.80 -8.09 -47.66
CA ARG B 540 15.47 -7.90 -47.12
C ARG B 540 15.12 -9.06 -46.18
N MET B 541 14.49 -8.72 -45.05
CA MET B 541 14.02 -9.72 -44.10
C MET B 541 12.54 -10.04 -44.34
N VAL B 542 12.20 -11.32 -44.23
CA VAL B 542 10.85 -11.79 -44.52
C VAL B 542 10.35 -12.74 -43.44
N GLU B 543 9.29 -12.36 -42.73
CA GLU B 543 8.57 -13.26 -41.83
C GLU B 543 7.43 -13.93 -42.60
N VAL B 544 7.34 -15.26 -42.50
CA VAL B 544 6.31 -16.03 -43.19
C VAL B 544 5.23 -16.42 -42.20
N LYS B 545 3.98 -16.28 -42.61
CA LYS B 545 2.85 -16.62 -41.77
C LYS B 545 2.00 -17.60 -42.55
N GLY B 546 1.81 -18.80 -42.01
CA GLY B 546 0.88 -19.73 -42.61
C GLY B 546 -0.49 -19.14 -42.45
N PRO B 547 -1.51 -19.76 -43.06
CA PRO B 547 -2.87 -19.23 -42.87
C PRO B 547 -3.32 -19.30 -41.43
N GLY B 548 -2.62 -20.12 -40.62
CA GLY B 548 -2.88 -20.38 -39.21
C GLY B 548 -1.93 -19.72 -38.21
N ASP B 549 -1.23 -18.65 -38.59
CA ASP B 549 -0.54 -17.77 -37.67
C ASP B 549 -0.73 -16.32 -38.10
N ARG B 550 -0.87 -15.41 -37.14
CA ARG B 550 -0.73 -13.98 -37.42
C ARG B 550 0.50 -13.45 -36.69
N LEU B 551 0.80 -12.18 -36.95
CA LEU B 551 2.02 -11.58 -36.43
C LEU B 551 1.87 -11.29 -34.93
N GLN B 552 2.82 -11.82 -34.15
CA GLN B 552 2.89 -11.52 -32.73
C GLN B 552 3.26 -10.06 -32.49
N ASP B 553 3.04 -9.61 -31.26
CA ASP B 553 3.21 -8.21 -30.92
C ASP B 553 4.66 -7.75 -30.95
N ASN B 554 5.59 -8.57 -30.45
CA ASN B 554 7.00 -8.17 -30.53
C ASN B 554 7.47 -8.12 -31.99
N GLN B 555 7.02 -9.08 -32.82
CA GLN B 555 7.29 -9.07 -34.26
C GLN B 555 6.81 -7.79 -34.89
N LEU B 556 5.58 -7.39 -34.55
CA LEU B 556 5.01 -6.15 -35.04
C LEU B 556 5.79 -4.94 -34.58
N ARG B 557 6.26 -4.96 -33.32
CA ARG B 557 7.08 -3.86 -32.83
C ARG B 557 8.37 -3.77 -33.64
N TRP B 558 8.95 -4.93 -33.94
CA TRP B 558 10.21 -4.94 -34.68
C TRP B 558 9.98 -4.43 -36.11
N LEU B 559 8.98 -5.00 -36.80
CA LEU B 559 8.70 -4.59 -38.18
C LEU B 559 8.51 -3.09 -38.28
N GLN B 560 7.78 -2.50 -37.34
CA GLN B 560 7.61 -1.05 -37.41
C GLN B 560 8.88 -0.33 -37.01
N PHE B 561 9.68 -0.92 -36.12
CA PHE B 561 10.98 -0.31 -35.83
C PHE B 561 11.81 -0.21 -37.08
N CYS B 562 11.75 -1.23 -37.93
CA CYS B 562 12.47 -1.19 -39.19
C CYS B 562 11.82 -0.21 -40.17
N ARG B 563 10.49 -0.19 -40.24
CA ARG B 563 9.86 0.59 -41.30
C ARG B 563 9.92 2.08 -41.02
N GLU B 564 10.00 2.48 -39.75
CA GLU B 564 10.26 3.88 -39.47
C GLU B 564 11.68 4.25 -39.90
N ARG B 565 12.64 3.33 -39.80
CA ARG B 565 14.02 3.61 -40.19
C ARG B 565 14.28 3.32 -41.66
N GLU B 566 13.22 3.02 -42.42
CA GLU B 566 13.32 2.73 -43.84
C GLU B 566 14.34 1.62 -44.09
N MET B 567 14.19 0.50 -43.30
CA MET B 567 14.83 -0.79 -43.48
C MET B 567 13.95 -1.73 -44.30
N PRO B 568 14.59 -2.61 -45.06
CA PRO B 568 13.88 -3.54 -45.95
C PRO B 568 13.20 -4.71 -45.25
N VAL B 569 11.97 -4.55 -44.83
CA VAL B 569 11.25 -5.67 -44.25
C VAL B 569 9.96 -5.87 -45.00
N ALA B 570 9.49 -7.11 -45.04
CA ALA B 570 8.19 -7.40 -45.61
C ALA B 570 7.67 -8.67 -44.97
N VAL B 571 6.34 -8.77 -44.85
CA VAL B 571 5.69 -9.92 -44.23
C VAL B 571 4.90 -10.68 -45.27
N CYS B 572 5.16 -11.99 -45.38
CA CYS B 572 4.58 -12.83 -46.42
C CYS B 572 3.45 -13.65 -45.83
N TYR B 573 2.23 -13.34 -46.27
CA TYR B 573 1.03 -14.04 -45.88
C TYR B 573 0.80 -15.14 -46.92
N VAL B 574 0.65 -16.37 -46.46
CA VAL B 574 0.55 -17.53 -47.35
C VAL B 574 -0.86 -18.07 -47.32
N ARG B 575 -1.41 -18.30 -48.51
CA ARG B 575 -2.61 -19.09 -48.76
C ARG B 575 -2.23 -20.29 -49.61
N TRP B 576 -3.07 -21.33 -49.55
CA TRP B 576 -2.88 -22.61 -50.21
C TRP B 576 -3.81 -22.82 -51.40
N HIS B 577 -3.38 -23.67 -52.35
CA HIS B 577 -4.18 -24.05 -53.50
C HIS B 577 -4.49 -25.55 -53.41
N VAL B 578 -5.76 -25.88 -53.13
CA VAL B 578 -6.21 -27.26 -52.89
C VAL B 578 -7.03 -27.71 -54.09
N ASP B 579 -6.51 -28.70 -54.82
CA ASP B 579 -7.27 -29.34 -55.89
C ASP B 579 -7.98 -30.57 -55.29
N ASP B 580 -9.31 -30.54 -55.26
CA ASP B 580 -10.11 -31.63 -54.70
C ASP B 580 -11.52 -31.70 -55.32
N GLU C 39 42.33 24.88 26.75
CA GLU C 39 41.62 23.68 26.30
C GLU C 39 41.97 23.26 24.87
N PRO C 40 43.22 22.82 24.64
CA PRO C 40 43.66 22.49 23.28
C PRO C 40 43.11 21.18 22.77
N PHE C 41 42.61 20.32 23.66
CA PHE C 41 42.06 19.03 23.31
C PHE C 41 40.53 19.00 23.24
N TYR C 42 39.89 20.18 23.27
CA TYR C 42 38.43 20.28 23.33
C TYR C 42 37.72 19.36 22.32
N TYR C 43 38.32 19.11 21.16
CA TYR C 43 37.64 18.28 20.16
C TYR C 43 37.52 16.84 20.60
N LEU C 44 38.52 16.33 21.33
CA LEU C 44 38.45 14.96 21.83
C LEU C 44 37.57 14.85 23.08
N HIS C 45 37.69 15.83 23.99
CA HIS C 45 36.83 15.88 25.19
C HIS C 45 35.35 15.97 24.83
N ASN C 46 34.96 16.99 24.05
CA ASN C 46 33.57 17.13 23.62
C ASN C 46 33.14 15.95 22.77
N PHE C 47 34.08 15.27 22.13
CA PHE C 47 33.71 14.07 21.39
C PHE C 47 33.44 12.86 22.28
N ARG C 48 34.29 12.61 23.30
CA ARG C 48 33.99 11.52 24.21
C ARG C 48 32.60 11.66 24.83
N ALA C 49 32.16 12.91 25.05
CA ALA C 49 30.82 13.18 25.56
C ALA C 49 29.75 12.54 24.67
N VAL C 50 29.87 12.70 23.35
CA VAL C 50 28.88 12.12 22.43
C VAL C 50 28.91 10.60 22.48
N LEU C 51 30.07 10.01 22.71
CA LEU C 51 30.14 8.56 22.83
C LEU C 51 29.35 8.05 24.02
N ALA C 52 29.52 8.70 25.19
CA ALA C 52 28.81 8.28 26.40
C ALA C 52 27.30 8.37 26.20
N TRP C 53 26.84 9.49 25.65
CA TRP C 53 25.41 9.69 25.40
C TRP C 53 24.81 8.59 24.53
N ILE C 54 25.44 8.30 23.39
CA ILE C 54 24.91 7.23 22.53
C ILE C 54 25.04 5.87 23.23
N GLY C 55 26.01 5.74 24.13
CA GLY C 55 26.14 4.50 24.88
C GLY C 55 24.97 4.22 25.80
N GLU C 56 24.57 5.23 26.57
CA GLU C 56 23.51 5.07 27.56
C GLU C 56 22.08 5.26 27.00
N ARG C 57 21.87 6.25 26.13
CA ARG C 57 20.53 6.55 25.63
C ARG C 57 20.12 5.66 24.47
N TYR C 58 21.01 5.45 23.50
CA TYR C 58 20.76 4.70 22.27
C TYR C 58 21.30 3.27 22.28
N ALA C 59 21.75 2.77 23.44
CA ALA C 59 22.28 1.40 23.53
C ALA C 59 21.37 0.40 22.83
N ASP C 60 20.05 0.46 23.11
CA ASP C 60 19.10 -0.53 22.59
C ASP C 60 18.90 -0.43 21.09
N LEU C 61 19.36 0.63 20.44
CA LEU C 61 19.25 0.74 18.98
C LEU C 61 20.47 0.17 18.28
N LEU C 62 21.51 -0.12 19.03
CA LEU C 62 22.75 -0.63 18.48
C LEU C 62 22.61 -2.11 18.18
N ASP C 63 23.36 -2.56 17.16
CA ASP C 63 23.41 -3.94 16.72
C ASP C 63 24.81 -4.49 16.99
N ASP C 64 25.09 -5.69 16.49
CA ASP C 64 26.37 -6.34 16.78
C ASP C 64 27.55 -5.52 16.30
N GLN C 65 27.53 -5.07 15.03
CA GLN C 65 28.63 -4.25 14.50
C GLN C 65 28.86 -2.98 15.32
N GLU C 66 27.79 -2.30 15.75
CA GLU C 66 27.98 -1.01 16.41
C GLU C 66 28.54 -1.19 17.82
N ARG C 67 27.85 -1.96 18.68
CA ARG C 67 28.27 -2.07 20.08
C ARG C 67 29.69 -2.62 20.20
N ALA C 68 30.00 -3.66 19.43
CA ALA C 68 31.34 -4.25 19.45
C ALA C 68 32.38 -3.28 18.93
N PHE C 69 32.01 -2.43 17.97
CA PHE C 69 32.94 -1.40 17.55
C PHE C 69 33.20 -0.42 18.70
N ILE C 70 32.16 -0.08 19.47
CA ILE C 70 32.26 0.91 20.54
C ILE C 70 33.29 0.51 21.59
N ALA C 71 33.41 -0.79 21.89
CA ALA C 71 34.39 -1.23 22.88
C ALA C 71 35.81 -0.86 22.46
N ALA C 72 36.14 -1.13 21.19
CA ALA C 72 37.50 -0.96 20.67
C ALA C 72 37.94 0.51 20.64
N PHE C 73 37.01 1.44 20.45
CA PHE C 73 37.37 2.85 20.33
C PHE C 73 38.08 3.37 21.57
N ALA C 74 37.53 3.07 22.76
CA ALA C 74 38.05 3.60 24.01
C ALA C 74 39.47 3.13 24.29
N GLU C 75 39.86 2.01 23.69
CA GLU C 75 41.17 1.41 23.89
C GLU C 75 42.29 2.14 23.15
N LEU C 76 41.96 3.08 22.28
CA LEU C 76 42.98 3.71 21.46
C LEU C 76 43.89 4.60 22.31
N PRO C 77 45.15 4.72 21.93
CA PRO C 77 46.07 5.66 22.61
C PRO C 77 45.57 7.08 22.56
N GLU C 78 46.08 7.90 23.48
CA GLU C 78 45.66 9.30 23.53
C GLU C 78 46.10 10.06 22.28
N ALA C 79 47.33 9.82 21.84
CA ALA C 79 47.81 10.45 20.61
C ALA C 79 47.03 9.95 19.40
N SER C 80 46.79 8.63 19.34
CA SER C 80 46.18 8.03 18.17
C SER C 80 44.70 8.36 18.06
N GLN C 81 43.96 8.27 19.18
CA GLN C 81 42.56 8.72 19.20
C GLN C 81 42.43 10.22 18.97
N ALA C 82 43.44 10.99 19.37
CA ALA C 82 43.41 12.42 19.08
C ALA C 82 43.53 12.67 17.57
N LEU C 83 44.41 11.90 16.91
CA LEU C 83 44.55 12.00 15.46
C LEU C 83 43.25 11.65 14.73
N LEU C 84 42.58 10.57 15.15
CA LEU C 84 41.37 10.14 14.46
C LEU C 84 40.28 11.20 14.46
N VAL C 85 40.15 11.96 15.55
CA VAL C 85 39.05 12.91 15.64
C VAL C 85 39.18 14.01 14.60
N ARG C 86 40.41 14.45 14.31
CA ARG C 86 40.60 15.48 13.27
C ARG C 86 40.13 14.99 11.91
N MET C 87 40.48 13.75 11.54
CA MET C 87 40.14 13.24 10.22
C MET C 87 38.64 13.08 10.04
N VAL C 88 37.97 12.55 11.07
CA VAL C 88 36.53 12.34 10.99
C VAL C 88 35.77 13.66 11.00
N MET C 89 36.32 14.70 11.63
CA MET C 89 35.59 15.95 11.67
C MET C 89 35.62 16.67 10.32
N ARG C 90 36.49 16.27 9.41
CA ARG C 90 36.36 16.73 8.04
C ARG C 90 35.65 15.64 7.25
N LYS C 91 34.73 16.06 6.37
CA LYS C 91 33.78 15.13 5.76
C LYS C 91 34.47 14.09 4.89
N GLY C 92 35.49 14.49 4.14
CA GLY C 92 36.10 13.60 3.17
C GLY C 92 36.80 12.40 3.79
N THR C 93 37.12 11.45 2.93
CA THR C 93 37.97 10.31 3.30
C THR C 93 39.43 10.41 2.85
N LEU C 94 39.86 11.49 2.20
CA LEU C 94 41.24 11.57 1.70
C LEU C 94 42.00 12.73 2.32
N PHE C 95 43.23 12.45 2.76
CA PHE C 95 44.10 13.41 3.41
C PHE C 95 45.56 13.09 3.07
N ARG C 96 46.35 14.14 2.82
CA ARG C 96 47.79 14.00 2.75
C ARG C 96 48.35 13.97 4.16
N GLU C 97 49.28 13.04 4.41
CA GLU C 97 49.93 12.97 5.72
C GLU C 97 50.51 14.33 6.08
N GLY C 98 50.80 15.14 5.07
CA GLY C 98 51.39 16.43 5.33
C GLY C 98 50.42 17.42 5.94
N LYS C 99 49.17 17.39 5.49
CA LYS C 99 48.22 18.37 5.99
C LYS C 99 47.65 18.00 7.35
N LEU C 100 48.01 16.83 7.88
CA LEU C 100 47.50 16.31 9.13
C LEU C 100 48.41 16.59 10.34
N ALA C 101 49.41 17.46 10.21
CA ALA C 101 50.23 17.83 11.35
C ALA C 101 49.41 18.62 12.37
N TYR C 102 49.43 18.18 13.62
CA TYR C 102 48.73 18.88 14.68
C TYR C 102 49.61 18.87 15.93
N ALA C 103 49.60 19.98 16.67
CA ALA C 103 50.47 20.08 17.82
C ALA C 103 50.02 19.19 18.97
N GLU C 104 48.71 19.11 19.21
CA GLU C 104 48.22 18.33 20.35
C GLU C 104 48.48 16.83 20.17
N ILE C 105 48.59 16.35 18.94
CA ILE C 105 48.77 14.92 18.71
C ILE C 105 50.22 14.52 18.54
N GLY C 106 51.15 15.47 18.52
CA GLY C 106 52.51 15.14 18.18
C GLY C 106 52.70 14.76 16.70
N ASP C 107 53.01 13.48 16.46
CA ASP C 107 53.35 12.96 15.14
C ASP C 107 52.15 12.39 14.40
N THR C 108 52.04 12.75 13.11
CA THR C 108 50.97 12.22 12.26
C THR C 108 51.20 10.75 11.89
N ARG C 109 52.43 10.41 11.46
CA ARG C 109 52.73 9.04 11.03
C ARG C 109 52.73 8.05 12.19
N ALA C 110 53.19 8.49 13.37
CA ALA C 110 53.22 7.62 14.54
C ALA C 110 51.82 7.32 15.06
N ALA C 111 51.00 8.36 15.22
CA ALA C 111 49.64 8.17 15.74
C ALA C 111 48.76 7.37 14.78
N VAL C 112 49.03 7.44 13.47
CA VAL C 112 48.18 6.79 12.48
C VAL C 112 48.42 5.29 12.41
N GLN C 113 49.49 4.79 13.03
CA GLN C 113 49.80 3.37 12.96
C GLN C 113 48.79 2.50 13.71
N PRO C 114 48.47 2.74 15.00
CA PRO C 114 47.49 1.87 15.67
C PRO C 114 46.11 1.90 15.01
N LEU C 115 45.81 2.94 14.23
CA LEU C 115 44.56 3.00 13.48
C LEU C 115 44.62 2.17 12.19
N LEU C 116 45.76 2.17 11.48
CA LEU C 116 45.87 1.35 10.28
C LEU C 116 45.76 -0.14 10.59
N ALA C 117 46.25 -0.54 11.78
CA ALA C 117 46.22 -1.96 12.18
C ALA C 117 44.80 -2.45 12.46
N LEU C 118 43.93 -1.57 12.99
CA LEU C 118 42.52 -1.88 13.24
C LEU C 118 41.64 -1.78 11.99
N GLY C 119 42.22 -1.41 10.84
CA GLY C 119 41.48 -1.21 9.61
C GLY C 119 40.60 0.01 9.55
N TRP C 120 40.63 0.86 10.57
CA TRP C 120 39.86 2.11 10.58
C TRP C 120 40.50 3.20 9.74
N VAL C 121 41.80 3.12 9.47
CA VAL C 121 42.49 4.04 8.57
C VAL C 121 43.26 3.21 7.56
N ASP C 122 42.99 3.44 6.28
CA ASP C 122 43.65 2.75 5.18
C ASP C 122 44.82 3.59 4.66
N ALA C 123 45.96 2.95 4.43
CA ALA C 123 46.99 3.53 3.59
C ALA C 123 46.98 2.88 2.20
N GLN C 124 47.81 3.43 1.32
CA GLN C 124 47.86 3.08 -0.11
C GLN C 124 46.48 2.67 -0.66
N PRO C 125 45.49 3.53 -0.59
CA PRO C 125 44.17 3.17 -1.10
C PRO C 125 44.07 3.13 -2.62
N THR C 126 42.89 2.85 -3.14
CA THR C 126 42.63 2.85 -4.57
C THR C 126 41.95 4.17 -4.95
N LEU C 127 42.55 4.92 -5.88
CA LEU C 127 42.05 6.23 -6.28
C LEU C 127 41.80 6.30 -7.78
N GLU C 128 40.58 6.71 -8.16
CA GLU C 128 40.34 7.06 -9.55
C GLU C 128 41.02 8.37 -9.92
N LEU C 129 41.18 8.59 -11.23
CA LEU C 129 41.83 9.78 -11.74
C LEU C 129 41.15 11.05 -11.21
N ALA C 130 39.83 11.03 -11.13
CA ALA C 130 39.09 12.18 -10.60
C ALA C 130 39.42 12.41 -9.12
N GLN C 131 39.72 11.33 -8.38
CA GLN C 131 40.10 11.44 -6.96
C GLN C 131 41.50 12.01 -6.80
N LEU C 132 42.43 11.64 -7.69
CA LEU C 132 43.77 12.21 -7.67
C LEU C 132 43.78 13.73 -7.80
N PHE C 133 42.82 14.29 -8.52
CA PHE C 133 42.82 15.73 -8.77
C PHE C 133 42.53 16.58 -7.54
N GLY C 134 41.98 16.01 -6.47
CA GLY C 134 41.77 16.76 -5.25
C GLY C 134 43.03 16.91 -4.41
N LEU C 135 43.81 15.84 -4.31
CA LEU C 135 44.94 15.83 -3.39
C LEU C 135 46.10 16.70 -3.88
N LEU C 136 46.32 16.79 -5.20
CA LEU C 136 47.51 17.38 -5.79
C LEU C 136 47.27 18.77 -6.40
N LYS C 137 48.34 19.58 -6.42
CA LYS C 137 48.36 20.89 -7.07
C LYS C 137 48.24 20.74 -8.58
N LYS C 138 47.85 21.84 -9.24
CA LYS C 138 47.91 21.86 -10.70
C LYS C 138 49.35 21.83 -11.20
N ASP C 139 50.28 22.42 -10.43
CA ASP C 139 51.71 22.28 -10.73
C ASP C 139 52.11 20.81 -10.73
N GLU C 140 51.81 20.09 -9.64
CA GLU C 140 52.20 18.68 -9.55
C GLU C 140 51.56 17.83 -10.63
N LEU C 141 50.30 18.10 -10.96
CA LEU C 141 49.64 17.30 -11.99
C LEU C 141 50.20 17.61 -13.38
N SER C 142 50.43 18.89 -13.70
CA SER C 142 50.98 19.23 -15.02
C SER C 142 52.35 18.59 -15.26
N GLN C 143 53.26 18.67 -14.29
CA GLN C 143 54.58 18.05 -14.40
C GLN C 143 54.46 16.52 -14.40
N LEU C 144 53.37 15.99 -13.84
CA LEU C 144 53.16 14.55 -13.71
C LEU C 144 53.04 13.84 -15.05
N PHE C 145 52.21 14.37 -15.95
CA PHE C 145 51.86 13.71 -17.21
C PHE C 145 52.74 14.11 -18.41
N ARG C 146 53.95 14.64 -18.18
CA ARG C 146 54.81 15.12 -19.28
C ARG C 146 54.81 14.16 -20.47
N ASP C 147 54.67 12.84 -20.25
CA ASP C 147 54.52 11.89 -21.35
C ASP C 147 53.19 12.10 -22.06
N HIS C 148 52.10 12.10 -21.30
CA HIS C 148 50.72 12.12 -21.78
C HIS C 148 50.23 13.54 -22.05
N LEU C 149 51.16 14.51 -22.10
CA LEU C 149 50.91 15.95 -22.27
C LEU C 149 49.87 16.26 -23.34
N GLY C 150 49.04 17.26 -23.04
CA GLY C 150 48.12 17.89 -23.96
C GLY C 150 48.59 19.25 -24.43
N ARG C 151 47.64 20.12 -24.78
CA ARG C 151 47.99 21.24 -25.65
C ARG C 151 48.76 22.37 -24.96
N ALA C 152 48.09 23.19 -24.16
CA ALA C 152 48.74 24.24 -23.38
C ALA C 152 47.99 24.36 -22.06
N ASN C 153 48.22 25.43 -21.32
CA ASN C 153 47.50 25.61 -20.07
C ASN C 153 46.04 26.01 -20.33
N LEU C 154 45.15 25.39 -19.55
CA LEU C 154 43.70 25.49 -19.69
C LEU C 154 43.12 25.14 -18.32
N ARG C 155 41.79 25.09 -18.22
CA ARG C 155 41.19 25.01 -16.89
C ARG C 155 41.40 23.60 -16.32
N LYS C 156 41.05 23.43 -15.03
CA LYS C 156 41.33 22.14 -14.38
C LYS C 156 40.26 21.09 -14.68
N ASP C 157 38.97 21.47 -14.70
CA ASP C 157 37.95 20.51 -15.10
C ASP C 157 38.20 20.03 -16.52
N ALA C 158 38.82 20.87 -17.35
CA ALA C 158 39.15 20.47 -18.71
C ALA C 158 40.38 19.58 -18.74
N LEU C 159 41.39 19.89 -17.91
CA LEU C 159 42.55 18.99 -17.79
C LEU C 159 42.10 17.60 -17.33
N LEU C 160 41.23 17.53 -16.32
CA LEU C 160 40.60 16.26 -15.94
C LEU C 160 39.74 15.71 -17.07
N GLU C 161 39.03 16.59 -17.78
CA GLU C 161 38.10 16.17 -18.83
C GLU C 161 38.80 15.38 -19.94
N ARG C 162 39.89 15.91 -20.48
CA ARG C 162 40.56 15.19 -21.57
C ARG C 162 41.28 13.94 -21.06
N LEU C 163 41.62 13.89 -19.76
CA LEU C 163 42.41 12.78 -19.22
C LEU C 163 41.57 11.61 -18.69
N GLN C 164 40.27 11.82 -18.44
CA GLN C 164 39.50 10.74 -17.81
C GLN C 164 39.29 9.58 -18.77
N PRO C 165 38.92 9.76 -20.04
CA PRO C 165 38.86 8.61 -20.96
C PRO C 165 40.19 7.90 -21.14
N LEU C 166 41.33 8.59 -20.97
CA LEU C 166 42.63 7.96 -21.16
C LEU C 166 43.03 7.12 -19.95
N PHE C 167 42.75 7.59 -18.74
CA PHE C 167 43.02 6.85 -17.50
C PHE C 167 41.71 6.59 -16.76
N PRO C 168 40.84 5.73 -17.31
CA PRO C 168 39.60 5.41 -16.57
C PRO C 168 39.87 4.58 -15.32
N GLU C 169 40.83 3.65 -15.39
CA GLU C 169 41.09 2.73 -14.30
C GLU C 169 41.62 3.44 -13.05
N ALA C 170 41.36 2.85 -11.90
CA ALA C 170 41.86 3.31 -10.61
C ALA C 170 43.12 2.53 -10.19
N ARG C 171 44.03 3.25 -9.52
CA ARG C 171 45.34 2.72 -9.13
C ARG C 171 45.67 3.21 -7.72
N ARG C 172 46.52 2.47 -7.01
CA ARG C 172 47.07 2.97 -5.76
C ARG C 172 48.01 4.15 -5.97
N LEU C 173 48.26 4.89 -4.87
CA LEU C 173 49.20 6.00 -4.95
C LEU C 173 50.57 5.49 -5.38
N ALA C 174 50.95 4.29 -4.93
CA ALA C 174 52.14 3.63 -5.45
C ALA C 174 51.94 3.21 -6.90
N GLU C 175 50.69 2.95 -7.28
CA GLU C 175 50.33 2.54 -8.63
C GLU C 175 50.02 3.70 -9.58
N TRP C 176 50.02 4.96 -9.11
CA TRP C 176 49.80 6.09 -10.03
C TRP C 176 51.09 6.70 -10.59
N GLN C 177 51.91 7.32 -9.73
CA GLN C 177 53.27 7.60 -10.16
C GLN C 177 54.36 6.85 -9.39
N ALA C 178 54.01 6.15 -8.31
CA ALA C 178 54.92 5.44 -7.40
C ALA C 178 55.86 6.37 -6.62
N ASP C 179 56.09 7.59 -7.14
CA ASP C 179 56.89 8.61 -6.48
C ASP C 179 55.94 9.64 -5.84
N PHE C 180 56.48 10.80 -5.43
CA PHE C 180 55.86 11.93 -4.71
C PHE C 180 56.00 11.80 -3.18
N ALA C 181 56.44 10.65 -2.67
CA ALA C 181 56.45 10.33 -1.24
C ALA C 181 55.10 10.60 -0.59
N GLU C 182 55.10 11.11 0.65
CA GLU C 182 53.91 11.52 1.39
C GLU C 182 52.77 10.52 1.24
N PRO C 183 52.75 9.42 2.01
CA PRO C 183 51.63 8.47 1.90
C PRO C 183 50.31 9.16 2.15
N VAL C 184 49.24 8.60 1.58
CA VAL C 184 47.89 9.11 1.73
C VAL C 184 47.04 8.09 2.45
N TYR C 185 46.25 8.57 3.40
CA TYR C 185 45.38 7.76 4.23
C TYR C 185 43.93 7.97 3.79
N GLU C 186 43.15 6.89 3.84
CA GLU C 186 41.73 6.92 3.56
C GLU C 186 40.96 6.56 4.82
N LEU C 187 39.96 7.35 5.18
CA LEU C 187 39.07 6.97 6.26
C LEU C 187 38.08 5.94 5.73
N ARG C 188 38.15 4.72 6.27
CA ARG C 188 37.38 3.59 5.77
C ARG C 188 36.12 3.33 6.61
N CYS C 189 35.96 4.06 7.72
CA CYS C 189 34.87 3.90 8.68
C CYS C 189 33.77 4.96 8.61
N MET C 190 33.77 5.87 7.61
CA MET C 190 32.86 7.03 7.67
C MET C 190 31.39 6.63 7.78
N ALA C 191 31.02 5.39 7.42
CA ALA C 191 29.62 4.97 7.49
C ALA C 191 29.11 4.87 8.94
N LEU C 192 29.88 4.21 9.82
CA LEU C 192 29.53 4.18 11.24
C LEU C 192 29.63 5.58 11.85
N CYS C 193 30.46 6.44 11.25
CA CYS C 193 30.64 7.81 11.73
C CYS C 193 29.36 8.61 11.56
N ASP C 194 28.75 8.49 10.39
CA ASP C 194 27.52 9.19 10.07
C ASP C 194 26.34 8.68 10.90
N ARG C 195 26.30 7.38 11.19
CA ARG C 195 25.19 6.86 11.98
C ARG C 195 25.20 7.42 13.41
N LEU C 196 26.36 7.66 14.01
CA LEU C 196 26.36 8.24 15.35
C LEU C 196 26.00 9.72 15.35
N ARG C 197 26.60 10.50 14.43
CA ARG C 197 26.21 11.89 14.28
C ARG C 197 24.70 11.99 14.08
N LEU C 198 24.14 11.11 13.23
CA LEU C 198 22.71 11.14 12.90
C LEU C 198 21.84 10.63 14.05
N MET C 199 22.28 9.58 14.76
CA MET C 199 21.53 9.09 15.92
C MET C 199 21.53 10.12 17.04
N TYR C 200 22.66 10.80 17.26
CA TYR C 200 22.74 11.73 18.37
C TYR C 200 21.94 12.99 18.10
N PHE C 201 22.11 13.57 16.91
CA PHE C 201 21.44 14.83 16.60
C PHE C 201 20.01 14.61 16.14
N GLY C 202 19.74 13.46 15.52
CA GLY C 202 18.47 13.23 14.87
C GLY C 202 18.34 13.92 13.53
N ASN C 203 19.39 14.59 13.08
CA ASN C 203 19.43 15.22 11.77
C ASN C 203 20.86 15.18 11.30
N LEU C 204 21.06 15.12 10.00
CA LEU C 204 22.40 15.03 9.42
C LEU C 204 22.98 16.38 9.03
N TRP C 205 22.28 17.48 9.30
CA TRP C 205 22.75 18.77 8.85
C TRP C 205 23.67 19.44 9.87
N GLN C 206 23.72 18.94 11.11
CA GLN C 206 24.54 19.56 12.13
C GLN C 206 25.85 18.80 12.27
N ASP C 207 26.94 19.55 12.31
CA ASP C 207 28.29 19.01 12.43
C ASP C 207 28.65 18.81 13.89
N TRP C 208 29.84 18.25 14.12
CA TRP C 208 30.44 18.23 15.44
C TRP C 208 30.93 19.60 15.90
N SER C 209 31.14 20.52 14.97
CA SER C 209 31.61 21.84 15.36
C SER C 209 30.57 22.56 16.20
N GLU C 210 29.34 22.05 16.23
CA GLU C 210 28.29 22.58 17.09
C GLU C 210 28.75 22.67 18.54
N PHE C 211 29.42 21.63 19.04
CA PHE C 211 29.95 21.68 20.40
C PHE C 211 30.92 22.84 20.54
N VAL C 212 31.88 22.90 19.63
CA VAL C 212 32.93 23.91 19.68
C VAL C 212 32.34 25.30 19.51
N LEU C 213 31.27 25.43 18.72
CA LEU C 213 30.60 26.72 18.52
C LEU C 213 29.77 27.14 19.73
N ALA C 214 29.12 26.17 20.38
CA ALA C 214 28.31 26.46 21.56
C ALA C 214 29.17 26.90 22.73
N ASP C 215 30.31 26.24 22.95
CA ASP C 215 31.20 26.62 24.03
C ASP C 215 31.71 28.04 23.83
N LEU C 216 32.00 28.41 22.58
CA LEU C 216 32.57 29.70 22.29
C LEU C 216 31.54 30.82 22.36
N GLY C 217 30.24 30.50 22.40
CA GLY C 217 29.24 31.54 22.45
C GLY C 217 28.88 32.14 21.11
N ILE C 218 29.08 31.41 20.02
CA ILE C 218 28.76 31.91 18.70
C ILE C 218 27.33 31.54 18.35
N TYR C 219 27.07 30.25 18.20
CA TYR C 219 25.71 29.75 18.32
C TYR C 219 25.35 29.70 19.79
N ARG C 220 24.12 30.11 20.11
CA ARG C 220 23.65 30.11 21.49
C ARG C 220 22.23 29.52 21.55
N TYR C 221 22.10 28.39 22.23
CA TYR C 221 20.86 27.63 22.24
C TYR C 221 20.19 27.74 23.60
N GLU C 222 18.86 27.61 23.59
CA GLU C 222 18.09 27.59 24.82
C GLU C 222 18.36 26.29 25.56
N SER C 223 18.34 26.35 26.91
CA SER C 223 18.58 25.18 27.76
C SER C 223 17.22 24.64 28.21
N VAL C 224 16.81 23.50 27.63
CA VAL C 224 15.58 22.79 27.95
C VAL C 224 15.91 21.57 28.77
N GLU C 225 15.13 21.32 29.83
CA GLU C 225 15.30 20.11 30.64
C GLU C 225 14.21 19.14 30.22
N PHE C 226 14.60 18.11 29.46
CA PHE C 226 13.70 17.12 28.91
C PHE C 226 13.87 15.80 29.66
N SER C 227 13.03 14.84 29.30
CA SER C 227 13.03 13.56 29.97
C SER C 227 14.34 12.83 29.69
N ALA C 228 14.83 12.09 30.69
CA ALA C 228 16.10 11.38 30.55
C ALA C 228 16.01 10.15 29.64
N ASP C 229 14.82 9.70 29.28
CA ASP C 229 14.66 8.57 28.36
C ASP C 229 14.37 8.98 26.92
N SER C 230 14.13 10.26 26.64
CA SER C 230 13.75 10.67 25.29
C SER C 230 14.97 10.82 24.40
N ARG C 231 14.80 10.43 23.14
CA ARG C 231 15.90 10.35 22.20
C ARG C 231 15.33 10.44 20.79
N GLY C 232 16.23 10.68 19.83
CA GLY C 232 15.77 10.94 18.48
C GLY C 232 15.06 9.77 17.86
N PHE C 233 15.71 8.62 17.81
CA PHE C 233 15.22 7.50 17.05
C PHE C 233 14.66 6.44 18.00
N ARG C 234 13.45 5.96 17.68
CA ARG C 234 12.88 4.88 18.47
C ARG C 234 13.39 3.53 17.95
N LEU C 235 13.01 3.18 16.72
CA LEU C 235 13.39 1.91 16.09
C LEU C 235 14.78 1.97 15.44
N ARG C 236 15.46 0.82 15.39
CA ARG C 236 16.69 0.73 14.60
C ARG C 236 16.40 0.90 13.11
N ALA C 237 15.31 0.28 12.63
CA ALA C 237 14.92 0.40 11.23
C ALA C 237 14.70 1.84 10.81
N ASP C 238 14.50 2.73 11.77
CA ASP C 238 14.37 4.16 11.49
C ASP C 238 15.71 4.74 11.05
N VAL C 239 16.78 4.38 11.75
CA VAL C 239 18.14 4.77 11.34
C VAL C 239 18.43 4.31 9.91
N ASP C 240 18.22 3.01 9.63
CA ASP C 240 18.46 2.47 8.29
C ASP C 240 17.70 3.25 7.23
N ALA C 241 16.48 3.70 7.54
CA ALA C 241 15.68 4.41 6.56
C ALA C 241 16.21 5.82 6.31
N TYR C 242 16.46 6.58 7.37
CA TYR C 242 16.97 7.94 7.19
C TYR C 242 18.24 7.89 6.33
N LEU C 243 19.14 6.97 6.67
CA LEU C 243 20.38 6.88 5.94
C LEU C 243 20.16 6.55 4.46
N HIS C 244 19.15 5.75 4.13
CA HIS C 244 18.95 5.39 2.73
C HIS C 244 18.42 6.56 1.90
N LEU C 245 17.34 7.21 2.38
CA LEU C 245 16.82 8.37 1.65
C LEU C 245 17.89 9.43 1.50
N PHE C 246 18.71 9.63 2.55
CA PHE C 246 19.78 10.61 2.46
C PHE C 246 20.87 10.19 1.47
N ASP C 247 21.21 8.89 1.43
CA ASP C 247 22.10 8.38 0.39
C ASP C 247 21.54 8.67 -1.00
N CYS C 248 20.22 8.61 -1.14
CA CYS C 248 19.56 8.85 -2.42
C CYS C 248 19.60 10.33 -2.83
N ARG C 249 19.28 11.25 -1.90
CA ARG C 249 19.38 12.68 -2.21
C ARG C 249 20.82 13.04 -2.55
N GLN C 250 21.78 12.43 -1.85
CA GLN C 250 23.19 12.60 -2.17
C GLN C 250 23.49 12.14 -3.60
N ARG C 251 23.10 10.91 -3.93
CA ARG C 251 23.35 10.36 -5.27
C ARG C 251 22.69 11.18 -6.38
N PHE C 252 21.53 11.78 -6.09
CA PHE C 252 20.81 12.57 -7.10
C PHE C 252 21.52 13.89 -7.37
N ASP C 253 22.00 14.56 -6.30
CA ASP C 253 22.69 15.84 -6.47
C ASP C 253 23.96 15.71 -7.30
N LEU C 254 24.35 14.48 -7.67
CA LEU C 254 25.49 14.21 -8.53
C LEU C 254 25.07 14.13 -10.00
N GLY C 255 25.99 13.63 -10.83
CA GLY C 255 25.79 13.49 -12.26
C GLY C 255 25.00 12.29 -12.73
N GLU C 256 24.20 11.69 -11.84
CA GLU C 256 23.28 10.66 -12.28
C GLU C 256 22.11 11.28 -13.07
N PRO C 257 21.57 10.53 -14.02
CA PRO C 257 20.45 11.05 -14.84
C PRO C 257 19.12 11.00 -14.11
N LEU C 258 18.23 11.90 -14.52
CA LEU C 258 16.90 11.91 -13.95
C LEU C 258 16.15 10.59 -14.18
N GLU C 259 16.50 9.84 -15.21
CA GLU C 259 15.75 8.62 -15.55
C GLU C 259 15.87 7.53 -14.48
N GLU C 260 17.03 7.37 -13.83
CA GLU C 260 17.23 6.35 -12.78
C GLU C 260 16.90 6.92 -11.41
N LEU C 261 15.78 6.49 -10.83
CA LEU C 261 15.35 7.06 -9.55
C LEU C 261 15.03 5.99 -8.52
N LEU C 262 14.08 5.08 -8.84
CA LEU C 262 13.61 3.97 -7.94
C LEU C 262 14.68 2.99 -7.72
N ALA C 263 15.85 3.32 -8.29
CA ALA C 263 17.08 2.61 -7.96
C ALA C 263 17.20 2.43 -6.44
N GLY C 264 16.97 3.49 -5.67
CA GLY C 264 16.94 3.35 -4.22
C GLY C 264 15.59 3.21 -3.56
N LEU C 265 14.55 3.74 -4.19
CA LEU C 265 13.36 4.13 -3.46
C LEU C 265 12.41 2.97 -3.11
N PRO C 266 11.64 3.13 -2.02
CA PRO C 266 10.55 2.19 -1.74
C PRO C 266 9.37 2.41 -2.66
N GLY C 267 8.73 1.32 -3.06
CA GLY C 267 7.55 1.50 -3.88
C GLY C 267 6.26 1.61 -3.10
N GLU C 268 6.35 1.55 -1.77
CA GLU C 268 5.23 1.66 -0.86
C GLU C 268 5.57 2.69 0.20
N PRO C 269 4.56 3.43 0.67
CA PRO C 269 4.83 4.50 1.65
C PRO C 269 5.45 3.93 2.93
N TYR C 270 6.22 4.78 3.62
CA TYR C 270 6.92 4.32 4.81
C TYR C 270 5.98 4.22 5.99
N ALA C 271 6.29 3.26 6.87
CA ALA C 271 5.51 3.08 8.09
C ALA C 271 5.68 4.28 9.03
N ASN C 272 6.93 4.56 9.43
CA ASN C 272 7.19 5.55 10.45
C ASN C 272 6.79 6.94 9.98
N PRO C 273 6.14 7.75 10.83
CA PRO C 273 5.59 9.03 10.36
C PRO C 273 6.63 10.05 9.95
N TRP C 274 7.73 10.17 10.71
CA TRP C 274 8.68 11.24 10.40
C TRP C 274 9.42 10.96 9.10
N LEU C 275 9.75 9.69 8.86
CA LEU C 275 10.44 9.28 7.65
C LEU C 275 9.63 9.60 6.41
N GLU C 276 8.33 9.33 6.44
CA GLU C 276 7.48 9.55 5.29
C GLU C 276 7.55 11.01 4.83
N GLY C 277 7.83 11.94 5.75
CA GLY C 277 8.04 13.32 5.34
C GLY C 277 9.18 13.46 4.35
N ARG C 278 10.34 12.89 4.66
CA ARG C 278 11.49 13.01 3.76
C ARG C 278 11.25 12.28 2.43
N ARG C 279 10.57 11.13 2.46
CA ARG C 279 10.28 10.42 1.20
C ARG C 279 9.39 11.28 0.31
N VAL C 280 8.31 11.83 0.86
CA VAL C 280 7.42 12.64 0.03
C VAL C 280 8.13 13.91 -0.43
N LYS C 281 9.03 14.47 0.39
CA LYS C 281 9.86 15.58 -0.05
C LYS C 281 10.88 15.13 -1.10
N LEU C 282 11.51 13.97 -0.87
CA LEU C 282 12.50 13.45 -1.82
C LEU C 282 11.86 13.25 -3.19
N LEU C 283 10.72 12.54 -3.22
CA LEU C 283 9.94 12.40 -4.46
C LEU C 283 9.66 13.77 -5.09
N PHE C 284 9.16 14.72 -4.30
CA PHE C 284 8.79 16.04 -4.81
C PHE C 284 9.94 16.69 -5.54
N GLN C 285 11.14 16.69 -4.94
CA GLN C 285 12.29 17.33 -5.58
C GLN C 285 12.76 16.56 -6.81
N PHE C 286 12.65 15.22 -6.79
CA PHE C 286 12.86 14.44 -8.00
C PHE C 286 11.96 14.93 -9.13
N ALA C 287 10.67 15.16 -8.82
CA ALA C 287 9.69 15.66 -9.79
C ALA C 287 9.99 17.09 -10.24
N GLN C 288 10.58 17.93 -9.37
CA GLN C 288 10.98 19.28 -9.79
C GLN C 288 12.13 19.25 -10.80
N HIS C 289 13.18 18.47 -10.55
CA HIS C 289 14.22 18.37 -11.59
C HIS C 289 13.67 17.69 -12.85
N CYS C 290 12.75 16.75 -12.68
CA CYS C 290 12.08 16.18 -13.84
C CYS C 290 11.40 17.27 -14.67
N GLU C 291 10.61 18.13 -14.01
CA GLU C 291 9.90 19.22 -14.69
C GLU C 291 10.85 20.23 -15.33
N LYS C 292 12.08 20.39 -14.78
CA LYS C 292 13.07 21.29 -15.40
C LYS C 292 13.60 20.74 -16.71
N GLN C 293 13.63 19.43 -16.87
CA GLN C 293 13.97 18.87 -18.17
C GLN C 293 12.66 18.70 -18.94
N ARG C 294 12.70 18.13 -20.13
CA ARG C 294 11.47 18.04 -20.89
C ARG C 294 10.66 16.81 -20.57
N ASP C 295 10.96 16.12 -19.46
CA ASP C 295 10.19 14.95 -19.08
C ASP C 295 9.05 15.40 -18.17
N PHE C 296 7.88 15.66 -18.76
CA PHE C 296 6.67 16.06 -18.04
C PHE C 296 5.85 14.84 -17.62
N ASP C 297 5.90 13.77 -18.43
CA ASP C 297 5.12 12.57 -18.17
C ASP C 297 5.55 11.87 -16.88
N LEU C 298 6.86 11.86 -16.60
CA LEU C 298 7.37 11.24 -15.37
C LEU C 298 7.15 12.12 -14.17
N ALA C 299 7.28 13.43 -14.34
CA ALA C 299 6.99 14.37 -13.25
C ALA C 299 5.60 14.11 -12.69
N GLN C 300 4.59 14.02 -13.57
CA GLN C 300 3.25 13.68 -13.12
C GLN C 300 3.26 12.39 -12.29
N ARG C 301 3.89 11.33 -12.83
CA ARG C 301 3.87 10.03 -12.14
C ARG C 301 4.45 10.12 -10.74
N LEU C 302 5.45 11.00 -10.53
CA LEU C 302 6.03 11.15 -9.20
C LEU C 302 5.14 11.99 -8.25
N TYR C 303 4.64 13.14 -8.72
CA TYR C 303 3.75 13.98 -7.90
C TYR C 303 2.52 13.18 -7.45
N ARG C 304 2.00 12.31 -8.33
CA ARG C 304 0.82 11.51 -8.03
C ARG C 304 1.05 10.59 -6.84
N GLN C 305 2.27 10.07 -6.70
CA GLN C 305 2.59 9.22 -5.57
C GLN C 305 3.24 9.98 -4.42
N SER C 306 3.30 11.31 -4.48
CA SER C 306 3.77 12.15 -3.38
C SER C 306 2.63 12.84 -2.67
N SER C 307 2.58 12.69 -1.34
CA SER C 307 1.61 13.37 -0.49
C SER C 307 2.10 14.72 0.00
N HIS C 308 3.27 15.16 -0.48
CA HIS C 308 3.82 16.43 -0.05
C HIS C 308 2.85 17.57 -0.38
N PRO C 309 2.82 18.62 0.44
CA PRO C 309 1.91 19.74 0.18
C PRO C 309 2.24 20.43 -1.13
N GLY C 310 1.21 20.66 -1.94
CA GLY C 310 1.40 21.23 -3.26
C GLY C 310 1.82 20.24 -4.34
N ALA C 311 1.85 18.95 -4.04
CA ALA C 311 2.08 17.97 -5.10
C ALA C 311 0.86 17.88 -6.02
N ARG C 312 -0.34 17.87 -5.43
CA ARG C 312 -1.59 17.82 -6.22
C ARG C 312 -1.63 18.91 -7.28
N LEU C 313 -1.20 20.12 -6.92
CA LEU C 313 -1.16 21.24 -7.87
C LEU C 313 -0.08 21.05 -8.94
N ARG C 314 1.13 20.69 -8.52
CA ARG C 314 2.20 20.50 -9.50
C ARG C 314 1.90 19.38 -10.47
N ALA C 315 1.11 18.39 -10.06
CA ALA C 315 0.70 17.35 -10.99
C ALA C 315 -0.25 17.92 -12.04
N ILE C 316 -1.20 18.77 -11.62
CA ILE C 316 -2.08 19.44 -12.57
C ILE C 316 -1.28 20.24 -13.58
N ARG C 317 -0.32 21.04 -13.08
CA ARG C 317 0.54 21.84 -13.97
C ARG C 317 1.44 20.94 -14.82
N SER C 318 1.80 19.77 -14.30
CA SER C 318 2.55 18.79 -15.06
C SER C 318 1.72 18.20 -16.19
N LEU C 319 0.51 17.76 -15.85
CA LEU C 319 -0.43 17.26 -16.85
C LEU C 319 -0.72 18.32 -17.91
N GLU C 320 -0.91 19.58 -17.51
CA GLU C 320 -1.11 20.66 -18.49
C GLU C 320 0.11 20.83 -19.40
N ARG C 321 1.31 20.76 -18.81
CA ARG C 321 2.55 20.91 -19.57
C ARG C 321 2.87 19.73 -20.47
N GLY C 322 2.39 18.54 -20.13
CA GLY C 322 2.51 17.39 -21.00
C GLY C 322 1.35 17.28 -21.96
N GLU C 323 0.61 18.36 -22.16
CA GLU C 323 -0.53 18.39 -23.08
C GLU C 323 -1.59 17.35 -22.75
N ARG C 324 -1.71 16.88 -21.52
CA ARG C 324 -2.89 16.08 -21.18
C ARG C 324 -3.85 17.00 -20.44
N PHE C 325 -4.79 17.57 -21.19
CA PHE C 325 -5.66 18.57 -20.60
C PHE C 325 -6.82 17.89 -19.89
N ALA C 326 -7.27 16.76 -20.44
CA ALA C 326 -8.33 15.96 -19.82
C ALA C 326 -7.91 15.53 -18.43
N GLU C 327 -6.70 14.98 -18.28
CA GLU C 327 -6.26 14.59 -16.96
C GLU C 327 -6.07 15.81 -16.07
N ALA C 328 -5.44 16.87 -16.61
CA ALA C 328 -5.28 18.09 -15.83
C ALA C 328 -6.63 18.62 -15.35
N HIS C 329 -7.59 18.79 -16.27
CA HIS C 329 -8.92 19.25 -15.87
C HIS C 329 -9.61 18.23 -14.98
N ALA C 330 -9.48 16.93 -15.27
CA ALA C 330 -10.10 15.94 -14.39
C ALA C 330 -9.45 15.96 -13.01
N LEU C 331 -8.14 16.11 -12.96
CA LEU C 331 -7.48 16.22 -11.66
C LEU C 331 -7.84 17.52 -10.96
N ALA C 332 -7.87 18.64 -11.71
CA ALA C 332 -8.14 19.94 -11.10
C ALA C 332 -9.52 19.96 -10.45
N ARG C 333 -10.52 19.34 -11.11
CA ARG C 333 -11.85 19.25 -10.52
C ARG C 333 -11.88 18.42 -9.25
N GLU C 334 -11.21 17.25 -9.25
CA GLU C 334 -11.12 16.47 -8.01
C GLU C 334 -10.45 17.28 -6.90
N ALA C 335 -9.43 18.06 -7.27
CA ALA C 335 -8.71 18.87 -6.30
C ALA C 335 -9.56 20.02 -5.74
N SER C 336 -10.39 20.66 -6.57
CA SER C 336 -11.15 21.81 -6.06
C SER C 336 -12.29 21.40 -5.14
N CYS C 337 -12.65 20.11 -5.08
CA CYS C 337 -13.68 19.66 -4.15
C CYS C 337 -13.15 19.58 -2.71
N ALA C 338 -11.90 19.18 -2.51
CA ALA C 338 -11.31 19.05 -1.17
C ALA C 338 -9.87 19.52 -1.17
N PRO C 339 -9.62 20.83 -1.15
CA PRO C 339 -8.26 21.37 -1.37
C PRO C 339 -7.30 21.23 -0.19
N GLU C 340 -6.02 21.14 -0.52
CA GLU C 340 -4.98 20.94 0.48
C GLU C 340 -4.80 22.14 1.40
N SER C 341 -5.04 23.34 0.91
CA SER C 341 -4.55 24.56 1.56
C SER C 341 -5.12 25.79 0.86
N ASP C 342 -4.81 26.97 1.42
CA ASP C 342 -5.23 28.23 0.81
C ASP C 342 -4.59 28.47 -0.55
N ALA C 343 -3.35 28.03 -0.76
CA ALA C 343 -2.71 28.30 -2.05
C ALA C 343 -3.25 27.38 -3.15
N GLU C 344 -3.57 26.12 -2.84
CA GLU C 344 -4.13 25.25 -3.87
C GLU C 344 -5.48 25.76 -4.30
N ARG C 345 -6.25 26.30 -3.34
CA ARG C 345 -7.47 27.04 -3.65
C ARG C 345 -7.19 28.18 -4.61
N GLN C 346 -6.08 28.88 -4.42
CA GLN C 346 -5.69 30.08 -5.15
C GLN C 346 -5.07 29.79 -6.51
N GLY C 347 -4.22 28.75 -6.59
CA GLY C 347 -3.59 28.32 -7.82
C GLY C 347 -4.53 27.54 -8.71
N LEU C 348 -5.40 26.73 -8.11
CA LEU C 348 -6.46 26.10 -8.89
C LEU C 348 -7.28 27.17 -9.60
N ALA C 349 -7.38 28.35 -9.02
CA ALA C 349 -8.17 29.42 -9.62
C ALA C 349 -7.59 29.95 -10.93
N ARG C 350 -6.31 29.72 -11.20
CA ARG C 350 -5.67 30.03 -12.48
C ARG C 350 -5.80 28.91 -13.52
N LEU C 351 -5.64 27.65 -13.10
CA LEU C 351 -5.61 26.50 -14.01
C LEU C 351 -6.99 26.09 -14.50
N LEU C 352 -7.96 25.96 -13.57
CA LEU C 352 -9.30 25.46 -13.87
C LEU C 352 -10.03 26.24 -14.96
N PRO C 353 -10.18 27.57 -14.89
CA PRO C 353 -10.87 28.25 -16.01
C PRO C 353 -10.08 28.17 -17.30
N ARG C 354 -8.74 28.13 -17.24
CA ARG C 354 -7.92 28.00 -18.45
C ARG C 354 -8.08 26.62 -19.07
N LEU C 355 -7.98 25.57 -18.24
CA LEU C 355 -8.13 24.20 -18.73
C LEU C 355 -9.55 23.96 -19.26
N GLN C 356 -10.57 24.43 -18.53
CA GLN C 356 -11.94 24.40 -19.06
C GLN C 356 -12.04 25.16 -20.38
N GLY C 357 -11.12 26.10 -20.63
CA GLY C 357 -11.08 26.76 -21.93
C GLY C 357 -10.69 25.82 -23.07
N LYS C 358 -9.60 25.07 -22.88
CA LYS C 358 -9.14 24.12 -23.87
C LYS C 358 -10.08 22.94 -24.04
N LEU C 359 -10.99 22.75 -23.09
CA LEU C 359 -12.06 21.77 -23.23
C LEU C 359 -13.37 22.40 -23.70
N GLY C 360 -13.44 23.72 -23.82
CA GLY C 360 -14.68 24.37 -24.22
C GLY C 360 -15.75 24.44 -23.16
N LEU C 361 -15.41 24.15 -21.92
CA LEU C 361 -16.40 24.16 -20.86
C LEU C 361 -16.61 25.60 -20.44
N PRO C 362 -17.69 25.91 -19.73
CA PRO C 362 -17.84 27.29 -19.27
C PRO C 362 -16.62 27.71 -18.46
N ARG C 363 -16.09 28.87 -18.79
CA ARG C 363 -14.93 29.37 -18.07
C ARG C 363 -15.40 29.83 -16.71
N GLN C 364 -14.63 29.51 -15.67
CA GLN C 364 -14.97 29.95 -14.32
C GLN C 364 -14.70 31.43 -14.11
N ALA C 365 -15.06 31.89 -12.90
CA ALA C 365 -14.90 33.29 -12.53
C ALA C 365 -13.43 33.63 -12.34
N ARG C 366 -12.92 34.56 -13.16
CA ARG C 366 -11.50 34.89 -13.09
C ARG C 366 -11.19 35.67 -11.80
N ALA C 367 -9.90 35.88 -11.57
CA ALA C 367 -9.39 36.43 -10.33
C ALA C 367 -9.42 37.96 -10.31
N ALA C 368 -9.99 38.54 -9.25
CA ALA C 368 -9.85 39.96 -8.94
C ALA C 368 -9.67 40.10 -7.44
N ALA C 369 -8.70 40.93 -7.00
CA ALA C 369 -8.43 41.03 -5.56
C ALA C 369 -9.61 41.70 -4.87
N PRO C 370 -9.98 41.25 -3.66
CA PRO C 370 -11.27 41.71 -3.08
C PRO C 370 -11.24 43.20 -2.88
N GLU C 371 -10.19 43.68 -2.24
CA GLU C 371 -9.95 45.10 -2.06
C GLU C 371 -8.47 45.34 -2.33
N ILE C 372 -8.18 46.05 -3.42
CA ILE C 372 -6.81 46.37 -3.77
C ILE C 372 -6.56 47.69 -3.05
N ASP C 373 -5.75 47.66 -2.00
CA ASP C 373 -5.45 48.89 -1.29
C ASP C 373 -4.11 49.37 -1.80
N ARG C 374 -4.13 50.43 -2.60
CA ARG C 374 -2.98 50.77 -3.41
C ARG C 374 -2.62 52.23 -3.21
N LEU C 375 -1.31 52.44 -3.13
CA LEU C 375 -0.66 53.73 -2.90
C LEU C 375 0.37 53.85 -3.99
N ASP C 376 0.27 54.89 -4.80
CA ASP C 376 1.18 55.04 -5.91
C ASP C 376 2.17 56.14 -5.57
N LEU C 377 3.45 55.88 -5.81
CA LEU C 377 4.49 56.86 -5.56
C LEU C 377 5.27 57.04 -6.85
N CYS C 378 5.44 58.29 -7.23
CA CYS C 378 6.31 58.66 -8.33
C CYS C 378 7.54 59.19 -7.62
N LEU C 379 8.63 58.47 -7.72
CA LEU C 379 9.80 58.74 -6.91
C LEU C 379 10.88 59.37 -7.76
N ALA C 380 11.74 60.13 -7.09
CA ALA C 380 12.89 60.69 -7.79
C ALA C 380 13.69 59.55 -8.38
N PHE C 381 14.43 59.85 -9.45
CA PHE C 381 15.09 58.81 -10.20
C PHE C 381 16.04 58.00 -9.31
N PRO C 382 16.42 56.79 -9.78
CA PRO C 382 17.48 56.01 -9.11
C PRO C 382 18.79 56.80 -9.10
N SER C 383 19.94 56.14 -9.24
CA SER C 383 21.26 56.75 -8.97
C SER C 383 21.57 56.91 -7.50
N GLU C 384 21.99 55.81 -6.86
CA GLU C 384 22.18 54.49 -7.52
C GLU C 384 21.57 53.37 -6.65
N PRO C 385 21.35 52.14 -7.21
CA PRO C 385 20.58 51.12 -6.43
C PRO C 385 21.30 50.58 -5.18
N CYS C 386 20.71 50.54 -3.95
CA CYS C 386 19.37 51.02 -3.47
C CYS C 386 18.06 50.36 -3.94
N SER C 387 17.68 49.27 -3.27
CA SER C 387 16.40 48.60 -3.56
C SER C 387 15.20 49.52 -3.28
N VAL C 388 14.10 49.25 -3.98
CA VAL C 388 12.93 50.14 -3.96
C VAL C 388 12.34 50.24 -2.56
N GLU C 389 12.45 49.18 -1.75
CA GLU C 389 11.82 49.17 -0.45
C GLU C 389 12.39 50.26 0.45
N TRP C 390 13.73 50.32 0.54
CA TRP C 390 14.38 51.33 1.38
C TRP C 390 14.00 52.74 0.95
N ALA C 391 13.86 52.93 -0.37
CA ALA C 391 13.52 54.26 -0.88
C ALA C 391 12.14 54.67 -0.44
N VAL C 392 11.16 53.75 -0.53
CA VAL C 392 9.83 54.04 0.01
C VAL C 392 9.89 54.23 1.52
N ARG C 393 10.89 53.63 2.18
CA ARG C 393 11.03 53.81 3.62
C ARG C 393 11.47 55.21 3.98
N GLU C 394 12.41 55.78 3.22
CA GLU C 394 12.86 57.15 3.49
C GLU C 394 11.80 58.20 3.13
N HIS C 395 11.04 57.98 2.05
CA HIS C 395 10.01 58.95 1.68
C HIS C 395 8.90 59.01 2.72
N LEU C 396 8.34 57.84 3.08
CA LEU C 396 7.25 57.78 4.04
C LEU C 396 7.69 58.19 5.45
N GLU C 397 8.99 58.35 5.69
CA GLU C 397 9.48 58.78 6.98
C GLU C 397 9.50 60.30 7.03
N GLU C 398 9.10 60.86 8.18
CA GLU C 398 8.75 62.28 8.28
C GLU C 398 8.57 62.70 9.73
N PRO C 399 8.17 63.98 10.02
CA PRO C 399 8.12 64.43 11.42
C PRO C 399 7.09 63.70 12.25
N GLY C 400 7.46 62.54 12.79
CA GLY C 400 6.58 61.84 13.68
C GLY C 400 6.10 60.52 13.14
N CYS C 401 6.43 60.18 11.91
CA CYS C 401 6.18 58.83 11.41
C CYS C 401 7.52 58.11 11.29
N ALA C 402 7.66 57.00 12.01
CA ALA C 402 8.87 56.20 11.97
C ALA C 402 8.55 54.96 11.17
N VAL C 403 9.44 54.56 10.30
CA VAL C 403 9.16 53.44 9.42
C VAL C 403 10.30 52.44 9.50
N HIS C 404 9.95 51.15 9.41
CA HIS C 404 10.94 50.09 9.50
C HIS C 404 10.81 49.13 8.33
N TYR C 405 11.95 48.56 7.88
CA TYR C 405 11.98 47.46 6.92
C TYR C 405 12.04 46.21 7.76
N VAL C 406 10.91 45.49 7.85
CA VAL C 406 10.79 44.18 8.46
C VAL C 406 9.85 43.37 7.58
N GLU C 407 10.33 42.27 7.00
CA GLU C 407 9.48 41.41 6.17
C GLU C 407 9.32 40.14 6.98
N ASN C 408 8.14 40.00 7.58
CA ASN C 408 7.74 38.89 8.45
C ASN C 408 8.70 38.79 9.64
N GLY C 409 9.68 39.69 9.70
CA GLY C 409 10.55 39.72 10.86
C GLY C 409 9.84 40.14 12.13
N LEU C 410 8.90 41.08 12.04
CA LEU C 410 8.33 41.69 13.25
C LEU C 410 7.25 40.82 13.90
N ILE C 411 6.37 40.24 13.10
CA ILE C 411 5.27 39.48 13.68
C ILE C 411 5.77 38.15 14.22
N ASN C 412 6.61 37.46 13.43
CA ASN C 412 7.28 36.25 13.89
C ASN C 412 7.92 36.45 15.25
N SER C 413 8.58 37.61 15.43
CA SER C 413 9.34 37.89 16.65
C SER C 413 8.43 38.07 17.86
N LEU C 414 7.41 38.94 17.73
CA LEU C 414 6.48 39.12 18.86
C LEU C 414 5.84 37.80 19.23
N PHE C 415 5.43 37.02 18.23
CA PHE C 415 4.86 35.70 18.49
C PHE C 415 5.82 34.83 19.29
N GLY C 416 7.07 34.77 18.86
CA GLY C 416 8.02 33.95 19.58
C GLY C 416 8.22 34.42 20.99
N LEU C 417 8.13 35.73 21.23
CA LEU C 417 8.39 36.24 22.57
C LEU C 417 7.24 35.96 23.55
N LEU C 418 5.98 36.26 23.17
CA LEU C 418 4.87 36.03 24.10
C LEU C 418 4.71 34.54 24.42
N CYS C 419 4.83 33.70 23.38
CA CYS C 419 4.59 32.26 23.38
C CYS C 419 5.86 31.44 23.61
N TRP C 420 6.94 32.10 24.04
CA TRP C 420 8.23 31.43 24.23
C TRP C 420 8.11 30.12 25.01
N GLU C 421 7.47 30.16 26.18
CA GLU C 421 7.43 28.97 27.02
C GLU C 421 6.61 27.84 26.40
N ALA C 422 5.68 28.15 25.50
CA ALA C 422 4.88 27.11 24.84
C ALA C 422 5.68 26.43 23.76
N ILE C 423 6.57 27.18 23.12
CA ILE C 423 7.38 26.68 22.02
C ILE C 423 8.49 25.76 22.52
N PHE C 424 9.17 26.16 23.59
CA PHE C 424 10.26 25.41 24.19
C PHE C 424 9.80 24.48 25.31
N ALA C 425 8.50 24.24 25.42
CA ALA C 425 7.94 23.31 26.39
C ALA C 425 8.53 21.92 26.25
N ALA C 426 8.49 21.18 27.37
CA ALA C 426 9.23 19.97 27.70
C ALA C 426 8.58 18.67 27.18
N ILE C 427 7.68 18.74 26.19
CA ILE C 427 7.03 17.56 25.61
C ILE C 427 8.06 16.46 25.36
N PRO C 428 7.80 15.22 25.80
CA PRO C 428 8.81 14.16 25.66
C PRO C 428 9.16 13.94 24.21
N GLY C 429 10.45 13.78 23.95
CA GLY C 429 10.93 13.63 22.59
C GLY C 429 10.88 14.88 21.74
N ALA C 430 10.46 16.02 22.29
CA ALA C 430 10.53 17.25 21.53
C ALA C 430 11.94 17.85 21.55
N PHE C 431 12.74 17.54 22.57
CA PHE C 431 14.14 17.92 22.62
C PHE C 431 14.93 16.73 23.14
N PHE C 432 15.83 16.16 22.32
CA PHE C 432 16.71 15.11 22.80
C PHE C 432 18.18 15.51 22.98
N HIS C 433 18.57 16.73 22.68
CA HIS C 433 19.95 17.16 22.87
C HIS C 433 19.98 18.66 23.12
N PRO C 434 21.14 19.22 23.49
CA PRO C 434 21.19 20.66 23.83
C PRO C 434 21.07 21.61 22.64
N PHE C 435 21.24 21.14 21.42
CA PHE C 435 21.48 21.99 20.26
C PHE C 435 20.22 22.28 19.44
N HIS C 436 19.05 22.04 19.98
CA HIS C 436 17.84 22.41 19.24
C HIS C 436 17.62 23.91 19.25
N SER C 437 17.55 24.46 18.06
CA SER C 437 17.14 25.84 17.87
C SER C 437 15.65 25.98 17.98
N ALA C 438 14.92 24.90 17.70
CA ALA C 438 13.47 24.83 17.79
C ALA C 438 13.08 23.41 18.18
N PRO C 439 11.89 23.22 18.77
CA PRO C 439 11.42 21.85 19.07
C PRO C 439 11.38 20.98 17.83
N ALA C 440 11.53 19.66 18.03
CA ALA C 440 11.60 18.76 16.89
C ALA C 440 10.24 18.59 16.22
N ASP C 441 9.15 18.82 16.95
CA ASP C 441 7.80 18.64 16.44
C ASP C 441 7.20 19.91 15.83
N LEU C 442 8.00 20.96 15.61
CA LEU C 442 7.44 22.25 15.19
C LEU C 442 6.51 22.11 13.99
N HIS C 443 6.89 21.32 12.99
CA HIS C 443 6.05 21.26 11.81
C HIS C 443 4.97 20.21 11.91
N SER C 444 4.92 19.45 13.00
CA SER C 444 3.89 18.43 13.14
C SER C 444 2.51 19.09 13.20
N ALA C 445 1.51 18.35 12.74
CA ALA C 445 0.17 18.91 12.66
C ALA C 445 -0.44 19.08 14.04
N ASP C 446 -0.11 18.20 15.01
CA ASP C 446 -0.70 18.27 16.34
C ASP C 446 0.11 19.13 17.28
N PHE C 447 1.15 19.80 16.76
CA PHE C 447 1.98 20.66 17.57
C PHE C 447 1.14 21.63 18.43
N ARG C 448 0.07 22.21 17.87
CA ARG C 448 -0.82 23.04 18.70
C ARG C 448 -1.48 22.19 19.78
N GLN C 449 -2.05 21.06 19.38
CA GLN C 449 -2.82 20.24 20.31
C GLN C 449 -1.95 19.73 21.45
N ARG C 450 -0.70 19.34 21.17
CA ARG C 450 0.17 18.88 22.24
C ARG C 450 0.34 19.96 23.31
N ARG C 451 0.46 21.21 22.89
CA ARG C 451 0.71 22.32 23.78
C ARG C 451 -0.53 23.16 24.07
N ALA C 452 -1.72 22.75 23.59
CA ALA C 452 -2.91 23.61 23.61
C ALA C 452 -3.13 24.26 24.98
N ALA C 453 -2.62 23.65 26.04
CA ALA C 453 -2.58 24.28 27.35
C ALA C 453 -1.82 25.61 27.32
N LEU C 454 -0.51 25.56 27.06
CA LEU C 454 0.35 26.74 27.20
C LEU C 454 0.03 27.81 26.17
N PHE C 455 -0.47 27.43 24.98
CA PHE C 455 -0.71 28.43 23.95
C PHE C 455 -1.93 29.29 24.27
N GLU C 456 -3.02 28.68 24.73
CA GLU C 456 -4.13 29.49 25.23
C GLU C 456 -3.71 30.24 26.49
N ALA C 457 -2.70 29.75 27.22
CA ALA C 457 -2.24 30.43 28.43
C ALA C 457 -1.47 31.71 28.10
N CYS C 458 -0.52 31.63 27.16
CA CYS C 458 0.20 32.83 26.74
C CYS C 458 -0.69 33.80 25.96
N LEU C 459 -1.41 33.29 24.95
CA LEU C 459 -2.34 34.14 24.20
C LEU C 459 -3.39 34.77 25.11
N GLY C 460 -3.65 34.17 26.26
CA GLY C 460 -4.47 34.82 27.27
C GLY C 460 -3.89 36.14 27.76
N ARG C 461 -2.55 36.23 27.82
CA ARG C 461 -1.93 37.47 28.28
C ARG C 461 -2.28 38.66 27.39
N LEU C 462 -2.81 38.42 26.19
CA LEU C 462 -3.19 39.50 25.29
C LEU C 462 -4.48 40.17 25.71
N GLU C 463 -5.37 39.42 26.34
CA GLU C 463 -6.71 39.85 26.66
C GLU C 463 -6.78 40.64 27.98
N ASP C 464 -6.07 40.22 29.03
CA ASP C 464 -5.71 41.12 30.12
C ASP C 464 -4.52 41.94 29.63
N GLY C 465 -3.88 42.73 30.50
CA GLY C 465 -2.77 43.56 30.02
C GLY C 465 -1.42 42.87 29.88
N SER C 466 -1.33 41.63 30.36
CA SER C 466 -0.06 40.99 30.70
C SER C 466 0.85 40.73 29.52
N TYR C 467 0.42 40.96 28.27
CA TYR C 467 1.30 40.59 27.15
C TYR C 467 2.50 41.51 27.04
N ARG C 468 2.29 42.82 27.21
CA ARG C 468 3.39 43.80 27.07
C ARG C 468 4.46 43.54 28.11
N ASP C 469 4.04 43.44 29.36
CA ASP C 469 4.98 43.09 30.40
C ASP C 469 5.60 41.72 30.10
N ALA C 470 4.83 40.83 29.48
CA ALA C 470 5.34 39.48 29.20
C ALA C 470 6.38 39.47 28.09
N ILE C 471 6.22 40.30 27.06
CA ILE C 471 7.16 40.24 25.97
C ILE C 471 8.47 40.92 26.32
N ARG C 472 8.41 42.07 26.99
CA ARG C 472 9.65 42.71 27.42
C ARG C 472 10.41 41.87 28.42
N CYS C 473 9.72 41.02 29.20
CA CYS C 473 10.42 40.10 30.09
C CYS C 473 11.14 39.02 29.30
N ARG C 474 10.45 38.36 28.38
CA ARG C 474 11.15 37.38 27.57
C ARG C 474 12.26 38.00 26.72
N TYR C 475 12.14 39.28 26.32
CA TYR C 475 13.17 39.91 25.48
C TYR C 475 14.46 40.18 26.26
N ARG C 476 14.38 40.78 27.45
CA ARG C 476 15.60 40.98 28.22
C ARG C 476 16.25 39.65 28.56
N ASP C 477 15.44 38.64 28.90
CA ASP C 477 15.95 37.37 29.39
C ASP C 477 16.55 36.52 28.28
N LYS C 478 15.81 36.36 27.19
CA LYS C 478 16.16 35.42 26.13
C LYS C 478 16.96 36.06 24.98
N PHE C 479 17.38 37.32 25.13
CA PHE C 479 17.98 38.10 24.05
C PHE C 479 19.09 37.30 23.40
N GLY C 480 18.96 37.07 22.09
CA GLY C 480 20.00 36.39 21.35
C GLY C 480 19.88 34.88 21.24
N LEU C 481 19.06 34.24 22.06
CA LEU C 481 18.99 32.80 22.04
C LEU C 481 18.53 32.33 20.67
N GLN C 482 19.08 31.21 20.22
CA GLN C 482 18.64 30.71 18.92
C GLN C 482 17.23 30.17 19.04
N SER C 483 16.37 30.62 18.13
CA SER C 483 14.95 30.36 18.18
C SER C 483 14.42 30.22 16.76
N PRO C 484 13.26 29.57 16.59
CA PRO C 484 12.63 29.55 15.27
C PRO C 484 12.00 30.87 14.86
N PHE C 485 11.36 31.57 15.78
CA PHE C 485 10.55 32.71 15.33
C PHE C 485 11.08 34.09 15.64
N VAL C 486 12.13 34.24 16.44
CA VAL C 486 12.45 35.56 16.93
C VAL C 486 13.73 35.99 16.27
N TYR C 487 13.63 37.03 15.48
CA TYR C 487 14.75 37.52 14.70
C TYR C 487 15.35 38.67 15.52
N TRP C 488 16.44 38.36 16.22
CA TRP C 488 17.00 39.30 17.18
C TRP C 488 17.71 40.44 16.49
N GLU C 489 18.31 40.19 15.34
CA GLU C 489 18.90 41.29 14.59
C GLU C 489 17.88 42.42 14.37
N LEU C 490 16.67 42.06 13.95
CA LEU C 490 15.76 43.07 13.42
C LEU C 490 15.17 43.92 14.51
N LEU C 491 14.91 43.33 15.68
CA LEU C 491 14.03 43.92 16.68
C LEU C 491 14.92 44.64 17.68
N GLY C 492 15.07 45.93 17.48
CA GLY C 492 15.86 46.70 18.39
C GLY C 492 15.02 47.10 19.56
N GLU C 493 15.68 47.64 20.58
CA GLU C 493 14.92 48.11 21.72
C GLU C 493 13.96 49.22 21.29
N GLU C 494 14.37 50.06 20.35
CA GLU C 494 13.51 51.11 19.84
C GLU C 494 12.32 50.55 19.07
N LEU C 495 12.52 49.56 18.18
CA LEU C 495 11.41 48.98 17.41
C LEU C 495 10.44 48.18 18.29
N LEU C 496 10.95 47.40 19.25
CA LEU C 496 10.04 46.60 20.06
C LEU C 496 9.07 47.49 20.81
N GLU C 497 9.60 48.52 21.48
CA GLU C 497 8.73 49.41 22.24
C GLU C 497 7.90 50.31 21.33
N GLN C 498 8.34 50.59 20.10
CA GLN C 498 7.44 51.26 19.15
C GLN C 498 6.23 50.39 18.80
N ALA C 499 6.48 49.12 18.46
CA ALA C 499 5.36 48.26 18.06
C ALA C 499 4.42 48.02 19.22
N LEU C 500 4.97 47.84 20.42
CA LEU C 500 4.14 47.46 21.56
C LEU C 500 3.07 48.51 21.85
N ASP C 501 3.33 49.77 21.54
CA ASP C 501 2.30 50.77 21.76
C ASP C 501 1.36 51.01 20.59
N CYS C 502 1.73 50.70 19.34
CA CYS C 502 0.80 50.88 18.24
C CYS C 502 0.16 49.63 17.65
N LEU C 503 0.51 48.41 18.08
CA LEU C 503 -0.16 47.26 17.49
C LEU C 503 -1.30 46.81 18.40
N PRO C 504 -2.54 46.84 17.91
CA PRO C 504 -3.70 46.50 18.75
C PRO C 504 -3.64 45.09 19.28
N ALA C 505 -4.16 44.94 20.51
CA ALA C 505 -4.20 43.62 21.14
C ALA C 505 -4.94 42.62 20.27
N ALA C 506 -6.07 43.03 19.67
CA ALA C 506 -6.90 42.13 18.91
C ALA C 506 -6.22 41.67 17.61
N HIS C 507 -5.48 42.57 16.96
CA HIS C 507 -4.79 42.21 15.72
C HIS C 507 -3.65 41.25 16.02
N LEU C 508 -2.99 41.45 17.17
CA LEU C 508 -1.94 40.53 17.58
C LEU C 508 -2.50 39.13 17.79
N ARG C 509 -3.62 39.02 18.52
CA ARG C 509 -4.22 37.71 18.70
C ARG C 509 -4.60 37.11 17.35
N ALA C 510 -5.19 37.91 16.46
CA ALA C 510 -5.57 37.40 15.15
C ALA C 510 -4.36 36.80 14.43
N TRP C 511 -3.26 37.57 14.35
CA TRP C 511 -2.07 37.11 13.61
C TRP C 511 -1.48 35.84 14.23
N PHE C 512 -1.40 35.78 15.56
CA PHE C 512 -0.79 34.60 16.18
C PHE C 512 -1.65 33.37 15.96
N GLU C 513 -2.97 33.57 15.93
CA GLU C 513 -3.89 32.47 15.65
C GLU C 513 -3.68 31.96 14.21
N ARG C 514 -3.51 32.90 13.24
CA ARG C 514 -3.26 32.51 11.86
C ARG C 514 -1.88 31.85 11.70
N LEU C 515 -0.89 32.28 12.49
CA LEU C 515 0.43 31.65 12.46
C LEU C 515 0.36 30.21 12.92
N LEU C 516 -0.38 29.94 14.01
CA LEU C 516 -0.45 28.58 14.53
C LEU C 516 -1.23 27.62 13.64
N GLU C 517 -2.19 28.08 12.84
CA GLU C 517 -3.01 27.07 12.14
C GLU C 517 -2.20 26.33 11.07
N ASP C 518 -1.37 27.03 10.28
CA ASP C 518 -0.37 26.34 9.46
C ASP C 518 0.95 27.13 9.54
N ILE C 519 1.90 26.61 10.33
CA ILE C 519 3.15 27.33 10.64
C ILE C 519 4.11 27.46 9.46
N PRO C 520 4.42 26.38 8.74
CA PRO C 520 5.39 26.51 7.67
C PRO C 520 4.89 27.33 6.50
N GLY C 521 3.58 27.28 6.22
CA GLY C 521 3.08 28.02 5.08
C GLY C 521 2.77 29.46 5.37
N ASN C 522 2.49 29.79 6.63
CA ASN C 522 2.24 31.17 7.03
C ASN C 522 3.42 31.90 7.73
N ARG C 523 4.60 31.32 7.92
CA ARG C 523 5.58 32.17 8.59
C ARG C 523 6.24 33.17 7.64
N ALA C 524 5.84 33.16 6.38
CA ALA C 524 6.33 34.10 5.39
C ALA C 524 5.15 34.73 4.69
N GLY C 525 5.45 35.73 3.87
CA GLY C 525 4.43 36.42 3.13
C GLY C 525 4.17 37.82 3.61
N LEU C 526 4.77 38.20 4.73
CA LEU C 526 4.43 39.48 5.29
C LEU C 526 5.04 40.61 4.48
N PRO C 527 4.50 41.81 4.61
CA PRO C 527 4.97 42.92 3.78
C PRO C 527 6.33 43.42 4.20
N ASP C 528 6.97 44.16 3.27
CA ASP C 528 8.34 44.61 3.44
C ASP C 528 8.48 45.65 4.56
N LEU C 529 7.46 46.47 4.83
CA LEU C 529 7.58 47.63 5.71
C LEU C 529 6.45 47.68 6.74
N ILE C 530 6.73 48.41 7.83
CA ILE C 530 5.73 48.85 8.81
C ILE C 530 6.04 50.28 9.24
N GLN C 531 4.99 51.09 9.37
CA GLN C 531 5.11 52.46 9.87
C GLN C 531 4.22 52.70 11.08
N PHE C 532 4.74 53.45 12.04
CA PHE C 532 4.11 53.75 13.32
C PHE C 532 3.97 55.25 13.48
N TRP C 533 2.81 55.68 14.00
CA TRP C 533 2.56 57.07 14.38
C TRP C 533 2.36 57.05 15.88
N PRO C 534 3.43 57.17 16.67
CA PRO C 534 3.30 56.90 18.12
C PRO C 534 2.32 57.80 18.84
N ALA C 535 2.13 59.04 18.38
CA ALA C 535 1.09 59.89 18.98
C ALA C 535 -0.27 59.23 18.86
N GLN C 536 -0.48 58.47 17.79
CA GLN C 536 -1.63 57.62 17.60
C GLN C 536 -1.24 56.16 17.91
N ARG C 538 -2.10 55.22 14.35
CA ARG C 538 -1.88 53.88 14.87
C ARG C 538 -0.72 53.21 14.11
N TYR C 539 -0.99 52.36 13.12
CA TYR C 539 0.08 51.77 12.34
C TYR C 539 -0.43 51.47 10.94
N ARG C 540 0.51 51.18 10.03
CA ARG C 540 0.18 50.57 8.74
C ARG C 540 1.33 49.70 8.24
N MET C 541 1.00 48.51 7.71
CA MET C 541 1.98 47.63 7.07
C MET C 541 1.95 47.86 5.56
N VAL C 542 3.12 47.93 4.93
CA VAL C 542 3.23 48.34 3.53
C VAL C 542 4.16 47.39 2.77
N GLU C 543 3.65 46.74 1.72
CA GLU C 543 4.47 45.99 0.77
C GLU C 543 4.84 46.93 -0.36
N VAL C 544 6.13 46.98 -0.69
CA VAL C 544 6.65 47.86 -1.72
C VAL C 544 6.90 47.04 -2.98
N LYS C 545 6.46 47.56 -4.12
CA LYS C 545 6.70 46.90 -5.39
C LYS C 545 7.31 47.90 -6.35
N GLY C 546 8.51 47.61 -6.84
CA GLY C 546 9.03 48.39 -7.93
C GLY C 546 8.21 48.09 -9.16
N PRO C 547 8.43 48.80 -10.28
CA PRO C 547 7.65 48.49 -11.48
C PRO C 547 7.89 47.08 -11.96
N GLY C 548 8.99 46.45 -11.56
CA GLY C 548 9.37 45.13 -12.01
C GLY C 548 9.01 44.00 -11.06
N ASP C 549 8.06 44.22 -10.17
CA ASP C 549 7.52 43.13 -9.37
C ASP C 549 6.01 43.25 -9.29
N ARG C 550 5.33 42.10 -9.32
CA ARG C 550 3.93 42.00 -8.94
C ARG C 550 3.84 41.15 -7.67
N LEU C 551 2.64 41.07 -7.12
CA LEU C 551 2.45 40.40 -5.84
C LEU C 551 2.46 38.88 -5.96
N GLN C 552 3.28 38.24 -5.15
CA GLN C 552 3.37 36.80 -5.00
C GLN C 552 2.10 36.24 -4.34
N ASP C 553 1.90 34.92 -4.46
CA ASP C 553 0.66 34.31 -3.97
C ASP C 553 0.56 34.30 -2.43
N ASN C 554 1.64 33.98 -1.71
CA ASN C 554 1.55 33.97 -0.24
C ASN C 554 1.38 35.37 0.33
N GLN C 555 2.09 36.36 -0.25
CA GLN C 555 1.92 37.76 0.12
C GLN C 555 0.47 38.16 0.00
N LEU C 556 -0.15 37.80 -1.13
CA LEU C 556 -1.55 38.08 -1.37
C LEU C 556 -2.46 37.31 -0.39
N ARG C 557 -2.08 36.08 0.00
CA ARG C 557 -2.88 35.35 0.99
C ARG C 557 -2.95 36.13 2.30
N TRP C 558 -1.80 36.68 2.73
CA TRP C 558 -1.75 37.45 3.98
C TRP C 558 -2.48 38.77 3.88
N LEU C 559 -2.16 39.56 2.85
CA LEU C 559 -2.85 40.85 2.66
C LEU C 559 -4.36 40.65 2.69
N GLN C 560 -4.86 39.57 2.10
CA GLN C 560 -6.30 39.35 2.08
C GLN C 560 -6.85 39.04 3.47
N PHE C 561 -6.10 38.34 4.32
CA PHE C 561 -6.54 38.12 5.69
C PHE C 561 -6.72 39.42 6.47
N CYS C 562 -5.79 40.37 6.28
CA CYS C 562 -5.83 41.65 7.00
C CYS C 562 -7.02 42.51 6.57
N ARG C 563 -7.32 42.56 5.28
CA ARG C 563 -8.39 43.45 4.87
C ARG C 563 -9.73 42.89 5.33
N GLU C 564 -9.82 41.56 5.43
CA GLU C 564 -10.98 40.93 6.04
C GLU C 564 -11.07 41.27 7.53
N ARG C 565 -9.93 41.53 8.19
CA ARG C 565 -9.89 41.85 9.62
C ARG C 565 -9.99 43.36 9.91
N GLU C 566 -10.24 44.17 8.89
CA GLU C 566 -10.21 45.64 9.03
C GLU C 566 -8.92 46.08 9.70
N MET C 567 -7.83 45.52 9.25
CA MET C 567 -6.48 45.95 9.57
C MET C 567 -5.90 46.86 8.49
N PRO C 568 -5.18 47.88 8.90
CA PRO C 568 -4.60 48.83 7.93
C PRO C 568 -3.36 48.33 7.19
N VAL C 569 -3.58 47.64 6.06
CA VAL C 569 -2.49 47.28 5.14
C VAL C 569 -2.78 47.94 3.80
N ALA C 570 -1.69 48.25 3.07
CA ALA C 570 -1.74 48.81 1.70
C ALA C 570 -0.43 48.50 0.95
N VAL C 571 -0.51 48.50 -0.38
CA VAL C 571 0.65 48.21 -1.24
C VAL C 571 1.07 49.45 -2.01
N CYS C 572 2.36 49.78 -1.91
CA CYS C 572 2.95 50.98 -2.51
C CYS C 572 3.71 50.62 -3.78
N TYR C 573 3.17 51.05 -4.91
CA TYR C 573 3.75 50.83 -6.23
C TYR C 573 4.60 52.04 -6.61
N VAL C 574 5.84 51.79 -6.98
CA VAL C 574 6.80 52.85 -7.30
C VAL C 574 7.03 52.86 -8.80
N ARG C 575 6.92 54.04 -9.41
CA ARG C 575 7.35 54.29 -10.76
C ARG C 575 8.51 55.27 -10.71
N TRP C 576 9.34 55.25 -11.74
CA TRP C 576 10.46 56.17 -11.76
C TRP C 576 10.13 57.35 -12.67
N HIS C 577 10.70 58.49 -12.32
CA HIS C 577 10.49 59.74 -13.02
C HIS C 577 11.82 60.12 -13.67
N VAL C 578 11.89 60.04 -15.00
CA VAL C 578 13.11 60.32 -15.75
C VAL C 578 12.88 61.63 -16.51
N ASP C 579 13.57 62.68 -16.10
CA ASP C 579 13.34 64.03 -16.65
C ASP C 579 14.36 64.41 -17.73
CA CA M . -50.42 -2.54 0.75
CA CA N . -48.20 -4.31 4.07
CA CA O . 6.09 -17.65 -39.17
CA CA P . 8.98 -19.04 -37.20
CA CA Q . 8.83 44.28 -2.51
#